data_1JJG
#
_entry.id   1JJG
#
_cell.length_a   ?
_cell.length_b   ?
_cell.length_c   ?
_cell.angle_alpha   ?
_cell.angle_beta   ?
_cell.angle_gamma   ?
#
_entity_poly.entity_id   1
_entity_poly.type   'polypeptide(L)'
_entity_poly.pdbx_seq_one_letter_code
;MTVIKPSSRPRPRKNKNIKVNTYRTSAMDLSPGSVHEGIVYFKDGIFKVRLLGYEGHECILLDYLNYRQDTLDRLKERLV
GRVIKTRVVRADGLYVDLRRFF
;
_entity_poly.pdbx_strand_id   A
#
# COMPACT_ATOMS: atom_id res chain seq x y z
N MET A 1 31.47 -59.10 -10.58
CA MET A 1 31.62 -57.62 -10.48
C MET A 1 32.95 -57.29 -9.80
N THR A 2 34.03 -57.37 -10.51
CA THR A 2 35.35 -57.06 -9.90
C THR A 2 35.49 -55.55 -9.73
N VAL A 3 35.16 -55.04 -8.58
CA VAL A 3 35.28 -53.57 -8.36
C VAL A 3 36.72 -53.22 -7.97
N ILE A 4 37.38 -52.44 -8.77
CA ILE A 4 38.79 -52.07 -8.46
C ILE A 4 38.86 -50.58 -8.13
N LYS A 5 38.63 -49.73 -9.09
CA LYS A 5 38.68 -48.27 -8.84
C LYS A 5 37.31 -47.65 -9.15
N PRO A 6 36.43 -47.74 -8.18
CA PRO A 6 35.06 -47.20 -8.31
C PRO A 6 35.06 -45.68 -8.11
N SER A 7 34.27 -44.98 -8.88
CA SER A 7 34.23 -43.50 -8.73
C SER A 7 32.93 -43.10 -8.05
N SER A 8 32.99 -42.68 -6.81
CA SER A 8 31.74 -42.28 -6.09
C SER A 8 32.09 -41.34 -4.94
N ARG A 9 32.35 -40.09 -5.25
CA ARG A 9 32.68 -39.12 -4.17
C ARG A 9 31.40 -38.65 -3.49
N PRO A 10 31.52 -38.29 -2.24
CA PRO A 10 30.38 -37.81 -1.43
C PRO A 10 30.04 -36.36 -1.80
N ARG A 11 28.78 -36.04 -1.88
CA ARG A 11 28.40 -34.64 -2.22
C ARG A 11 27.04 -34.30 -1.59
N PRO A 12 27.04 -34.23 -0.28
CA PRO A 12 25.84 -33.90 0.49
C PRO A 12 25.56 -32.41 0.45
N ARG A 13 24.49 -32.00 -0.19
CA ARG A 13 24.18 -30.55 -0.28
C ARG A 13 22.66 -30.36 -0.29
N LYS A 14 22.01 -30.60 0.81
CA LYS A 14 20.52 -30.42 0.85
C LYS A 14 20.18 -28.96 1.13
N ASN A 15 18.98 -28.55 0.85
CA ASN A 15 18.60 -27.13 1.10
C ASN A 15 17.39 -27.09 2.03
N LYS A 16 17.48 -26.35 3.11
CA LYS A 16 16.35 -26.27 4.06
C LYS A 16 16.26 -24.85 4.64
N ASN A 17 15.20 -24.16 4.35
CA ASN A 17 15.06 -22.77 4.88
C ASN A 17 13.60 -22.35 4.82
N ILE A 18 12.83 -22.66 5.83
CA ILE A 18 11.39 -22.28 5.82
C ILE A 18 11.13 -21.18 6.86
N LYS A 19 12.04 -21.01 7.79
CA LYS A 19 11.85 -19.96 8.83
C LYS A 19 10.42 -20.05 9.38
N VAL A 20 10.23 -20.76 10.45
CA VAL A 20 8.87 -20.88 11.03
C VAL A 20 8.89 -20.45 12.50
N ASN A 21 8.53 -19.22 12.76
CA ASN A 21 8.53 -18.73 14.17
C ASN A 21 7.38 -17.76 14.38
N THR A 22 6.53 -18.03 15.35
CA THR A 22 5.38 -17.12 15.59
C THR A 22 4.93 -17.24 17.05
N TYR A 23 5.71 -16.72 17.96
CA TYR A 23 5.34 -16.81 19.40
C TYR A 23 4.27 -15.76 19.72
N ARG A 24 3.03 -16.13 19.70
CA ARG A 24 1.95 -15.14 20.00
C ARG A 24 1.98 -14.01 18.99
N THR A 25 1.25 -12.95 19.22
CA THR A 25 1.23 -11.82 18.27
C THR A 25 2.66 -11.48 17.85
N SER A 26 2.85 -11.13 16.61
CA SER A 26 4.22 -10.80 16.13
C SER A 26 4.14 -10.15 14.75
N ALA A 27 5.22 -9.62 14.26
CA ALA A 27 5.20 -8.97 12.92
C ALA A 27 4.49 -7.63 13.01
N MET A 28 4.89 -6.67 12.21
CA MET A 28 4.23 -5.34 12.27
C MET A 28 5.07 -4.34 11.46
N ASP A 29 4.43 -3.37 10.84
CA ASP A 29 5.20 -2.38 10.04
C ASP A 29 4.24 -1.39 9.38
N LEU A 30 4.60 -0.13 9.35
CA LEU A 30 3.72 0.89 8.72
C LEU A 30 4.58 2.02 8.16
N SER A 31 5.84 1.75 7.93
CA SER A 31 6.74 2.81 7.40
C SER A 31 6.42 3.07 5.92
N PRO A 32 6.64 4.30 5.50
CA PRO A 32 6.39 4.71 4.11
C PRO A 32 7.52 4.25 3.20
N GLY A 33 7.36 4.40 1.92
CA GLY A 33 8.45 3.97 0.97
C GLY A 33 8.27 2.48 0.64
N SER A 34 7.09 1.96 0.79
CA SER A 34 6.87 0.52 0.47
C SER A 34 5.92 0.39 -0.72
N VAL A 35 5.97 -0.72 -1.40
CA VAL A 35 5.06 -0.90 -2.58
C VAL A 35 3.90 -1.82 -2.19
N HIS A 36 2.77 -1.65 -2.80
CA HIS A 36 1.60 -2.52 -2.46
C HIS A 36 0.62 -2.55 -3.63
N GLU A 37 -0.28 -3.50 -3.64
CA GLU A 37 -1.27 -3.57 -4.75
C GLU A 37 -2.63 -3.08 -4.24
N GLY A 38 -3.31 -2.29 -5.02
CA GLY A 38 -4.63 -1.77 -4.58
C GLY A 38 -5.54 -1.55 -5.80
N ILE A 39 -6.75 -1.15 -5.57
CA ILE A 39 -7.69 -0.91 -6.71
C ILE A 39 -7.67 0.57 -7.06
N VAL A 40 -7.94 0.91 -8.29
CA VAL A 40 -7.91 2.36 -8.67
C VAL A 40 -9.34 2.93 -8.70
N TYR A 41 -9.47 4.19 -8.38
CA TYR A 41 -10.81 4.84 -8.40
C TYR A 41 -10.67 6.27 -8.91
N PHE A 42 -11.74 6.90 -9.29
CA PHE A 42 -11.65 8.30 -9.80
C PHE A 42 -12.60 9.21 -9.02
N LYS A 43 -12.14 10.36 -8.62
CA LYS A 43 -13.02 11.29 -7.86
C LYS A 43 -12.25 12.57 -7.55
N ASP A 44 -12.90 13.70 -7.59
CA ASP A 44 -12.20 14.98 -7.29
C ASP A 44 -11.21 15.30 -8.41
N GLY A 45 -11.26 14.57 -9.49
CA GLY A 45 -10.32 14.83 -10.61
C GLY A 45 -9.05 13.98 -10.41
N ILE A 46 -8.69 13.72 -9.19
CA ILE A 46 -7.48 12.89 -8.93
C ILE A 46 -7.87 11.42 -8.90
N PHE A 47 -7.01 10.57 -8.38
CA PHE A 47 -7.35 9.12 -8.34
C PHE A 47 -7.50 8.68 -6.88
N LYS A 48 -7.92 7.47 -6.66
CA LYS A 48 -8.08 6.98 -5.27
C LYS A 48 -7.69 5.50 -5.19
N VAL A 49 -6.90 5.14 -4.23
CA VAL A 49 -6.48 3.72 -4.10
C VAL A 49 -7.24 3.06 -2.95
N ARG A 50 -8.07 2.09 -3.26
CA ARG A 50 -8.84 1.40 -2.18
C ARG A 50 -8.13 0.10 -1.81
N LEU A 51 -7.90 -0.14 -0.55
CA LEU A 51 -7.22 -1.40 -0.14
C LEU A 51 -8.26 -2.45 0.24
N LEU A 52 -8.63 -3.30 -0.67
CA LEU A 52 -9.64 -4.35 -0.35
C LEU A 52 -9.02 -5.37 0.61
N GLY A 53 -9.81 -5.91 1.50
CA GLY A 53 -9.27 -6.91 2.45
C GLY A 53 -9.18 -6.28 3.86
N TYR A 54 -8.77 -5.04 3.93
CA TYR A 54 -8.67 -4.38 5.25
C TYR A 54 -10.03 -3.84 5.66
N GLU A 55 -10.87 -3.52 4.71
CA GLU A 55 -12.23 -3.00 5.04
C GLU A 55 -12.09 -1.73 5.90
N GLY A 56 -12.14 -0.58 5.29
CA GLY A 56 -12.02 0.67 6.06
C GLY A 56 -10.69 1.36 5.74
N HIS A 57 -9.99 0.89 4.74
CA HIS A 57 -8.69 1.52 4.38
C HIS A 57 -8.83 2.26 3.05
N GLU A 58 -9.05 3.54 3.09
CA GLU A 58 -9.19 4.32 1.84
C GLU A 58 -7.97 5.22 1.64
N CYS A 59 -7.39 5.20 0.48
CA CYS A 59 -6.20 6.04 0.22
C CYS A 59 -6.45 6.94 -0.99
N ILE A 60 -5.67 7.97 -1.15
CA ILE A 60 -5.86 8.88 -2.31
C ILE A 60 -4.63 8.82 -3.22
N LEU A 61 -4.82 8.62 -4.49
CA LEU A 61 -3.66 8.55 -5.41
C LEU A 61 -3.46 9.89 -6.12
N LEU A 62 -2.35 10.53 -5.90
CA LEU A 62 -2.07 11.83 -6.55
C LEU A 62 -0.67 11.81 -7.16
N ASP A 63 -0.03 10.66 -7.15
CA ASP A 63 1.34 10.59 -7.72
C ASP A 63 2.21 11.60 -6.96
N TYR A 64 2.03 11.70 -5.67
CA TYR A 64 2.82 12.66 -4.88
C TYR A 64 2.55 14.08 -5.38
N LEU A 65 1.35 14.32 -5.86
CA LEU A 65 1.02 15.68 -6.38
C LEU A 65 0.76 16.63 -5.20
N ASN A 66 -0.43 16.60 -4.67
CA ASN A 66 -0.75 17.50 -3.53
C ASN A 66 -0.48 18.95 -3.94
N TYR A 67 -0.51 19.23 -5.22
CA TYR A 67 -0.26 20.61 -5.69
C TYR A 67 -0.44 20.67 -7.21
N ARG A 68 -1.44 21.36 -7.68
CA ARG A 68 -1.67 21.44 -9.14
C ARG A 68 -2.05 20.06 -9.69
N GLN A 69 -2.94 20.01 -10.65
CA GLN A 69 -3.36 18.70 -11.21
C GLN A 69 -2.85 18.57 -12.65
N ASP A 70 -3.05 17.44 -13.27
CA ASP A 70 -2.57 17.25 -14.67
C ASP A 70 -3.40 16.16 -15.35
N THR A 71 -4.70 16.25 -15.26
CA THR A 71 -5.56 15.22 -15.91
C THR A 71 -5.62 15.48 -17.41
N LEU A 72 -5.18 14.55 -18.21
CA LEU A 72 -5.21 14.76 -19.69
C LEU A 72 -5.19 13.40 -20.38
N ASP A 73 -5.96 12.45 -19.92
CA ASP A 73 -5.98 11.11 -20.56
C ASP A 73 -7.35 10.46 -20.36
N ARG A 74 -8.26 10.70 -21.26
CA ARG A 74 -9.62 10.10 -21.12
C ARG A 74 -9.50 8.58 -20.95
N LEU A 75 -8.47 7.98 -21.50
CA LEU A 75 -8.32 6.51 -21.37
C LEU A 75 -8.22 6.13 -19.89
N LYS A 76 -7.52 6.92 -19.10
CA LYS A 76 -7.39 6.59 -17.66
C LYS A 76 -8.78 6.41 -17.05
N GLU A 77 -9.78 7.05 -17.58
CA GLU A 77 -11.15 6.92 -17.02
C GLU A 77 -11.64 5.48 -17.19
N ARG A 78 -11.39 4.88 -18.33
CA ARG A 78 -11.85 3.49 -18.55
C ARG A 78 -10.93 2.50 -17.83
N LEU A 79 -9.70 2.86 -17.62
CA LEU A 79 -8.76 1.92 -16.92
C LEU A 79 -8.97 1.98 -15.40
N VAL A 80 -9.49 3.07 -14.91
CA VAL A 80 -9.72 3.19 -13.44
C VAL A 80 -10.26 1.86 -12.89
N GLY A 81 -10.14 1.64 -11.62
CA GLY A 81 -10.65 0.36 -11.02
C GLY A 81 -9.55 -0.71 -11.11
N ARG A 82 -8.98 -0.90 -12.26
CA ARG A 82 -7.93 -1.94 -12.42
C ARG A 82 -7.04 -1.98 -11.18
N VAL A 83 -6.38 -3.09 -10.95
CA VAL A 83 -5.50 -3.20 -9.76
C VAL A 83 -4.05 -2.97 -10.18
N ILE A 84 -3.33 -2.17 -9.44
CA ILE A 84 -1.90 -1.89 -9.83
C ILE A 84 -1.05 -1.77 -8.56
N LYS A 85 0.24 -1.64 -8.74
CA LYS A 85 1.14 -1.50 -7.56
C LYS A 85 1.59 -0.04 -7.43
N THR A 86 1.37 0.56 -6.30
CA THR A 86 1.77 1.99 -6.12
C THR A 86 2.63 2.12 -4.86
N ARG A 87 3.14 3.29 -4.60
CA ARG A 87 3.97 3.48 -3.37
C ARG A 87 3.11 4.10 -2.27
N VAL A 88 3.44 3.86 -1.03
CA VAL A 88 2.63 4.43 0.07
C VAL A 88 3.30 5.71 0.58
N VAL A 89 2.54 6.77 0.72
CA VAL A 89 3.14 8.05 1.20
C VAL A 89 3.00 8.15 2.72
N ARG A 90 1.92 7.66 3.27
CA ARG A 90 1.72 7.72 4.74
C ARG A 90 0.36 7.12 5.10
N ALA A 91 0.37 5.92 5.61
CA ALA A 91 -0.92 5.26 5.99
C ALA A 91 -1.18 5.49 7.49
N ASP A 92 -2.26 6.15 7.80
CA ASP A 92 -2.58 6.41 9.24
C ASP A 92 -3.80 5.58 9.64
N GLY A 93 -4.60 5.19 8.68
CA GLY A 93 -5.82 4.38 9.01
C GLY A 93 -7.06 5.09 8.47
N LEU A 94 -7.73 4.48 7.52
CA LEU A 94 -8.95 5.11 6.93
C LEU A 94 -8.55 6.08 5.82
N TYR A 95 -7.74 7.04 6.14
CA TYR A 95 -7.29 8.01 5.11
C TYR A 95 -5.78 7.89 4.94
N VAL A 96 -5.33 7.56 3.75
CA VAL A 96 -3.86 7.41 3.53
C VAL A 96 -3.43 8.20 2.30
N ASP A 97 -2.16 8.51 2.21
CA ASP A 97 -1.65 9.26 1.03
C ASP A 97 -1.03 8.25 0.06
N LEU A 98 -1.18 8.45 -1.21
CA LEU A 98 -0.60 7.46 -2.17
C LEU A 98 0.12 8.16 -3.33
N ARG A 99 1.22 7.62 -3.75
CA ARG A 99 1.98 8.23 -4.88
C ARG A 99 2.38 7.14 -5.87
N ARG A 100 1.80 7.18 -7.05
CA ARG A 100 2.15 6.15 -8.07
C ARG A 100 3.42 6.58 -8.80
N PHE A 101 4.29 5.66 -9.09
CA PHE A 101 5.55 6.01 -9.81
C PHE A 101 5.44 5.62 -11.28
N PHE A 102 6.25 6.20 -12.12
CA PHE A 102 6.19 5.86 -13.57
C PHE A 102 4.79 6.16 -14.11
N MET A 1 18.57 -34.57 -25.53
CA MET A 1 17.71 -35.41 -24.65
C MET A 1 17.16 -36.59 -25.46
N THR A 2 17.74 -37.75 -25.30
CA THR A 2 17.26 -38.94 -26.06
C THR A 2 17.11 -40.12 -25.10
N VAL A 3 18.13 -40.45 -24.37
CA VAL A 3 18.04 -41.59 -23.41
C VAL A 3 18.60 -41.16 -22.05
N ILE A 4 18.32 -39.96 -21.64
CA ILE A 4 18.83 -39.48 -20.33
C ILE A 4 18.02 -40.13 -19.19
N LYS A 5 16.80 -40.49 -19.47
CA LYS A 5 15.96 -41.12 -18.40
C LYS A 5 14.65 -41.62 -19.02
N PRO A 6 14.76 -42.61 -19.85
CA PRO A 6 13.59 -43.22 -20.53
C PRO A 6 12.85 -44.16 -19.58
N SER A 7 13.57 -44.89 -18.77
CA SER A 7 12.91 -45.82 -17.83
C SER A 7 12.26 -45.03 -16.69
N SER A 8 10.99 -45.22 -16.48
CA SER A 8 10.30 -44.48 -15.38
C SER A 8 9.75 -45.47 -14.35
N ARG A 9 9.72 -45.10 -13.10
CA ARG A 9 9.19 -46.03 -12.07
C ARG A 9 8.68 -45.22 -10.87
N PRO A 10 7.45 -44.80 -10.95
CA PRO A 10 6.79 -44.01 -9.90
C PRO A 10 6.36 -44.92 -8.75
N ARG A 11 6.83 -44.68 -7.56
CA ARG A 11 6.44 -45.53 -6.41
C ARG A 11 7.12 -45.01 -5.13
N PRO A 12 8.44 -44.97 -5.15
CA PRO A 12 9.23 -44.48 -4.00
C PRO A 12 9.17 -42.96 -3.93
N ARG A 13 8.07 -42.41 -3.49
CA ARG A 13 7.96 -40.92 -3.40
C ARG A 13 8.59 -40.44 -2.09
N LYS A 14 9.64 -39.67 -2.17
CA LYS A 14 10.29 -39.16 -0.93
C LYS A 14 9.25 -38.48 -0.05
N ASN A 15 9.47 -38.43 1.24
CA ASN A 15 8.49 -37.78 2.14
C ASN A 15 8.71 -36.26 2.13
N LYS A 16 7.94 -35.55 1.36
CA LYS A 16 8.11 -34.06 1.30
C LYS A 16 7.31 -33.40 2.42
N ASN A 17 7.92 -32.53 3.16
CA ASN A 17 7.19 -31.84 4.27
C ASN A 17 7.08 -30.35 3.96
N ILE A 18 8.06 -29.81 3.27
CA ILE A 18 8.02 -28.36 2.94
C ILE A 18 6.78 -28.08 2.09
N LYS A 19 5.69 -27.71 2.71
CA LYS A 19 4.46 -27.42 1.94
C LYS A 19 3.41 -26.78 2.86
N VAL A 20 3.37 -27.22 4.09
CA VAL A 20 2.37 -26.63 5.04
C VAL A 20 3.06 -25.59 5.91
N ASN A 21 2.41 -24.48 6.15
CA ASN A 21 3.02 -23.41 6.98
C ASN A 21 1.99 -22.32 7.26
N THR A 22 2.15 -21.59 8.33
CA THR A 22 1.17 -20.51 8.65
C THR A 22 1.72 -19.64 9.78
N TYR A 23 2.92 -19.17 9.64
CA TYR A 23 3.52 -18.31 10.70
C TYR A 23 3.94 -16.96 10.11
N ARG A 24 3.01 -16.10 9.84
CA ARG A 24 3.36 -14.77 9.26
C ARG A 24 2.18 -13.81 9.43
N THR A 25 1.76 -13.59 10.65
CA THR A 25 0.61 -12.67 10.88
C THR A 25 0.85 -11.35 10.13
N SER A 26 -0.16 -10.53 10.02
CA SER A 26 0.01 -9.24 9.31
C SER A 26 0.26 -8.12 10.33
N ALA A 27 0.13 -6.89 9.91
CA ALA A 27 0.37 -5.76 10.86
C ALA A 27 -0.93 -4.99 11.07
N MET A 28 -0.90 -3.97 11.89
CA MET A 28 -2.15 -3.18 12.13
C MET A 28 -2.02 -1.82 11.43
N ASP A 29 -0.83 -1.40 11.14
CA ASP A 29 -0.65 -0.09 10.46
C ASP A 29 0.44 -0.20 9.39
N LEU A 30 0.10 0.07 8.16
CA LEU A 30 1.11 -0.03 7.07
C LEU A 30 2.36 0.76 7.45
N SER A 31 3.49 0.43 6.87
CA SER A 31 4.74 1.17 7.20
C SER A 31 5.01 2.21 6.12
N PRO A 32 5.82 3.18 6.46
CA PRO A 32 6.19 4.27 5.54
C PRO A 32 7.26 3.78 4.54
N GLY A 33 7.06 4.04 3.28
CA GLY A 33 8.05 3.58 2.26
C GLY A 33 7.78 2.13 1.90
N SER A 34 6.92 1.89 0.94
CA SER A 34 6.62 0.49 0.55
C SER A 34 5.74 0.48 -0.70
N VAL A 35 5.67 -0.62 -1.39
CA VAL A 35 4.82 -0.69 -2.60
C VAL A 35 3.80 -1.83 -2.45
N HIS A 36 2.54 -1.53 -2.60
CA HIS A 36 1.51 -2.60 -2.46
C HIS A 36 0.52 -2.52 -3.62
N GLU A 37 -0.31 -3.51 -3.77
CA GLU A 37 -1.30 -3.49 -4.88
C GLU A 37 -2.66 -3.02 -4.35
N GLY A 38 -3.42 -2.33 -5.15
CA GLY A 38 -4.74 -1.84 -4.67
C GLY A 38 -5.64 -1.54 -5.86
N ILE A 39 -6.86 -1.16 -5.63
CA ILE A 39 -7.78 -0.85 -6.76
C ILE A 39 -7.78 0.67 -7.00
N VAL A 40 -8.07 1.08 -8.20
CA VAL A 40 -8.06 2.55 -8.49
C VAL A 40 -9.49 3.08 -8.59
N TYR A 41 -9.70 4.30 -8.18
CA TYR A 41 -11.06 4.89 -8.27
C TYR A 41 -10.96 6.33 -8.78
N PHE A 42 -11.92 6.78 -9.54
CA PHE A 42 -11.88 8.18 -10.07
C PHE A 42 -12.74 9.08 -9.19
N LYS A 43 -12.28 10.27 -8.91
CA LYS A 43 -13.08 11.20 -8.07
C LYS A 43 -12.59 12.64 -8.28
N ASP A 44 -13.48 13.52 -8.64
CA ASP A 44 -13.07 14.95 -8.85
C ASP A 44 -11.77 14.99 -9.65
N GLY A 45 -11.56 14.03 -10.51
CA GLY A 45 -10.30 14.03 -11.32
C GLY A 45 -9.20 13.29 -10.56
N ILE A 46 -9.08 13.53 -9.28
CA ILE A 46 -8.03 12.85 -8.49
C ILE A 46 -8.29 11.35 -8.48
N PHE A 47 -7.32 10.55 -8.14
CA PHE A 47 -7.55 9.08 -8.12
C PHE A 47 -7.64 8.61 -6.67
N LYS A 48 -8.04 7.39 -6.45
CA LYS A 48 -8.16 6.88 -5.06
C LYS A 48 -7.78 5.40 -5.02
N VAL A 49 -6.99 5.01 -4.06
CA VAL A 49 -6.58 3.57 -3.98
C VAL A 49 -7.36 2.87 -2.86
N ARG A 50 -8.12 1.86 -3.19
CA ARG A 50 -8.90 1.14 -2.15
C ARG A 50 -8.14 -0.13 -1.75
N LEU A 51 -7.79 -0.25 -0.50
CA LEU A 51 -7.04 -1.48 -0.06
C LEU A 51 -8.04 -2.60 0.28
N LEU A 52 -8.45 -3.34 -0.71
CA LEU A 52 -9.41 -4.44 -0.45
C LEU A 52 -8.81 -5.41 0.57
N GLY A 53 -9.62 -5.88 1.49
CA GLY A 53 -9.09 -6.84 2.51
C GLY A 53 -9.05 -6.15 3.88
N TYR A 54 -8.64 -4.91 3.92
CA TYR A 54 -8.57 -4.20 5.23
C TYR A 54 -9.96 -3.68 5.59
N GLU A 55 -10.77 -3.35 4.62
CA GLU A 55 -12.12 -2.84 4.91
C GLU A 55 -12.03 -1.52 5.68
N GLY A 56 -11.87 -0.43 4.99
CA GLY A 56 -11.75 0.89 5.67
C GLY A 56 -10.47 1.60 5.23
N HIS A 57 -9.54 0.87 4.69
CA HIS A 57 -8.27 1.50 4.25
C HIS A 57 -8.52 2.32 2.98
N GLU A 58 -8.77 3.60 3.14
CA GLU A 58 -9.03 4.46 1.94
C GLU A 58 -7.83 5.37 1.70
N CYS A 59 -7.04 5.08 0.70
CA CYS A 59 -5.86 5.95 0.43
C CYS A 59 -6.17 6.86 -0.76
N ILE A 60 -5.46 7.94 -0.89
CA ILE A 60 -5.72 8.87 -2.03
C ILE A 60 -4.62 8.68 -3.07
N LEU A 61 -4.99 8.48 -4.31
CA LEU A 61 -3.96 8.29 -5.36
C LEU A 61 -3.74 9.60 -6.10
N LEU A 62 -2.61 10.22 -5.89
CA LEU A 62 -2.31 11.51 -6.59
C LEU A 62 -1.28 11.25 -7.70
N ASP A 63 -0.92 10.02 -7.91
CA ASP A 63 0.08 9.73 -8.96
C ASP A 63 1.34 10.53 -8.66
N TYR A 64 1.65 10.73 -7.41
CA TYR A 64 2.84 11.52 -7.04
C TYR A 64 2.67 12.95 -7.56
N LEU A 65 1.46 13.45 -7.51
CA LEU A 65 1.21 14.83 -8.00
C LEU A 65 1.93 15.84 -7.10
N ASN A 66 1.69 15.77 -5.81
CA ASN A 66 2.36 16.72 -4.88
C ASN A 66 1.67 18.08 -5.00
N TYR A 67 0.53 18.24 -4.38
CA TYR A 67 -0.19 19.54 -4.47
C TYR A 67 -0.59 19.80 -5.92
N ARG A 68 -1.27 20.90 -6.18
CA ARG A 68 -1.69 21.19 -7.58
C ARG A 68 -2.64 20.09 -8.05
N GLN A 69 -2.87 20.01 -9.35
CA GLN A 69 -3.79 18.96 -9.87
C GLN A 69 -3.85 19.03 -11.39
N ASP A 70 -3.37 18.01 -12.06
CA ASP A 70 -3.40 18.03 -13.55
C ASP A 70 -4.69 17.36 -14.03
N THR A 71 -4.90 17.30 -15.32
CA THR A 71 -6.14 16.66 -15.84
C THR A 71 -5.91 16.18 -17.27
N LEU A 72 -4.99 15.29 -17.46
CA LEU A 72 -4.72 14.77 -18.84
C LEU A 72 -4.79 13.24 -18.83
N ASP A 73 -5.93 12.69 -18.49
CA ASP A 73 -6.05 11.20 -18.46
C ASP A 73 -7.46 10.81 -18.93
N ARG A 74 -7.71 10.88 -20.21
CA ARG A 74 -9.06 10.51 -20.72
C ARG A 74 -9.21 8.99 -20.76
N LEU A 75 -8.32 8.32 -21.44
CA LEU A 75 -8.41 6.84 -21.52
C LEU A 75 -8.34 6.23 -20.12
N LYS A 76 -7.47 6.74 -19.29
CA LYS A 76 -7.35 6.19 -17.90
C LYS A 76 -8.72 6.21 -17.23
N GLU A 77 -9.59 7.08 -17.63
CA GLU A 77 -10.94 7.13 -16.99
C GLU A 77 -11.64 5.78 -17.13
N ARG A 78 -11.56 5.16 -18.28
CA ARG A 78 -12.23 3.85 -18.48
C ARG A 78 -11.39 2.73 -17.83
N LEU A 79 -10.10 2.89 -17.79
CA LEU A 79 -9.24 1.82 -17.18
C LEU A 79 -9.29 1.92 -15.65
N VAL A 80 -9.74 3.03 -15.13
CA VAL A 80 -9.82 3.19 -13.65
C VAL A 80 -10.34 1.90 -13.03
N GLY A 81 -10.21 1.74 -11.75
CA GLY A 81 -10.69 0.50 -11.10
C GLY A 81 -9.59 -0.56 -11.15
N ARG A 82 -9.00 -0.76 -12.30
CA ARG A 82 -7.92 -1.77 -12.44
C ARG A 82 -7.02 -1.75 -11.20
N VAL A 83 -6.34 -2.83 -10.93
CA VAL A 83 -5.45 -2.87 -9.75
C VAL A 83 -4.01 -2.60 -10.18
N ILE A 84 -3.25 -1.94 -9.36
CA ILE A 84 -1.84 -1.64 -9.73
C ILE A 84 -0.97 -1.60 -8.48
N LYS A 85 0.33 -1.65 -8.63
CA LYS A 85 1.23 -1.60 -7.45
C LYS A 85 1.76 -0.18 -7.28
N THR A 86 1.25 0.55 -6.33
CA THR A 86 1.73 1.94 -6.13
C THR A 86 2.46 2.03 -4.78
N ARG A 87 3.03 3.17 -4.47
CA ARG A 87 3.75 3.30 -3.18
C ARG A 87 2.85 4.02 -2.16
N VAL A 88 3.06 3.79 -0.90
CA VAL A 88 2.21 4.46 0.13
C VAL A 88 2.96 5.69 0.66
N VAL A 89 2.48 6.86 0.33
CA VAL A 89 3.18 8.09 0.80
C VAL A 89 3.12 8.18 2.32
N ARG A 90 2.04 7.74 2.92
CA ARG A 90 1.94 7.80 4.40
C ARG A 90 0.61 7.21 4.86
N ALA A 91 0.63 6.00 5.34
CA ALA A 91 -0.65 5.37 5.80
C ALA A 91 -0.78 5.55 7.31
N ASP A 92 -1.87 6.11 7.75
CA ASP A 92 -2.07 6.34 9.20
C ASP A 92 -3.33 5.59 9.67
N GLY A 93 -4.40 5.69 8.92
CA GLY A 93 -5.64 5.00 9.31
C GLY A 93 -6.63 4.98 8.14
N LEU A 94 -7.89 5.21 8.40
CA LEU A 94 -8.89 5.22 7.30
C LEU A 94 -8.42 6.13 6.18
N TYR A 95 -7.58 7.09 6.47
CA TYR A 95 -7.10 8.01 5.40
C TYR A 95 -5.60 7.78 5.17
N VAL A 96 -5.22 7.52 3.96
CA VAL A 96 -3.78 7.28 3.67
C VAL A 96 -3.35 8.09 2.44
N ASP A 97 -2.08 8.21 2.20
CA ASP A 97 -1.62 8.98 1.00
C ASP A 97 -1.01 8.00 0.00
N LEU A 98 -1.14 8.26 -1.27
CA LEU A 98 -0.57 7.31 -2.28
C LEU A 98 0.19 8.06 -3.37
N ARG A 99 1.41 7.66 -3.61
CA ARG A 99 2.22 8.31 -4.67
C ARG A 99 2.65 7.24 -5.68
N ARG A 100 2.50 7.52 -6.95
CA ARG A 100 2.91 6.52 -7.98
C ARG A 100 4.36 6.74 -8.38
N PHE A 101 5.05 5.71 -8.76
CA PHE A 101 6.47 5.86 -9.17
C PHE A 101 6.69 5.19 -10.53
N PHE A 102 7.69 5.62 -11.25
CA PHE A 102 7.96 5.02 -12.58
C PHE A 102 8.48 3.58 -12.40
N MET A 1 17.90 -17.92 -16.62
CA MET A 1 18.80 -17.36 -17.67
C MET A 1 20.20 -17.97 -17.51
N THR A 2 20.50 -18.98 -18.29
CA THR A 2 21.85 -19.61 -18.19
C THR A 2 22.09 -20.46 -19.43
N VAL A 3 22.21 -19.83 -20.57
CA VAL A 3 22.44 -20.60 -21.83
C VAL A 3 23.89 -21.09 -21.88
N ILE A 4 24.08 -22.38 -21.86
CA ILE A 4 25.46 -22.94 -21.92
C ILE A 4 26.41 -22.09 -21.06
N LYS A 5 26.32 -22.21 -19.77
CA LYS A 5 27.22 -21.41 -18.88
C LYS A 5 27.37 -22.13 -17.54
N PRO A 6 28.07 -23.23 -17.57
CA PRO A 6 28.32 -24.05 -16.37
C PRO A 6 29.42 -23.42 -15.50
N SER A 7 29.12 -22.33 -14.84
CA SER A 7 30.15 -21.67 -13.99
C SER A 7 29.49 -20.58 -13.15
N SER A 8 28.66 -19.77 -13.77
CA SER A 8 27.97 -18.69 -13.01
C SER A 8 29.01 -17.88 -12.22
N ARG A 9 29.60 -16.89 -12.84
CA ARG A 9 30.61 -16.06 -12.11
C ARG A 9 29.98 -15.49 -10.84
N PRO A 10 30.82 -15.19 -9.89
CA PRO A 10 30.39 -14.64 -8.60
C PRO A 10 30.06 -13.15 -8.74
N ARG A 11 29.45 -12.56 -7.75
CA ARG A 11 29.10 -11.12 -7.84
C ARG A 11 29.47 -10.41 -6.53
N PRO A 12 30.73 -10.16 -6.36
CA PRO A 12 31.25 -9.49 -5.15
C PRO A 12 30.99 -7.98 -5.22
N ARG A 13 30.01 -7.50 -4.52
CA ARG A 13 29.69 -6.05 -4.56
C ARG A 13 30.80 -5.27 -3.87
N LYS A 14 31.54 -4.48 -4.61
CA LYS A 14 32.65 -3.68 -4.00
C LYS A 14 32.35 -2.20 -4.17
N ASN A 15 31.36 -1.70 -3.47
CA ASN A 15 31.02 -0.26 -3.59
C ASN A 15 30.69 0.31 -2.21
N LYS A 16 30.64 1.61 -2.08
CA LYS A 16 30.33 2.22 -0.76
C LYS A 16 28.88 2.71 -0.77
N ASN A 17 28.67 3.94 -1.16
CA ASN A 17 27.28 4.48 -1.19
C ASN A 17 26.64 4.31 0.18
N ILE A 18 27.35 4.64 1.22
CA ILE A 18 26.79 4.50 2.59
C ILE A 18 25.85 5.67 2.89
N LYS A 19 24.57 5.45 2.80
CA LYS A 19 23.60 6.55 3.07
C LYS A 19 22.65 6.12 4.21
N VAL A 20 22.91 6.55 5.40
CA VAL A 20 22.02 6.17 6.54
C VAL A 20 20.94 7.23 6.73
N ASN A 21 19.69 6.85 6.60
CA ASN A 21 18.59 7.84 6.78
C ASN A 21 17.25 7.11 6.90
N THR A 22 16.89 6.71 8.09
CA THR A 22 15.60 5.99 8.26
C THR A 22 14.75 6.72 9.31
N TYR A 23 13.47 6.82 9.08
CA TYR A 23 12.59 7.51 10.06
C TYR A 23 12.04 6.50 11.06
N ARG A 24 12.90 5.87 11.81
CA ARG A 24 12.42 4.86 12.79
C ARG A 24 11.37 3.96 12.15
N THR A 25 11.78 2.89 11.53
CA THR A 25 10.81 1.98 10.88
C THR A 25 10.79 0.64 11.60
N SER A 26 9.63 0.13 11.92
CA SER A 26 9.56 -1.18 12.62
C SER A 26 8.27 -1.90 12.21
N ALA A 27 8.34 -3.18 11.97
CA ALA A 27 7.13 -3.94 11.57
C ALA A 27 6.69 -3.47 10.18
N MET A 28 6.47 -4.39 9.27
CA MET A 28 6.04 -4.01 7.91
C MET A 28 4.52 -3.98 7.83
N ASP A 29 3.92 -2.83 7.94
CA ASP A 29 2.44 -2.73 7.87
C ASP A 29 2.03 -1.28 7.65
N LEU A 30 2.18 -0.45 8.65
CA LEU A 30 1.79 0.98 8.50
C LEU A 30 3.06 1.84 8.45
N SER A 31 3.79 1.78 7.36
CA SER A 31 5.03 2.59 7.26
C SER A 31 5.09 3.24 5.87
N PRO A 32 5.66 4.43 5.82
CA PRO A 32 5.79 5.19 4.58
C PRO A 32 6.97 4.66 3.75
N GLY A 33 6.78 4.43 2.48
CA GLY A 33 7.88 3.92 1.63
C GLY A 33 7.68 2.43 1.37
N SER A 34 6.45 1.99 1.35
CA SER A 34 6.18 0.54 1.11
C SER A 34 5.44 0.39 -0.22
N VAL A 35 5.53 -0.76 -0.83
CA VAL A 35 4.83 -0.98 -2.13
C VAL A 35 3.76 -2.06 -1.96
N HIS A 36 2.55 -1.77 -2.35
CA HIS A 36 1.46 -2.78 -2.20
C HIS A 36 0.52 -2.70 -3.40
N GLU A 37 -0.35 -3.67 -3.54
CA GLU A 37 -1.31 -3.65 -4.68
C GLU A 37 -2.67 -3.19 -4.18
N GLY A 38 -3.36 -2.40 -4.97
CA GLY A 38 -4.70 -1.90 -4.54
C GLY A 38 -5.57 -1.68 -5.78
N ILE A 39 -6.81 -1.30 -5.60
CA ILE A 39 -7.69 -1.07 -6.76
C ILE A 39 -7.69 0.42 -7.10
N VAL A 40 -7.94 0.78 -8.32
CA VAL A 40 -7.91 2.23 -8.69
C VAL A 40 -9.33 2.79 -8.71
N TYR A 41 -9.46 4.07 -8.45
CA TYR A 41 -10.81 4.70 -8.46
C TYR A 41 -10.68 6.15 -8.95
N PHE A 42 -11.70 6.68 -9.57
CA PHE A 42 -11.62 8.07 -10.07
C PHE A 42 -12.53 8.97 -9.22
N LYS A 43 -12.00 10.03 -8.68
CA LYS A 43 -12.84 10.94 -7.85
C LYS A 43 -11.97 12.02 -7.21
N ASP A 44 -12.52 13.18 -7.00
CA ASP A 44 -11.73 14.29 -6.39
C ASP A 44 -10.71 14.81 -7.41
N GLY A 45 -11.11 14.96 -8.64
CA GLY A 45 -10.18 15.47 -9.68
C GLY A 45 -8.83 14.76 -9.55
N ILE A 46 -8.82 13.57 -9.00
CA ILE A 46 -7.54 12.83 -8.84
C ILE A 46 -7.83 11.33 -8.87
N PHE A 47 -6.86 10.52 -8.54
CA PHE A 47 -7.10 9.05 -8.56
C PHE A 47 -7.28 8.56 -7.12
N LYS A 48 -7.61 7.31 -6.95
CA LYS A 48 -7.80 6.79 -5.57
C LYS A 48 -7.39 5.32 -5.51
N VAL A 49 -6.91 4.87 -4.39
CA VAL A 49 -6.48 3.45 -4.26
C VAL A 49 -7.19 2.82 -3.07
N ARG A 50 -8.01 1.84 -3.30
CA ARG A 50 -8.74 1.18 -2.17
C ARG A 50 -8.01 -0.09 -1.78
N LEU A 51 -7.77 -0.28 -0.50
CA LEU A 51 -7.05 -1.52 -0.07
C LEU A 51 -8.06 -2.64 0.20
N LEU A 52 -8.28 -3.48 -0.76
CA LEU A 52 -9.25 -4.60 -0.57
C LEU A 52 -8.68 -5.58 0.45
N GLY A 53 -9.51 -6.08 1.33
CA GLY A 53 -9.01 -7.04 2.35
C GLY A 53 -8.97 -6.36 3.72
N TYR A 54 -8.76 -5.07 3.73
CA TYR A 54 -8.72 -4.33 5.02
C TYR A 54 -9.86 -3.31 5.05
N GLU A 55 -11.08 -3.77 5.08
CA GLU A 55 -12.24 -2.83 5.11
C GLU A 55 -11.94 -1.66 6.06
N GLY A 56 -11.69 -0.50 5.51
CA GLY A 56 -11.39 0.67 6.38
C GLY A 56 -10.04 1.28 5.95
N HIS A 57 -9.73 1.21 4.69
CA HIS A 57 -8.43 1.77 4.22
C HIS A 57 -8.62 2.46 2.86
N GLU A 58 -8.89 3.73 2.86
CA GLU A 58 -9.09 4.46 1.58
C GLU A 58 -7.89 5.39 1.35
N CYS A 59 -7.22 5.24 0.25
CA CYS A 59 -6.05 6.12 -0.03
C CYS A 59 -6.32 6.97 -1.26
N ILE A 60 -5.51 7.96 -1.49
CA ILE A 60 -5.72 8.84 -2.68
C ILE A 60 -4.46 8.81 -3.55
N LEU A 61 -4.62 8.59 -4.84
CA LEU A 61 -3.43 8.55 -5.72
C LEU A 61 -3.27 9.90 -6.41
N LEU A 62 -2.18 10.58 -6.14
CA LEU A 62 -1.97 11.91 -6.78
C LEU A 62 -0.59 11.94 -7.46
N ASP A 63 0.03 10.81 -7.61
CA ASP A 63 1.37 10.80 -8.27
C ASP A 63 2.28 11.74 -7.50
N TYR A 64 2.18 11.74 -6.20
CA TYR A 64 3.03 12.65 -5.38
C TYR A 64 2.67 14.10 -5.70
N LEU A 65 1.44 14.35 -6.05
CA LEU A 65 1.03 15.75 -6.38
C LEU A 65 0.86 16.55 -5.08
N ASN A 66 -0.25 16.39 -4.42
CA ASN A 66 -0.48 17.14 -3.15
C ASN A 66 -0.33 18.64 -3.42
N TYR A 67 -0.80 19.11 -4.54
CA TYR A 67 -0.67 20.55 -4.85
C TYR A 67 -1.47 20.87 -6.11
N ARG A 68 -1.32 20.07 -7.14
CA ARG A 68 -2.07 20.33 -8.40
C ARG A 68 -3.04 19.17 -8.65
N GLN A 69 -3.97 19.34 -9.56
CA GLN A 69 -4.95 18.25 -9.83
C GLN A 69 -4.60 17.58 -11.17
N ASP A 70 -5.28 16.52 -11.50
CA ASP A 70 -5.00 15.82 -12.78
C ASP A 70 -6.05 16.19 -13.82
N THR A 71 -5.76 15.98 -15.07
CA THR A 71 -6.76 16.32 -16.14
C THR A 71 -6.39 15.58 -17.43
N LEU A 72 -7.30 15.53 -18.37
CA LEU A 72 -7.00 14.83 -19.65
C LEU A 72 -6.98 13.32 -19.40
N ASP A 73 -7.92 12.81 -18.66
CA ASP A 73 -7.95 11.36 -18.39
C ASP A 73 -9.16 10.73 -19.09
N ARG A 74 -9.34 11.03 -20.35
CA ARG A 74 -10.50 10.47 -21.10
C ARG A 74 -10.39 8.94 -21.14
N LEU A 75 -9.29 8.42 -21.62
CA LEU A 75 -9.14 6.94 -21.68
C LEU A 75 -8.84 6.39 -20.28
N LYS A 76 -8.05 7.10 -19.52
CA LYS A 76 -7.72 6.62 -18.14
C LYS A 76 -9.00 6.42 -17.35
N GLU A 77 -10.04 7.13 -17.68
CA GLU A 77 -11.32 6.96 -16.93
C GLU A 77 -11.78 5.50 -17.04
N ARG A 78 -11.59 4.89 -18.19
CA ARG A 78 -12.01 3.48 -18.36
C ARG A 78 -11.01 2.54 -17.69
N LEU A 79 -9.76 2.92 -17.64
CA LEU A 79 -8.74 2.05 -17.00
C LEU A 79 -8.93 2.04 -15.48
N VAL A 80 -9.42 3.12 -14.94
CA VAL A 80 -9.63 3.19 -13.46
C VAL A 80 -10.20 1.85 -12.96
N GLY A 81 -10.12 1.61 -11.68
CA GLY A 81 -10.64 0.33 -11.13
C GLY A 81 -9.53 -0.73 -11.19
N ARG A 82 -8.89 -0.85 -12.32
CA ARG A 82 -7.79 -1.87 -12.45
C ARG A 82 -6.95 -1.89 -11.17
N VAL A 83 -6.34 -3.01 -10.88
CA VAL A 83 -5.49 -3.09 -9.65
C VAL A 83 -4.01 -2.92 -10.05
N ILE A 84 -3.27 -2.17 -9.30
CA ILE A 84 -1.83 -1.96 -9.64
C ILE A 84 -1.00 -1.84 -8.36
N LYS A 85 0.30 -1.85 -8.50
CA LYS A 85 1.18 -1.73 -7.31
C LYS A 85 1.69 -0.29 -7.21
N THR A 86 1.41 0.38 -6.12
CA THR A 86 1.88 1.78 -5.97
C THR A 86 2.61 1.94 -4.64
N ARG A 87 3.16 3.10 -4.38
CA ARG A 87 3.89 3.30 -3.10
C ARG A 87 2.97 4.00 -2.10
N VAL A 88 3.22 3.82 -0.84
CA VAL A 88 2.35 4.47 0.19
C VAL A 88 2.99 5.76 0.68
N VAL A 89 2.30 6.85 0.53
CA VAL A 89 2.87 8.16 0.97
C VAL A 89 2.75 8.27 2.49
N ARG A 90 1.66 7.82 3.05
CA ARG A 90 1.50 7.90 4.53
C ARG A 90 0.13 7.35 4.92
N ALA A 91 0.11 6.15 5.44
CA ALA A 91 -1.18 5.54 5.87
C ALA A 91 -1.33 5.66 7.38
N ASP A 92 -2.44 6.15 7.85
CA ASP A 92 -2.63 6.28 9.32
C ASP A 92 -3.99 5.69 9.72
N GLY A 93 -5.00 5.91 8.92
CA GLY A 93 -6.34 5.36 9.25
C GLY A 93 -7.14 5.13 7.96
N LEU A 94 -8.32 5.66 7.89
CA LEU A 94 -9.15 5.46 6.66
C LEU A 94 -8.65 6.39 5.55
N TYR A 95 -7.91 7.40 5.89
CA TYR A 95 -7.40 8.33 4.84
C TYR A 95 -5.89 8.14 4.70
N VAL A 96 -5.44 7.80 3.52
CA VAL A 96 -3.98 7.60 3.31
C VAL A 96 -3.53 8.33 2.05
N ASP A 97 -2.27 8.66 1.96
CA ASP A 97 -1.76 9.36 0.75
C ASP A 97 -1.12 8.32 -0.17
N LEU A 98 -1.15 8.53 -1.46
CA LEU A 98 -0.55 7.52 -2.38
C LEU A 98 0.31 8.18 -3.45
N ARG A 99 1.48 7.63 -3.68
CA ARG A 99 2.38 8.20 -4.71
C ARG A 99 2.69 7.12 -5.76
N ARG A 100 2.43 7.42 -7.00
CA ARG A 100 2.70 6.42 -8.07
C ARG A 100 4.09 6.64 -8.65
N PHE A 101 4.88 5.60 -8.75
CA PHE A 101 6.25 5.76 -9.30
C PHE A 101 6.17 6.39 -10.69
N PHE A 102 6.83 7.51 -10.89
CA PHE A 102 6.79 8.17 -12.22
C PHE A 102 8.21 8.28 -12.77
N MET A 1 23.61 -37.47 2.02
CA MET A 1 23.05 -36.47 2.98
C MET A 1 21.53 -36.64 3.06
N THR A 2 20.84 -36.45 1.97
CA THR A 2 19.36 -36.61 1.99
C THR A 2 18.79 -35.88 3.21
N VAL A 3 19.06 -34.61 3.34
CA VAL A 3 18.53 -33.86 4.51
C VAL A 3 17.01 -33.79 4.43
N ILE A 4 16.38 -33.25 5.44
CA ILE A 4 14.88 -33.15 5.43
C ILE A 4 14.47 -31.82 4.82
N LYS A 5 13.24 -31.71 4.39
CA LYS A 5 12.78 -30.43 3.78
C LYS A 5 11.28 -30.25 4.05
N PRO A 6 10.78 -29.10 3.68
CA PRO A 6 9.35 -28.77 3.87
C PRO A 6 8.50 -29.45 2.80
N SER A 7 7.21 -29.42 2.95
CA SER A 7 6.32 -30.07 1.94
C SER A 7 5.24 -29.09 1.49
N SER A 8 4.07 -29.13 2.10
CA SER A 8 2.99 -28.19 1.71
C SER A 8 2.93 -27.04 2.70
N ARG A 9 4.05 -26.39 2.94
CA ARG A 9 4.07 -25.26 3.90
C ARG A 9 3.25 -24.09 3.34
N PRO A 10 3.56 -23.70 2.13
CA PRO A 10 2.87 -22.58 1.46
C PRO A 10 1.51 -23.03 0.91
N ARG A 11 0.47 -22.33 1.24
CA ARG A 11 -0.88 -22.71 0.76
C ARG A 11 -1.89 -21.62 1.12
N PRO A 12 -1.71 -20.47 0.53
CA PRO A 12 -2.59 -19.31 0.76
C PRO A 12 -3.89 -19.46 -0.02
N ARG A 13 -4.92 -19.96 0.60
CA ARG A 13 -6.22 -20.13 -0.12
C ARG A 13 -5.96 -20.90 -1.42
N LYS A 14 -6.07 -22.21 -1.38
CA LYS A 14 -5.84 -23.01 -2.61
C LYS A 14 -5.95 -24.50 -2.28
N ASN A 15 -5.32 -24.92 -1.22
CA ASN A 15 -5.39 -26.36 -0.84
C ASN A 15 -6.62 -26.60 0.03
N LYS A 16 -7.78 -26.25 -0.46
CA LYS A 16 -9.02 -26.46 0.34
C LYS A 16 -9.01 -25.55 1.56
N ASN A 17 -9.00 -24.26 1.35
CA ASN A 17 -8.99 -23.31 2.50
C ASN A 17 -9.36 -21.90 2.02
N ILE A 18 -10.63 -21.64 1.88
CA ILE A 18 -11.05 -20.28 1.41
C ILE A 18 -11.57 -19.47 2.61
N LYS A 19 -12.26 -20.11 3.51
CA LYS A 19 -12.78 -19.38 4.70
C LYS A 19 -11.67 -19.25 5.75
N VAL A 20 -11.08 -18.10 5.87
CA VAL A 20 -9.99 -17.91 6.87
C VAL A 20 -10.47 -16.97 7.97
N ASN A 21 -11.40 -17.40 8.77
CA ASN A 21 -11.91 -16.52 9.87
C ASN A 21 -10.72 -15.94 10.65
N THR A 22 -9.79 -16.77 11.04
CA THR A 22 -8.62 -16.27 11.80
C THR A 22 -7.59 -15.69 10.83
N TYR A 23 -7.82 -14.51 10.34
CA TYR A 23 -6.85 -13.89 9.38
C TYR A 23 -5.72 -13.22 10.17
N ARG A 24 -4.50 -13.66 9.97
CA ARG A 24 -3.37 -13.05 10.71
C ARG A 24 -2.93 -11.76 10.01
N THR A 25 -2.91 -10.66 10.72
CA THR A 25 -2.48 -9.38 10.10
C THR A 25 -1.14 -8.94 10.66
N SER A 26 -0.16 -9.81 10.60
CA SER A 26 1.18 -9.44 11.14
C SER A 26 1.62 -8.09 10.56
N ALA A 27 2.80 -7.65 10.90
CA ALA A 27 3.29 -6.34 10.37
C ALA A 27 2.24 -5.26 10.64
N MET A 28 1.89 -5.07 11.87
CA MET A 28 0.87 -4.03 12.21
C MET A 28 1.38 -2.64 11.79
N ASP A 29 0.49 -1.71 11.58
CA ASP A 29 0.93 -0.35 11.18
C ASP A 29 1.67 -0.42 9.85
N LEU A 30 1.75 0.69 9.14
CA LEU A 30 2.47 0.68 7.84
C LEU A 30 3.73 1.55 7.94
N SER A 31 4.51 1.61 6.90
CA SER A 31 5.75 2.43 6.95
C SER A 31 5.96 3.11 5.59
N PRO A 32 6.83 4.08 5.57
CA PRO A 32 7.16 4.84 4.34
C PRO A 32 8.09 4.01 3.43
N GLY A 33 7.98 4.18 2.15
CA GLY A 33 8.86 3.41 1.22
C GLY A 33 8.37 1.96 1.14
N SER A 34 7.18 1.75 0.66
CA SER A 34 6.66 0.36 0.56
C SER A 34 5.70 0.25 -0.62
N VAL A 35 5.77 -0.82 -1.36
CA VAL A 35 4.87 -1.00 -2.53
C VAL A 35 3.73 -1.95 -2.17
N HIS A 36 2.62 -1.86 -2.84
CA HIS A 36 1.48 -2.76 -2.52
C HIS A 36 0.46 -2.71 -3.67
N GLU A 37 -0.41 -3.69 -3.74
CA GLU A 37 -1.42 -3.68 -4.82
C GLU A 37 -2.75 -3.14 -4.28
N GLY A 38 -3.42 -2.32 -5.03
CA GLY A 38 -4.71 -1.75 -4.56
C GLY A 38 -5.61 -1.44 -5.76
N ILE A 39 -6.81 -1.01 -5.51
CA ILE A 39 -7.74 -0.70 -6.63
C ILE A 39 -7.70 0.81 -6.90
N VAL A 40 -8.00 1.22 -8.09
CA VAL A 40 -7.95 2.67 -8.41
C VAL A 40 -9.38 3.23 -8.48
N TYR A 41 -9.51 4.53 -8.36
CA TYR A 41 -10.86 5.15 -8.42
C TYR A 41 -10.74 6.55 -9.05
N PHE A 42 -11.85 7.16 -9.37
CA PHE A 42 -11.79 8.52 -9.98
C PHE A 42 -12.79 9.43 -9.29
N LYS A 43 -12.32 10.39 -8.54
CA LYS A 43 -13.24 11.32 -7.83
C LYS A 43 -12.42 12.39 -7.09
N ASP A 44 -13.06 13.46 -6.69
CA ASP A 44 -12.33 14.53 -5.96
C ASP A 44 -11.42 15.29 -6.93
N GLY A 45 -11.48 14.96 -8.20
CA GLY A 45 -10.62 15.67 -9.19
C GLY A 45 -9.29 14.95 -9.33
N ILE A 46 -8.94 14.11 -8.39
CA ILE A 46 -7.65 13.38 -8.46
C ILE A 46 -7.93 11.88 -8.58
N PHE A 47 -7.04 11.05 -8.11
CA PHE A 47 -7.28 9.58 -8.21
C PHE A 47 -7.49 9.02 -6.80
N LYS A 48 -8.08 7.87 -6.69
CA LYS A 48 -8.32 7.28 -5.34
C LYS A 48 -7.77 5.85 -5.30
N VAL A 49 -7.36 5.41 -4.14
CA VAL A 49 -6.82 4.02 -4.03
C VAL A 49 -7.53 3.30 -2.87
N ARG A 50 -8.26 2.27 -3.16
CA ARG A 50 -8.98 1.54 -2.08
C ARG A 50 -8.20 0.27 -1.73
N LEU A 51 -7.90 0.07 -0.47
CA LEU A 51 -7.14 -1.15 -0.07
C LEU A 51 -8.13 -2.23 0.37
N LEU A 52 -8.78 -2.87 -0.56
CA LEU A 52 -9.75 -3.94 -0.19
C LEU A 52 -9.02 -5.02 0.62
N GLY A 53 -9.77 -5.84 1.32
CA GLY A 53 -9.12 -6.91 2.13
C GLY A 53 -8.79 -6.37 3.52
N TYR A 54 -8.27 -5.18 3.59
CA TYR A 54 -7.91 -4.60 4.92
C TYR A 54 -9.13 -3.92 5.52
N GLU A 55 -10.01 -3.41 4.71
CA GLU A 55 -11.22 -2.73 5.24
C GLU A 55 -10.79 -1.54 6.11
N GLY A 56 -11.56 -0.49 6.11
CA GLY A 56 -11.18 0.69 6.93
C GLY A 56 -9.88 1.28 6.39
N HIS A 57 -9.46 0.86 5.24
CA HIS A 57 -8.20 1.40 4.66
C HIS A 57 -8.50 2.13 3.36
N GLU A 58 -8.90 3.37 3.46
CA GLU A 58 -9.22 4.15 2.24
C GLU A 58 -8.05 5.06 1.88
N CYS A 59 -7.31 4.72 0.86
CA CYS A 59 -6.15 5.57 0.47
C CYS A 59 -6.55 6.45 -0.71
N ILE A 60 -5.70 7.36 -1.10
CA ILE A 60 -6.02 8.25 -2.25
C ILE A 60 -4.77 8.43 -3.11
N LEU A 61 -4.92 8.44 -4.41
CA LEU A 61 -3.73 8.61 -5.29
C LEU A 61 -3.63 10.08 -5.72
N LEU A 62 -2.57 10.73 -5.32
CA LEU A 62 -2.40 12.17 -5.69
C LEU A 62 -1.02 12.38 -6.33
N ASP A 63 -0.04 11.63 -5.91
CA ASP A 63 1.32 11.79 -6.48
C ASP A 63 1.33 11.29 -7.93
N TYR A 64 0.77 10.14 -8.18
CA TYR A 64 0.75 9.60 -9.57
C TYR A 64 0.38 10.72 -10.55
N LEU A 65 -0.40 11.67 -10.11
CA LEU A 65 -0.79 12.78 -11.01
C LEU A 65 0.47 13.49 -11.53
N ASN A 66 1.15 14.20 -10.68
CA ASN A 66 2.38 14.91 -11.12
C ASN A 66 2.08 15.72 -12.38
N TYR A 67 3.09 16.07 -13.14
CA TYR A 67 2.86 16.86 -14.37
C TYR A 67 2.97 15.95 -15.59
N ARG A 68 2.31 16.28 -16.66
CA ARG A 68 2.39 15.43 -17.89
C ARG A 68 1.60 16.10 -19.02
N GLN A 69 1.72 15.57 -20.21
CA GLN A 69 0.99 16.17 -21.37
C GLN A 69 -0.51 16.10 -21.10
N ASP A 70 -1.30 16.74 -21.92
CA ASP A 70 -2.78 16.71 -21.72
C ASP A 70 -3.38 15.54 -22.48
N THR A 71 -3.13 14.33 -22.03
CA THR A 71 -3.69 13.14 -22.73
C THR A 71 -5.21 13.22 -22.76
N LEU A 72 -5.82 12.90 -23.87
CA LEU A 72 -7.30 12.97 -23.96
C LEU A 72 -7.91 12.33 -22.71
N ASP A 73 -7.26 11.36 -22.15
CA ASP A 73 -7.80 10.70 -20.93
C ASP A 73 -9.02 9.84 -21.31
N ARG A 74 -9.31 9.75 -22.58
CA ARG A 74 -10.48 8.93 -23.00
C ARG A 74 -10.24 7.47 -22.64
N LEU A 75 -9.14 6.91 -23.07
CA LEU A 75 -8.84 5.50 -22.75
C LEU A 75 -8.42 5.38 -21.28
N LYS A 76 -7.88 6.44 -20.73
CA LYS A 76 -7.44 6.41 -19.31
C LYS A 76 -8.68 6.28 -18.40
N GLU A 77 -9.79 6.83 -18.81
CA GLU A 77 -11.01 6.75 -17.97
C GLU A 77 -11.47 5.29 -17.87
N ARG A 78 -11.28 4.54 -18.92
CA ARG A 78 -11.70 3.10 -18.89
C ARG A 78 -10.68 2.29 -18.09
N LEU A 79 -9.42 2.60 -18.22
CA LEU A 79 -8.39 1.84 -17.48
C LEU A 79 -8.54 2.08 -15.98
N VAL A 80 -8.92 3.27 -15.59
CA VAL A 80 -9.10 3.56 -14.14
C VAL A 80 -9.81 2.39 -13.47
N GLY A 81 -9.75 2.32 -12.17
CA GLY A 81 -10.43 1.20 -11.46
C GLY A 81 -9.50 -0.01 -11.42
N ARG A 82 -8.90 -0.36 -12.53
CA ARG A 82 -7.99 -1.53 -12.57
C ARG A 82 -7.12 -1.57 -11.31
N VAL A 83 -6.52 -2.69 -11.02
CA VAL A 83 -5.66 -2.78 -9.81
C VAL A 83 -4.20 -2.63 -10.22
N ILE A 84 -3.40 -1.99 -9.40
CA ILE A 84 -1.97 -1.81 -9.77
C ILE A 84 -1.12 -1.78 -8.49
N LYS A 85 0.18 -1.74 -8.63
CA LYS A 85 1.06 -1.71 -7.43
C LYS A 85 1.60 -0.29 -7.24
N THR A 86 1.10 0.42 -6.26
CA THR A 86 1.59 1.81 -6.03
C THR A 86 2.36 1.86 -4.71
N ARG A 87 2.93 2.99 -4.39
CA ARG A 87 3.70 3.11 -3.11
C ARG A 87 2.83 3.75 -2.04
N VAL A 88 3.17 3.56 -0.79
CA VAL A 88 2.37 4.16 0.31
C VAL A 88 3.03 5.46 0.75
N VAL A 89 2.33 6.56 0.60
CA VAL A 89 2.91 7.87 1.00
C VAL A 89 2.85 8.03 2.52
N ARG A 90 1.76 7.64 3.13
CA ARG A 90 1.66 7.78 4.61
C ARG A 90 0.26 7.33 5.05
N ALA A 91 0.18 6.17 5.65
CA ALA A 91 -1.15 5.67 6.12
C ALA A 91 -1.31 5.98 7.60
N ASP A 92 -2.45 6.48 8.00
CA ASP A 92 -2.66 6.80 9.44
C ASP A 92 -3.97 6.16 9.93
N GLY A 93 -4.98 6.14 9.10
CA GLY A 93 -6.27 5.54 9.53
C GLY A 93 -7.12 5.24 8.30
N LEU A 94 -8.39 5.58 8.35
CA LEU A 94 -9.28 5.32 7.18
C LEU A 94 -8.79 6.13 5.98
N TYR A 95 -7.98 7.12 6.20
CA TYR A 95 -7.48 7.94 5.06
C TYR A 95 -5.97 7.75 4.93
N VAL A 96 -5.50 7.48 3.73
CA VAL A 96 -4.03 7.28 3.54
C VAL A 96 -3.59 7.99 2.26
N ASP A 97 -2.33 8.31 2.16
CA ASP A 97 -1.84 9.00 0.94
C ASP A 97 -1.20 7.95 0.01
N LEU A 98 -1.30 8.13 -1.28
CA LEU A 98 -0.72 7.13 -2.21
C LEU A 98 0.06 7.83 -3.33
N ARG A 99 1.21 7.32 -3.66
CA ARG A 99 2.03 7.95 -4.74
C ARG A 99 2.59 6.84 -5.64
N ARG A 100 2.33 6.92 -6.91
CA ARG A 100 2.86 5.89 -7.85
C ARG A 100 4.37 6.07 -8.01
N PHE A 101 5.14 5.02 -7.79
CA PHE A 101 6.61 5.15 -7.94
C PHE A 101 7.00 4.90 -9.39
N PHE A 102 8.25 5.13 -9.72
CA PHE A 102 8.70 4.91 -11.13
C PHE A 102 9.23 3.48 -11.27
N MET A 1 37.39 -28.75 32.18
CA MET A 1 38.41 -28.05 31.35
C MET A 1 37.82 -26.75 30.80
N THR A 2 37.47 -25.84 31.66
CA THR A 2 36.88 -24.56 31.19
C THR A 2 37.46 -23.39 31.99
N VAL A 3 38.76 -23.35 32.15
CA VAL A 3 39.37 -22.24 32.93
C VAL A 3 38.92 -20.91 32.34
N ILE A 4 38.91 -20.80 31.03
CA ILE A 4 38.47 -19.52 30.40
C ILE A 4 37.31 -19.80 29.45
N LYS A 5 36.50 -18.81 29.17
CA LYS A 5 35.35 -19.02 28.25
C LYS A 5 35.76 -18.63 26.83
N PRO A 6 34.91 -18.99 25.89
CA PRO A 6 35.15 -18.69 24.46
C PRO A 6 34.82 -17.23 24.16
N SER A 7 35.80 -16.46 23.74
CA SER A 7 35.54 -15.03 23.43
C SER A 7 34.80 -14.92 22.10
N SER A 8 34.39 -13.73 21.74
CA SER A 8 33.66 -13.55 20.45
C SER A 8 34.04 -12.21 19.83
N ARG A 9 34.57 -12.23 18.64
CA ARG A 9 34.97 -10.95 17.98
C ARG A 9 34.78 -11.08 16.46
N PRO A 10 33.57 -10.82 16.03
CA PRO A 10 33.22 -10.90 14.59
C PRO A 10 33.71 -9.65 13.86
N ARG A 11 33.27 -9.45 12.64
CA ARG A 11 33.71 -8.26 11.88
C ARG A 11 33.08 -7.00 12.47
N PRO A 12 33.78 -5.91 12.38
CA PRO A 12 33.32 -4.61 12.91
C PRO A 12 32.28 -3.99 11.96
N ARG A 13 31.02 -4.19 12.25
CA ARG A 13 29.96 -3.62 11.36
C ARG A 13 29.82 -2.12 11.65
N LYS A 14 30.37 -1.29 10.81
CA LYS A 14 30.27 0.18 11.04
C LYS A 14 28.92 0.68 10.50
N ASN A 15 28.82 0.89 9.22
CA ASN A 15 27.53 1.37 8.65
C ASN A 15 27.58 1.27 7.12
N LYS A 16 26.90 0.29 6.57
CA LYS A 16 26.91 0.12 5.10
C LYS A 16 25.88 -0.94 4.70
N ASN A 17 26.17 -2.19 4.96
CA ASN A 17 25.21 -3.27 4.60
C ASN A 17 24.69 -3.05 3.19
N ILE A 18 25.54 -3.13 2.20
CA ILE A 18 25.09 -2.93 0.80
C ILE A 18 24.93 -4.30 0.12
N LYS A 19 25.52 -5.31 0.69
CA LYS A 19 25.40 -6.68 0.08
C LYS A 19 24.85 -7.65 1.13
N VAL A 20 24.73 -7.22 2.36
CA VAL A 20 24.20 -8.12 3.42
C VAL A 20 22.68 -7.95 3.51
N ASN A 21 21.97 -8.28 2.47
CA ASN A 21 20.48 -8.12 2.51
C ASN A 21 19.83 -9.46 2.13
N THR A 22 19.52 -10.27 3.11
CA THR A 22 18.88 -11.58 2.80
C THR A 22 17.53 -11.67 3.51
N TYR A 23 16.72 -10.65 3.38
CA TYR A 23 15.38 -10.68 4.06
C TYR A 23 14.39 -11.45 3.19
N ARG A 24 13.67 -12.37 3.77
CA ARG A 24 12.68 -13.16 2.97
C ARG A 24 11.26 -12.74 3.36
N THR A 25 11.05 -12.41 4.60
CA THR A 25 9.68 -11.99 5.04
C THR A 25 9.69 -10.52 5.43
N SER A 26 8.88 -9.72 4.79
CA SER A 26 8.84 -8.28 5.14
C SER A 26 7.40 -7.87 5.49
N ALA A 27 6.90 -8.33 6.60
CA ALA A 27 5.51 -7.98 7.00
C ALA A 27 5.52 -7.38 8.41
N MET A 28 6.09 -6.22 8.57
CA MET A 28 6.14 -5.59 9.91
C MET A 28 5.22 -4.36 9.94
N ASP A 29 3.94 -4.57 9.97
CA ASP A 29 2.99 -3.42 9.99
C ASP A 29 3.14 -2.63 8.69
N LEU A 30 2.41 -1.56 8.54
CA LEU A 30 2.50 -0.75 7.30
C LEU A 30 3.56 0.33 7.48
N SER A 31 4.47 0.46 6.54
CA SER A 31 5.53 1.49 6.66
C SER A 31 5.55 2.33 5.37
N PRO A 32 6.13 3.51 5.47
CA PRO A 32 6.24 4.43 4.33
C PRO A 32 7.38 4.00 3.40
N GLY A 33 7.14 4.00 2.13
CA GLY A 33 8.21 3.59 1.17
C GLY A 33 8.01 2.12 0.77
N SER A 34 6.99 1.85 0.00
CA SER A 34 6.73 0.45 -0.43
C SER A 34 5.65 0.43 -1.51
N VAL A 35 5.59 -0.62 -2.28
CA VAL A 35 4.55 -0.70 -3.35
C VAL A 35 3.49 -1.73 -2.95
N HIS A 36 2.28 -1.53 -3.37
CA HIS A 36 1.19 -2.50 -3.00
C HIS A 36 0.11 -2.51 -4.08
N GLU A 37 -0.74 -3.49 -4.05
CA GLU A 37 -1.84 -3.55 -5.07
C GLU A 37 -3.13 -3.01 -4.46
N GLY A 38 -3.99 -2.45 -5.26
CA GLY A 38 -5.27 -1.90 -4.72
C GLY A 38 -6.21 -1.55 -5.86
N ILE A 39 -7.39 -1.12 -5.56
CA ILE A 39 -8.36 -0.76 -6.63
C ILE A 39 -8.30 0.75 -6.85
N VAL A 40 -8.55 1.20 -8.05
CA VAL A 40 -8.47 2.66 -8.31
C VAL A 40 -9.87 3.30 -8.26
N TYR A 41 -9.92 4.60 -8.19
CA TYR A 41 -11.24 5.29 -8.14
C TYR A 41 -11.11 6.67 -8.79
N PHE A 42 -12.09 7.09 -9.54
CA PHE A 42 -12.01 8.42 -10.20
C PHE A 42 -12.80 9.44 -9.39
N LYS A 43 -12.12 10.33 -8.71
CA LYS A 43 -12.84 11.36 -7.90
C LYS A 43 -13.01 12.63 -8.73
N ASP A 44 -13.77 13.57 -8.24
CA ASP A 44 -13.97 14.84 -9.00
C ASP A 44 -12.88 15.84 -8.62
N GLY A 45 -11.91 15.41 -7.86
CA GLY A 45 -10.82 16.33 -7.45
C GLY A 45 -9.46 15.64 -7.60
N ILE A 46 -9.40 14.36 -7.35
CA ILE A 46 -8.11 13.63 -7.48
C ILE A 46 -8.40 12.14 -7.68
N PHE A 47 -7.45 11.29 -7.41
CA PHE A 47 -7.67 9.83 -7.59
C PHE A 47 -7.83 9.17 -6.22
N LYS A 48 -8.48 8.04 -6.17
CA LYS A 48 -8.67 7.34 -4.86
C LYS A 48 -8.24 5.88 -4.99
N VAL A 49 -7.79 5.29 -3.91
CA VAL A 49 -7.35 3.87 -3.97
C VAL A 49 -7.93 3.11 -2.78
N ARG A 50 -8.71 2.08 -3.02
CA ARG A 50 -9.31 1.31 -1.90
C ARG A 50 -8.48 0.04 -1.67
N LEU A 51 -8.05 -0.19 -0.46
CA LEU A 51 -7.25 -1.41 -0.18
C LEU A 51 -8.17 -2.55 0.28
N LEU A 52 -8.89 -3.14 -0.64
CA LEU A 52 -9.81 -4.25 -0.26
C LEU A 52 -9.00 -5.37 0.42
N GLY A 53 -9.38 -5.74 1.62
CA GLY A 53 -8.63 -6.83 2.32
C GLY A 53 -8.34 -6.39 3.76
N TYR A 54 -7.96 -5.15 3.94
CA TYR A 54 -7.66 -4.66 5.31
C TYR A 54 -8.96 -4.24 6.00
N GLU A 55 -9.99 -4.00 5.24
CA GLU A 55 -11.29 -3.58 5.86
C GLU A 55 -11.12 -2.25 6.59
N GLY A 56 -11.31 -1.16 5.91
CA GLY A 56 -11.15 0.17 6.56
C GLY A 56 -9.88 0.87 6.07
N HIS A 57 -9.44 0.52 4.89
CA HIS A 57 -8.20 1.17 4.35
C HIS A 57 -8.56 2.12 3.21
N GLU A 58 -8.78 3.37 3.52
CA GLU A 58 -9.13 4.34 2.45
C GLU A 58 -7.92 5.22 2.14
N CYS A 59 -7.39 5.12 0.96
CA CYS A 59 -6.20 5.94 0.60
C CYS A 59 -6.57 6.91 -0.52
N ILE A 60 -5.77 7.92 -0.74
CA ILE A 60 -6.06 8.90 -1.81
C ILE A 60 -4.82 9.09 -2.68
N LEU A 61 -4.93 8.90 -3.96
CA LEU A 61 -3.74 9.08 -4.84
C LEU A 61 -3.77 10.46 -5.48
N LEU A 62 -2.75 11.23 -5.25
CA LEU A 62 -2.69 12.60 -5.83
C LEU A 62 -1.24 12.94 -6.16
N ASP A 63 -0.30 12.50 -5.37
CA ASP A 63 1.12 12.81 -5.64
C ASP A 63 1.46 12.38 -7.07
N TYR A 64 0.80 11.35 -7.55
CA TYR A 64 1.07 10.87 -8.94
C TYR A 64 1.21 12.09 -9.87
N LEU A 65 0.27 12.98 -9.83
CA LEU A 65 0.36 14.18 -10.71
C LEU A 65 1.69 14.89 -10.46
N ASN A 66 1.83 15.55 -9.34
CA ASN A 66 3.11 16.25 -9.03
C ASN A 66 3.60 16.98 -10.27
N TYR A 67 2.72 17.64 -10.97
CA TYR A 67 3.14 18.38 -12.20
C TYR A 67 1.96 19.18 -12.74
N ARG A 68 1.54 20.19 -12.04
CA ARG A 68 0.40 21.02 -12.51
C ARG A 68 0.70 21.54 -13.91
N GLN A 69 0.04 21.01 -14.91
CA GLN A 69 0.28 21.49 -16.30
C GLN A 69 -0.77 20.91 -17.24
N ASP A 70 -0.60 19.69 -17.67
CA ASP A 70 -1.59 19.07 -18.59
C ASP A 70 -1.55 17.54 -18.43
N THR A 71 -2.52 16.86 -18.99
CA THR A 71 -2.54 15.37 -18.87
C THR A 71 -3.83 14.84 -19.50
N LEU A 72 -3.74 13.78 -20.26
CA LEU A 72 -4.96 13.22 -20.90
C LEU A 72 -5.44 11.99 -20.11
N ASP A 73 -4.71 11.59 -19.10
CA ASP A 73 -5.13 10.41 -18.31
C ASP A 73 -5.54 9.28 -19.25
N ARG A 74 -4.73 8.98 -20.23
CA ARG A 74 -5.08 7.89 -21.19
C ARG A 74 -5.04 6.55 -20.46
N LEU A 75 -4.19 6.41 -19.48
CA LEU A 75 -4.11 5.11 -18.74
C LEU A 75 -5.38 4.92 -17.91
N LYS A 76 -5.81 5.93 -17.21
CA LYS A 76 -7.04 5.81 -16.38
C LYS A 76 -8.25 5.62 -17.30
N GLU A 77 -8.19 6.14 -18.49
CA GLU A 77 -9.33 5.99 -19.43
C GLU A 77 -9.44 4.53 -19.86
N ARG A 78 -8.34 3.84 -19.95
CA ARG A 78 -8.39 2.41 -20.36
C ARG A 78 -9.46 1.69 -19.55
N LEU A 79 -9.37 1.74 -18.25
CA LEU A 79 -10.40 1.05 -17.41
C LEU A 79 -10.22 1.46 -15.94
N VAL A 80 -10.33 2.73 -15.65
CA VAL A 80 -10.16 3.19 -14.25
C VAL A 80 -10.93 2.24 -13.33
N GLY A 81 -10.68 2.34 -12.05
CA GLY A 81 -11.40 1.44 -11.09
C GLY A 81 -10.67 0.10 -11.00
N ARG A 82 -10.26 -0.45 -12.12
CA ARG A 82 -9.56 -1.76 -12.11
C ARG A 82 -8.49 -1.79 -11.01
N VAL A 83 -7.81 -2.89 -10.88
CA VAL A 83 -6.76 -3.00 -9.83
C VAL A 83 -5.41 -2.70 -10.45
N ILE A 84 -4.53 -2.10 -9.69
CA ILE A 84 -3.20 -1.75 -10.24
C ILE A 84 -2.20 -1.61 -9.08
N LYS A 85 -0.95 -1.40 -9.40
CA LYS A 85 0.07 -1.25 -8.33
C LYS A 85 0.39 0.23 -8.13
N THR A 86 0.63 0.65 -6.92
CA THR A 86 0.94 2.09 -6.69
C THR A 86 1.92 2.20 -5.52
N ARG A 87 2.38 3.40 -5.24
CA ARG A 87 3.35 3.58 -4.11
C ARG A 87 2.61 4.14 -2.90
N VAL A 88 3.11 3.88 -1.73
CA VAL A 88 2.43 4.40 -0.50
C VAL A 88 3.11 5.69 -0.05
N VAL A 89 2.38 6.75 0.06
CA VAL A 89 2.99 8.04 0.48
C VAL A 89 3.10 8.09 2.00
N ARG A 90 2.12 7.59 2.70
CA ARG A 90 2.18 7.63 4.19
C ARG A 90 0.85 7.14 4.76
N ALA A 91 0.82 5.95 5.28
CA ALA A 91 -0.44 5.43 5.87
C ALA A 91 -0.49 5.76 7.36
N ASP A 92 -1.56 6.38 7.81
CA ASP A 92 -1.66 6.73 9.25
C ASP A 92 -2.81 5.97 9.89
N GLY A 93 -3.97 6.02 9.29
CA GLY A 93 -5.14 5.30 9.87
C GLY A 93 -6.14 4.98 8.74
N LEU A 94 -7.37 5.39 8.90
CA LEU A 94 -8.38 5.10 7.85
C LEU A 94 -8.04 5.89 6.58
N TYR A 95 -7.43 7.04 6.73
CA TYR A 95 -7.06 7.86 5.53
C TYR A 95 -5.56 7.75 5.29
N VAL A 96 -5.17 7.53 4.06
CA VAL A 96 -3.70 7.40 3.76
C VAL A 96 -3.36 8.20 2.51
N ASP A 97 -2.09 8.47 2.31
CA ASP A 97 -1.66 9.23 1.10
C ASP A 97 -1.17 8.24 0.04
N LEU A 98 -1.30 8.57 -1.21
CA LEU A 98 -0.85 7.62 -2.27
C LEU A 98 -0.11 8.35 -3.38
N ARG A 99 1.01 7.81 -3.81
CA ARG A 99 1.80 8.44 -4.91
C ARG A 99 2.08 7.38 -5.97
N ARG A 100 1.71 7.64 -7.21
CA ARG A 100 1.95 6.64 -8.28
C ARG A 100 3.17 7.03 -9.10
N PHE A 101 3.77 6.08 -9.78
CA PHE A 101 4.97 6.39 -10.60
C PHE A 101 5.62 5.09 -11.08
N PHE A 102 5.89 4.97 -12.35
CA PHE A 102 6.50 3.73 -12.87
C PHE A 102 7.99 3.70 -12.48
N MET A 1 -13.67 13.49 37.60
CA MET A 1 -12.94 14.11 36.46
C MET A 1 -13.93 14.37 35.31
N THR A 2 -13.47 14.97 34.25
CA THR A 2 -14.37 15.26 33.10
C THR A 2 -13.54 15.47 31.83
N VAL A 3 -13.44 14.47 31.01
CA VAL A 3 -12.64 14.62 29.75
C VAL A 3 -13.39 13.95 28.59
N ILE A 4 -13.31 14.52 27.42
CA ILE A 4 -14.02 13.92 26.25
C ILE A 4 -13.35 12.60 25.88
N LYS A 5 -14.00 11.78 25.11
CA LYS A 5 -13.41 10.47 24.73
C LYS A 5 -13.83 10.12 23.30
N PRO A 6 -13.46 10.95 22.37
CA PRO A 6 -13.78 10.76 20.95
C PRO A 6 -12.85 9.71 20.34
N SER A 7 -13.12 8.46 20.56
CA SER A 7 -12.26 7.39 19.99
C SER A 7 -10.83 7.53 20.54
N SER A 8 -9.90 6.81 19.98
CA SER A 8 -8.50 6.90 20.46
C SER A 8 -8.42 6.48 21.93
N ARG A 9 -7.65 5.46 22.22
CA ARG A 9 -7.54 4.99 23.63
C ARG A 9 -8.93 4.79 24.23
N PRO A 10 -9.60 3.76 23.76
CA PRO A 10 -10.96 3.42 24.23
C PRO A 10 -10.89 2.71 25.59
N ARG A 11 -10.15 1.65 25.69
CA ARG A 11 -10.05 0.92 26.99
C ARG A 11 -11.40 0.27 27.32
N PRO A 12 -11.55 -0.97 26.91
CA PRO A 12 -12.77 -1.75 27.14
C PRO A 12 -12.81 -2.26 28.58
N ARG A 13 -13.72 -3.15 28.88
CA ARG A 13 -13.80 -3.69 30.26
C ARG A 13 -13.63 -5.21 30.23
N LYS A 14 -12.42 -5.68 30.39
CA LYS A 14 -12.18 -7.16 30.38
C LYS A 14 -12.23 -7.66 28.93
N ASN A 15 -11.17 -7.47 28.20
CA ASN A 15 -11.15 -7.94 26.77
C ASN A 15 -10.15 -9.08 26.63
N LYS A 16 -10.55 -10.17 26.03
CA LYS A 16 -9.62 -11.32 25.86
C LYS A 16 -10.12 -12.22 24.74
N ASN A 17 -10.51 -11.66 23.63
CA ASN A 17 -11.00 -12.49 22.51
C ASN A 17 -10.23 -12.16 21.23
N ILE A 18 -9.25 -12.94 20.88
CA ILE A 18 -8.47 -12.66 19.65
C ILE A 18 -8.43 -13.91 18.77
N LYS A 19 -9.51 -14.19 18.08
CA LYS A 19 -9.54 -15.39 17.20
C LYS A 19 -10.29 -15.07 15.91
N VAL A 20 -10.29 -13.83 15.50
CA VAL A 20 -11.01 -13.45 14.25
C VAL A 20 -10.32 -12.26 13.60
N ASN A 21 -9.89 -12.40 12.37
CA ASN A 21 -9.22 -11.27 11.68
C ASN A 21 -8.01 -10.81 12.50
N THR A 22 -6.98 -11.62 12.56
CA THR A 22 -5.77 -11.22 13.35
C THR A 22 -4.58 -11.11 12.40
N TYR A 23 -4.17 -12.20 11.81
CA TYR A 23 -3.00 -12.14 10.88
C TYR A 23 -1.78 -11.58 11.60
N ARG A 24 -1.28 -12.29 12.57
CA ARG A 24 -0.08 -11.79 13.31
C ARG A 24 -0.42 -10.45 13.99
N THR A 25 0.56 -9.80 14.55
CA THR A 25 0.29 -8.50 15.22
C THR A 25 1.51 -7.59 15.07
N SER A 26 2.23 -7.72 13.99
CA SER A 26 3.44 -6.87 13.78
C SER A 26 3.24 -6.00 12.54
N ALA A 27 2.13 -5.32 12.45
CA ALA A 27 1.88 -4.46 11.26
C ALA A 27 0.50 -3.83 11.37
N MET A 28 0.42 -2.63 11.86
CA MET A 28 -0.90 -1.96 11.99
C MET A 28 -1.01 -0.81 10.97
N ASP A 29 0.09 -0.38 10.44
CA ASP A 29 0.04 0.73 9.44
C ASP A 29 0.85 0.35 8.20
N LEU A 30 0.92 1.21 7.23
CA LEU A 30 1.69 0.90 5.99
C LEU A 30 3.06 1.57 6.07
N SER A 31 4.11 0.81 5.89
CA SER A 31 5.48 1.40 5.95
C SER A 31 5.56 2.58 4.96
N PRO A 32 6.23 3.62 5.39
CA PRO A 32 6.40 4.83 4.57
C PRO A 32 7.48 4.61 3.50
N GLY A 33 7.09 4.18 2.34
CA GLY A 33 8.09 3.94 1.25
C GLY A 33 8.01 2.49 0.77
N SER A 34 6.89 1.84 0.98
CA SER A 34 6.76 0.43 0.54
C SER A 34 5.79 0.36 -0.65
N VAL A 35 5.77 -0.76 -1.34
CA VAL A 35 4.85 -0.89 -2.49
C VAL A 35 3.66 -1.76 -2.11
N HIS A 36 2.57 -1.64 -2.82
CA HIS A 36 1.37 -2.47 -2.48
C HIS A 36 0.42 -2.51 -3.67
N GLU A 37 -0.44 -3.49 -3.71
CA GLU A 37 -1.41 -3.59 -4.84
C GLU A 37 -2.80 -3.16 -4.36
N GLY A 38 -3.40 -2.20 -5.02
CA GLY A 38 -4.74 -1.74 -4.59
C GLY A 38 -5.63 -1.49 -5.82
N ILE A 39 -6.87 -1.15 -5.61
CA ILE A 39 -7.77 -0.90 -6.77
C ILE A 39 -7.81 0.60 -7.04
N VAL A 40 -8.34 1.00 -8.17
CA VAL A 40 -8.37 2.46 -8.48
C VAL A 40 -9.80 3.00 -8.40
N TYR A 41 -9.94 4.28 -8.22
CA TYR A 41 -11.30 4.90 -8.13
C TYR A 41 -11.20 6.36 -8.59
N PHE A 42 -12.26 6.91 -9.11
CA PHE A 42 -12.20 8.33 -9.57
C PHE A 42 -12.92 9.23 -8.55
N LYS A 43 -12.25 10.24 -8.06
CA LYS A 43 -12.89 11.15 -7.07
C LYS A 43 -11.81 12.02 -6.41
N ASP A 44 -12.22 13.03 -5.71
CA ASP A 44 -11.22 13.93 -5.03
C ASP A 44 -10.45 14.72 -6.09
N GLY A 45 -11.07 15.02 -7.20
CA GLY A 45 -10.37 15.78 -8.27
C GLY A 45 -9.03 15.11 -8.57
N ILE A 46 -8.90 13.86 -8.24
CA ILE A 46 -7.63 13.14 -8.51
C ILE A 46 -7.92 11.63 -8.59
N PHE A 47 -7.07 10.80 -8.06
CA PHE A 47 -7.33 9.34 -8.12
C PHE A 47 -7.51 8.80 -6.70
N LYS A 48 -8.00 7.60 -6.58
CA LYS A 48 -8.20 7.02 -5.22
C LYS A 48 -7.84 5.54 -5.26
N VAL A 49 -7.25 5.03 -4.21
CA VAL A 49 -6.87 3.60 -4.18
C VAL A 49 -7.64 2.88 -3.08
N ARG A 50 -8.15 1.71 -3.35
CA ARG A 50 -8.92 0.96 -2.32
C ARG A 50 -8.09 -0.23 -1.83
N LEU A 51 -7.84 -0.32 -0.56
CA LEU A 51 -7.03 -1.47 -0.05
C LEU A 51 -7.96 -2.58 0.42
N LEU A 52 -8.66 -3.21 -0.50
CA LEU A 52 -9.59 -4.31 -0.10
C LEU A 52 -8.85 -5.30 0.79
N GLY A 53 -9.51 -5.84 1.78
CA GLY A 53 -8.85 -6.81 2.68
C GLY A 53 -8.61 -6.17 4.04
N TYR A 54 -7.96 -5.03 4.07
CA TYR A 54 -7.70 -4.35 5.37
C TYR A 54 -9.02 -3.86 5.96
N GLU A 55 -10.02 -3.69 5.15
CA GLU A 55 -11.34 -3.21 5.66
C GLU A 55 -11.17 -1.82 6.28
N GLY A 56 -11.84 -0.84 5.75
CA GLY A 56 -11.71 0.54 6.31
C GLY A 56 -10.36 1.14 5.90
N HIS A 57 -9.85 0.74 4.76
CA HIS A 57 -8.54 1.30 4.32
C HIS A 57 -8.74 2.08 3.02
N GLU A 58 -9.02 3.36 3.13
CA GLU A 58 -9.24 4.18 1.91
C GLU A 58 -8.01 5.05 1.65
N CYS A 59 -7.30 4.77 0.59
CA CYS A 59 -6.09 5.59 0.26
C CYS A 59 -6.44 6.57 -0.85
N ILE A 60 -5.61 7.55 -1.06
CA ILE A 60 -5.90 8.54 -2.15
C ILE A 60 -4.65 8.74 -3.00
N LEU A 61 -4.79 8.68 -4.29
CA LEU A 61 -3.59 8.87 -5.17
C LEU A 61 -3.54 10.30 -5.67
N LEU A 62 -2.51 11.02 -5.33
CA LEU A 62 -2.40 12.44 -5.77
C LEU A 62 -0.96 12.75 -6.19
N ASP A 63 0.00 12.24 -5.47
CA ASP A 63 1.42 12.50 -5.82
C ASP A 63 1.71 11.96 -7.23
N TYR A 64 1.04 10.90 -7.60
CA TYR A 64 1.29 10.32 -8.96
C TYR A 64 1.19 11.42 -10.00
N LEU A 65 0.39 12.43 -9.76
CA LEU A 65 0.25 13.53 -10.74
C LEU A 65 1.51 14.40 -10.71
N ASN A 66 1.79 15.02 -9.60
CA ASN A 66 3.00 15.88 -9.51
C ASN A 66 2.95 16.97 -10.58
N TYR A 67 4.08 17.44 -11.02
CA TYR A 67 4.09 18.50 -12.07
C TYR A 67 4.68 17.93 -13.36
N ARG A 68 5.70 17.13 -13.25
CA ARG A 68 6.32 16.55 -14.47
C ARG A 68 5.23 15.96 -15.36
N GLN A 69 4.49 15.01 -14.86
CA GLN A 69 3.40 14.40 -15.69
C GLN A 69 2.55 15.51 -16.30
N ASP A 70 1.88 15.23 -17.37
CA ASP A 70 1.04 16.26 -18.03
C ASP A 70 0.25 15.63 -19.19
N THR A 71 -0.88 15.05 -18.91
CA THR A 71 -1.67 14.42 -20.00
C THR A 71 -3.06 14.03 -19.46
N LEU A 72 -4.08 14.32 -20.21
CA LEU A 72 -5.46 13.97 -19.75
C LEU A 72 -5.64 12.45 -19.78
N ASP A 73 -4.93 11.78 -20.65
CA ASP A 73 -5.06 10.30 -20.74
C ASP A 73 -6.53 9.92 -20.92
N ARG A 74 -7.02 9.94 -22.13
CA ARG A 74 -8.44 9.59 -22.36
C ARG A 74 -8.60 8.07 -22.26
N LEU A 75 -7.58 7.33 -22.63
CA LEU A 75 -7.66 5.84 -22.54
C LEU A 75 -7.63 5.42 -21.08
N LYS A 76 -6.87 6.11 -20.28
CA LYS A 76 -6.78 5.75 -18.83
C LYS A 76 -8.17 5.81 -18.20
N GLU A 77 -9.05 6.60 -18.75
CA GLU A 77 -10.41 6.72 -18.18
C GLU A 77 -11.10 5.34 -18.20
N ARG A 78 -10.87 4.58 -19.24
CA ARG A 78 -11.52 3.24 -19.33
C ARG A 78 -10.79 2.22 -18.44
N LEU A 79 -9.51 2.38 -18.27
CA LEU A 79 -8.75 1.42 -17.43
C LEU A 79 -8.96 1.75 -15.95
N VAL A 80 -9.34 2.96 -15.65
CA VAL A 80 -9.56 3.33 -14.22
C VAL A 80 -10.32 2.21 -13.51
N GLY A 81 -10.26 2.20 -12.21
CA GLY A 81 -10.97 1.14 -11.43
C GLY A 81 -10.10 -0.11 -11.35
N ARG A 82 -9.54 -0.52 -12.46
CA ARG A 82 -8.68 -1.75 -12.46
C ARG A 82 -7.72 -1.70 -11.27
N VAL A 83 -7.01 -2.78 -11.04
CA VAL A 83 -6.05 -2.81 -9.91
C VAL A 83 -4.64 -2.54 -10.42
N ILE A 84 -3.80 -1.96 -9.61
CA ILE A 84 -2.41 -1.66 -10.06
C ILE A 84 -1.46 -1.65 -8.86
N LYS A 85 -0.18 -1.54 -9.11
CA LYS A 85 0.80 -1.51 -7.98
C LYS A 85 1.29 -0.08 -7.79
N THR A 86 0.98 0.50 -6.65
CA THR A 86 1.43 1.90 -6.38
C THR A 86 2.21 1.93 -5.07
N ARG A 87 2.76 3.06 -4.72
CA ARG A 87 3.54 3.16 -3.46
C ARG A 87 2.69 3.82 -2.37
N VAL A 88 3.02 3.60 -1.13
CA VAL A 88 2.24 4.21 -0.02
C VAL A 88 2.96 5.47 0.43
N VAL A 89 2.31 6.60 0.33
CA VAL A 89 2.97 7.87 0.74
C VAL A 89 2.94 8.04 2.26
N ARG A 90 1.87 7.64 2.89
CA ARG A 90 1.80 7.80 4.38
C ARG A 90 0.39 7.49 4.86
N ALA A 91 0.20 6.34 5.46
CA ALA A 91 -1.16 5.98 5.97
C ALA A 91 -1.32 6.51 7.39
N ASP A 92 -2.53 6.77 7.80
CA ASP A 92 -2.75 7.30 9.19
C ASP A 92 -4.23 7.21 9.54
N GLY A 93 -4.82 6.05 9.42
CA GLY A 93 -6.26 5.91 9.77
C GLY A 93 -7.06 5.51 8.52
N LEU A 94 -8.34 5.75 8.52
CA LEU A 94 -9.17 5.39 7.35
C LEU A 94 -8.66 6.13 6.11
N TYR A 95 -7.91 7.17 6.29
CA TYR A 95 -7.39 7.92 5.12
C TYR A 95 -5.89 7.65 4.94
N VAL A 96 -5.47 7.39 3.74
CA VAL A 96 -4.02 7.11 3.50
C VAL A 96 -3.55 7.90 2.28
N ASP A 97 -2.28 8.15 2.18
CA ASP A 97 -1.76 8.91 1.00
C ASP A 97 -1.20 7.91 -0.02
N LEU A 98 -1.22 8.26 -1.28
CA LEU A 98 -0.71 7.30 -2.31
C LEU A 98 0.07 8.05 -3.40
N ARG A 99 1.22 7.53 -3.76
CA ARG A 99 2.03 8.17 -4.83
C ARG A 99 2.46 7.09 -5.83
N ARG A 100 2.28 7.33 -7.10
CA ARG A 100 2.67 6.32 -8.11
C ARG A 100 3.99 6.73 -8.77
N PHE A 101 4.78 5.78 -9.16
CA PHE A 101 6.09 6.12 -9.80
C PHE A 101 6.47 5.02 -10.80
N PHE A 102 7.32 5.33 -11.74
CA PHE A 102 7.74 4.30 -12.74
C PHE A 102 8.95 3.54 -12.21
N MET A 1 1.59 -54.61 20.29
CA MET A 1 0.96 -53.33 19.86
C MET A 1 1.78 -52.16 20.41
N THR A 2 1.76 -51.04 19.74
CA THR A 2 2.54 -49.86 20.22
C THR A 2 1.62 -48.65 20.33
N VAL A 3 0.38 -48.86 20.69
CA VAL A 3 -0.56 -47.71 20.81
C VAL A 3 -1.77 -48.13 21.64
N ILE A 4 -1.78 -47.84 22.91
CA ILE A 4 -2.94 -48.23 23.76
C ILE A 4 -4.20 -47.53 23.26
N LYS A 5 -5.35 -48.08 23.55
CA LYS A 5 -6.61 -47.44 23.09
C LYS A 5 -6.48 -47.07 21.61
N PRO A 6 -6.72 -48.03 20.76
CA PRO A 6 -6.64 -47.84 19.29
C PRO A 6 -7.89 -47.11 18.78
N SER A 7 -7.72 -45.96 18.21
CA SER A 7 -8.90 -45.20 17.69
C SER A 7 -8.48 -43.77 17.32
N SER A 8 -9.22 -43.14 16.45
CA SER A 8 -8.88 -41.76 16.03
C SER A 8 -10.06 -41.16 15.27
N ARG A 9 -10.36 -39.91 15.50
CA ARG A 9 -11.50 -39.28 14.78
C ARG A 9 -11.57 -37.78 15.12
N PRO A 10 -10.53 -37.07 14.76
CA PRO A 10 -10.42 -35.63 15.00
C PRO A 10 -11.24 -34.84 13.96
N ARG A 11 -11.75 -33.70 14.35
CA ARG A 11 -12.55 -32.88 13.39
C ARG A 11 -12.36 -31.40 13.70
N PRO A 12 -11.13 -30.95 13.56
CA PRO A 12 -10.75 -29.55 13.83
C PRO A 12 -11.15 -28.66 12.65
N ARG A 13 -11.60 -27.46 12.92
CA ARG A 13 -12.00 -26.54 11.82
C ARG A 13 -10.90 -25.50 11.59
N LYS A 14 -9.70 -25.94 11.35
CA LYS A 14 -8.58 -24.96 11.14
C LYS A 14 -8.28 -24.24 12.45
N ASN A 15 -8.18 -24.97 13.53
CA ASN A 15 -7.88 -24.32 14.84
C ASN A 15 -8.94 -23.25 15.13
N LYS A 16 -8.67 -22.38 16.08
CA LYS A 16 -9.66 -21.31 16.41
C LYS A 16 -10.27 -20.74 15.13
N ASN A 17 -9.51 -20.05 14.35
CA ASN A 17 -10.05 -19.46 13.09
C ASN A 17 -9.06 -19.69 11.94
N ILE A 18 -8.17 -18.76 11.72
CA ILE A 18 -7.18 -18.92 10.62
C ILE A 18 -5.88 -18.20 10.98
N LYS A 19 -4.78 -18.89 10.96
CA LYS A 19 -3.49 -18.24 11.31
C LYS A 19 -2.34 -19.19 10.98
N VAL A 20 -2.46 -19.92 9.90
CA VAL A 20 -1.37 -20.89 9.53
C VAL A 20 -0.65 -20.38 8.28
N ASN A 21 -1.10 -19.29 7.72
CA ASN A 21 -0.44 -18.74 6.50
C ASN A 21 0.44 -17.55 6.88
N THR A 22 0.84 -17.46 8.12
CA THR A 22 1.69 -16.32 8.56
C THR A 22 2.71 -16.80 9.58
N TYR A 23 3.87 -16.21 9.60
CA TYR A 23 4.91 -16.64 10.59
C TYR A 23 4.91 -15.68 11.78
N ARG A 24 5.48 -16.08 12.88
CA ARG A 24 5.51 -15.19 14.07
C ARG A 24 6.96 -14.86 14.43
N THR A 25 7.67 -14.26 13.52
CA THR A 25 9.10 -13.90 13.80
C THR A 25 9.53 -12.77 12.88
N SER A 26 9.15 -12.80 11.64
CA SER A 26 9.55 -11.72 10.70
C SER A 26 8.29 -11.08 10.11
N ALA A 27 7.44 -10.54 10.94
CA ALA A 27 6.20 -9.89 10.42
C ALA A 27 6.56 -8.59 9.72
N MET A 28 5.70 -8.10 8.87
CA MET A 28 5.99 -6.83 8.15
C MET A 28 5.08 -5.72 8.69
N ASP A 29 5.64 -4.59 9.02
CA ASP A 29 4.81 -3.47 9.56
C ASP A 29 4.58 -2.43 8.46
N LEU A 30 3.71 -1.50 8.69
CA LEU A 30 3.44 -0.46 7.65
C LEU A 30 4.49 0.64 7.75
N SER A 31 4.58 1.49 6.76
CA SER A 31 5.59 2.59 6.80
C SER A 31 5.72 3.20 5.40
N PRO A 32 6.36 4.35 5.35
CA PRO A 32 6.58 5.08 4.10
C PRO A 32 7.73 4.45 3.30
N GLY A 33 7.68 4.52 2.00
CA GLY A 33 8.77 3.93 1.18
C GLY A 33 8.47 2.44 0.94
N SER A 34 7.24 2.11 0.67
CA SER A 34 6.89 0.68 0.42
C SER A 34 5.90 0.59 -0.73
N VAL A 35 5.67 -0.59 -1.23
CA VAL A 35 4.71 -0.76 -2.36
C VAL A 35 3.52 -1.60 -1.91
N HIS A 36 2.47 -1.65 -2.69
CA HIS A 36 1.28 -2.45 -2.29
C HIS A 36 0.30 -2.53 -3.47
N GLU A 37 -0.63 -3.45 -3.40
CA GLU A 37 -1.61 -3.59 -4.50
C GLU A 37 -2.97 -3.06 -4.02
N GLY A 38 -3.55 -2.14 -4.75
CA GLY A 38 -4.87 -1.58 -4.32
C GLY A 38 -5.75 -1.34 -5.55
N ILE A 39 -6.97 -0.93 -5.33
CA ILE A 39 -7.88 -0.67 -6.48
C ILE A 39 -7.88 0.83 -6.79
N VAL A 40 -8.18 1.20 -8.01
CA VAL A 40 -8.19 2.64 -8.36
C VAL A 40 -9.61 3.20 -8.33
N TYR A 41 -9.74 4.48 -8.15
CA TYR A 41 -11.10 5.10 -8.11
C TYR A 41 -10.99 6.56 -8.55
N PHE A 42 -11.96 7.04 -9.28
CA PHE A 42 -11.90 8.46 -9.74
C PHE A 42 -12.82 9.32 -8.87
N LYS A 43 -12.30 10.36 -8.26
CA LYS A 43 -13.15 11.22 -7.41
C LYS A 43 -12.31 12.35 -6.81
N ASP A 44 -12.93 13.46 -6.49
CA ASP A 44 -12.17 14.60 -5.91
C ASP A 44 -11.35 15.28 -6.99
N GLY A 45 -11.50 14.87 -8.22
CA GLY A 45 -10.72 15.50 -9.32
C GLY A 45 -9.37 14.79 -9.49
N ILE A 46 -8.93 14.10 -8.47
CA ILE A 46 -7.63 13.38 -8.59
C ILE A 46 -7.90 11.88 -8.65
N PHE A 47 -7.05 11.07 -8.06
CA PHE A 47 -7.29 9.60 -8.12
C PHE A 47 -7.48 9.07 -6.70
N LYS A 48 -7.90 7.84 -6.56
CA LYS A 48 -8.11 7.28 -5.20
C LYS A 48 -7.71 5.80 -5.18
N VAL A 49 -7.05 5.38 -4.14
CA VAL A 49 -6.64 3.96 -4.05
C VAL A 49 -7.38 3.30 -2.89
N ARG A 50 -8.37 2.50 -3.16
CA ARG A 50 -9.14 1.85 -2.05
C ARG A 50 -8.64 0.42 -1.85
N LEU A 51 -8.35 0.05 -0.63
CA LEU A 51 -7.87 -1.33 -0.36
C LEU A 51 -9.07 -2.21 0.04
N LEU A 52 -9.67 -2.88 -0.91
CA LEU A 52 -10.83 -3.75 -0.57
C LEU A 52 -10.33 -5.11 -0.08
N GLY A 53 -10.90 -5.62 0.98
CA GLY A 53 -10.46 -6.94 1.50
C GLY A 53 -9.38 -6.74 2.56
N TYR A 54 -8.94 -5.52 2.76
CA TYR A 54 -7.88 -5.27 3.78
C TYR A 54 -8.38 -4.23 4.78
N GLU A 55 -9.55 -4.42 5.34
CA GLU A 55 -10.09 -3.44 6.32
C GLU A 55 -10.60 -2.21 5.58
N GLY A 56 -10.92 -1.16 6.28
CA GLY A 56 -11.42 0.07 5.61
C GLY A 56 -10.23 0.88 5.09
N HIS A 57 -9.06 0.32 5.11
CA HIS A 57 -7.86 1.06 4.62
C HIS A 57 -8.21 1.82 3.34
N GLU A 58 -8.52 3.08 3.45
CA GLU A 58 -8.88 3.87 2.24
C GLU A 58 -7.77 4.88 1.95
N CYS A 59 -7.04 4.68 0.88
CA CYS A 59 -5.95 5.63 0.55
C CYS A 59 -6.37 6.52 -0.63
N ILE A 60 -5.64 7.56 -0.88
CA ILE A 60 -6.00 8.47 -2.01
C ILE A 60 -4.76 8.69 -2.88
N LEU A 61 -4.93 8.70 -4.18
CA LEU A 61 -3.77 8.91 -5.07
C LEU A 61 -3.71 10.37 -5.50
N LEU A 62 -2.67 11.07 -5.14
CA LEU A 62 -2.57 12.51 -5.52
C LEU A 62 -1.24 12.77 -6.23
N ASP A 63 -0.19 12.13 -5.78
CA ASP A 63 1.13 12.34 -6.42
C ASP A 63 1.08 11.84 -7.87
N TYR A 64 0.59 10.64 -8.08
CA TYR A 64 0.51 10.12 -9.47
C TYR A 64 -0.14 11.16 -10.37
N LEU A 65 -1.21 11.76 -9.92
CA LEU A 65 -1.88 12.80 -10.75
C LEU A 65 -0.89 13.91 -11.07
N ASN A 66 -0.25 14.47 -10.08
CA ASN A 66 0.73 15.54 -10.34
C ASN A 66 1.74 15.06 -11.38
N TYR A 67 2.37 15.98 -12.07
CA TYR A 67 3.37 15.56 -13.10
C TYR A 67 2.64 14.96 -14.31
N ARG A 68 2.66 15.65 -15.42
CA ARG A 68 1.98 15.13 -16.64
C ARG A 68 2.91 15.24 -17.84
N GLN A 69 2.38 15.16 -19.03
CA GLN A 69 3.24 15.27 -20.24
C GLN A 69 2.37 15.24 -21.49
N ASP A 70 1.37 16.07 -21.55
CA ASP A 70 0.49 16.09 -22.75
C ASP A 70 0.05 14.66 -23.08
N THR A 71 -1.10 14.26 -22.61
CA THR A 71 -1.59 12.88 -22.90
C THR A 71 -3.11 12.89 -23.03
N LEU A 72 -3.64 12.21 -24.01
CA LEU A 72 -5.12 12.19 -24.18
C LEU A 72 -5.77 11.55 -22.95
N ASP A 73 -5.10 10.60 -22.35
CA ASP A 73 -5.68 9.95 -21.14
C ASP A 73 -7.09 9.47 -21.44
N ARG A 74 -7.39 9.18 -22.69
CA ARG A 74 -8.76 8.71 -23.04
C ARG A 74 -8.92 7.25 -22.63
N LEU A 75 -7.92 6.44 -22.86
CA LEU A 75 -8.03 5.00 -22.47
C LEU A 75 -7.91 4.88 -20.95
N LYS A 76 -7.13 5.72 -20.33
CA LYS A 76 -6.97 5.64 -18.85
C LYS A 76 -8.33 5.83 -18.18
N GLU A 77 -9.23 6.51 -18.83
CA GLU A 77 -10.58 6.74 -18.21
C GLU A 77 -11.27 5.38 -17.96
N ARG A 78 -11.29 4.53 -18.95
CA ARG A 78 -11.95 3.21 -18.77
C ARG A 78 -11.03 2.27 -17.97
N LEU A 79 -9.75 2.49 -18.03
CA LEU A 79 -8.81 1.60 -17.28
C LEU A 79 -8.94 1.87 -15.78
N VAL A 80 -9.28 3.07 -15.41
CA VAL A 80 -9.42 3.39 -13.96
C VAL A 80 -10.15 2.25 -13.25
N GLY A 81 -10.02 2.17 -11.96
CA GLY A 81 -10.70 1.09 -11.21
C GLY A 81 -9.79 -0.15 -11.14
N ARG A 82 -9.24 -0.55 -12.27
CA ARG A 82 -8.34 -1.75 -12.28
C ARG A 82 -7.43 -1.73 -11.06
N VAL A 83 -6.82 -2.84 -10.75
CA VAL A 83 -5.91 -2.89 -9.57
C VAL A 83 -4.47 -2.73 -10.04
N ILE A 84 -3.62 -2.17 -9.22
CA ILE A 84 -2.20 -1.98 -9.64
C ILE A 84 -1.30 -1.89 -8.40
N LYS A 85 -0.01 -1.82 -8.61
CA LYS A 85 0.92 -1.71 -7.45
C LYS A 85 1.42 -0.27 -7.33
N THR A 86 1.06 0.41 -6.30
CA THR A 86 1.51 1.83 -6.12
C THR A 86 2.33 1.95 -4.84
N ARG A 87 2.90 3.11 -4.59
CA ARG A 87 3.71 3.27 -3.36
C ARG A 87 2.86 3.97 -2.28
N VAL A 88 3.21 3.79 -1.04
CA VAL A 88 2.41 4.43 0.05
C VAL A 88 3.09 5.73 0.47
N VAL A 89 2.39 6.83 0.42
CA VAL A 89 3.01 8.13 0.80
C VAL A 89 3.00 8.26 2.33
N ARG A 90 2.03 7.68 2.99
CA ARG A 90 1.98 7.78 4.47
C ARG A 90 0.62 7.28 4.96
N ALA A 91 0.59 6.11 5.55
CA ALA A 91 -0.71 5.57 6.05
C ALA A 91 -0.86 5.91 7.54
N ASP A 92 -2.00 6.40 7.92
CA ASP A 92 -2.22 6.74 9.36
C ASP A 92 -3.72 6.97 9.61
N GLY A 93 -4.44 5.92 9.92
CA GLY A 93 -5.90 6.08 10.17
C GLY A 93 -6.69 5.45 9.02
N LEU A 94 -7.93 5.83 8.87
CA LEU A 94 -8.75 5.26 7.76
C LEU A 94 -8.35 5.93 6.45
N TYR A 95 -7.79 7.10 6.50
CA TYR A 95 -7.38 7.80 5.26
C TYR A 95 -5.87 7.69 5.10
N VAL A 96 -5.39 7.46 3.90
CA VAL A 96 -3.93 7.34 3.68
C VAL A 96 -3.52 8.10 2.42
N ASP A 97 -2.26 8.41 2.29
CA ASP A 97 -1.78 9.13 1.07
C ASP A 97 -1.21 8.12 0.10
N LEU A 98 -1.28 8.39 -1.19
CA LEU A 98 -0.75 7.41 -2.17
C LEU A 98 0.01 8.11 -3.29
N ARG A 99 1.16 7.59 -3.64
CA ARG A 99 1.97 8.20 -4.72
C ARG A 99 2.52 7.08 -5.62
N ARG A 100 2.38 7.21 -6.91
CA ARG A 100 2.90 6.16 -7.83
C ARG A 100 4.32 6.51 -8.26
N PHE A 101 5.13 5.53 -8.53
CA PHE A 101 6.54 5.81 -8.94
C PHE A 101 6.54 6.45 -10.33
N PHE A 102 6.59 7.75 -10.40
CA PHE A 102 6.59 8.43 -11.72
C PHE A 102 6.93 9.91 -11.53
N MET A 1 -27.31 -35.22 -14.95
CA MET A 1 -25.86 -34.94 -15.16
C MET A 1 -25.02 -35.91 -14.33
N THR A 2 -23.79 -36.12 -14.70
CA THR A 2 -22.92 -37.06 -13.93
C THR A 2 -21.46 -36.65 -14.11
N VAL A 3 -21.13 -35.43 -13.81
CA VAL A 3 -19.72 -34.98 -13.96
C VAL A 3 -19.02 -35.05 -12.60
N ILE A 4 -17.87 -34.44 -12.48
CA ILE A 4 -17.14 -34.47 -11.18
C ILE A 4 -17.11 -33.07 -10.56
N LYS A 5 -18.21 -32.64 -9.99
CA LYS A 5 -18.24 -31.29 -9.37
C LYS A 5 -17.01 -31.13 -8.46
N PRO A 6 -16.59 -29.91 -8.29
CA PRO A 6 -15.42 -29.58 -7.45
C PRO A 6 -15.80 -29.64 -5.97
N SER A 7 -15.91 -30.82 -5.43
CA SER A 7 -16.27 -30.94 -3.98
C SER A 7 -15.20 -30.26 -3.13
N SER A 8 -15.51 -29.96 -1.90
CA SER A 8 -14.51 -29.30 -1.02
C SER A 8 -13.79 -30.35 -0.17
N ARG A 9 -13.79 -31.57 -0.61
CA ARG A 9 -13.10 -32.64 0.17
C ARG A 9 -11.59 -32.56 -0.04
N PRO A 10 -11.18 -32.55 -1.29
CA PRO A 10 -9.75 -32.48 -1.65
C PRO A 10 -9.24 -31.04 -1.50
N ARG A 11 -8.03 -30.87 -1.05
CA ARG A 11 -7.47 -29.50 -0.88
C ARG A 11 -8.42 -28.69 0.01
N PRO A 12 -8.41 -29.00 1.28
CA PRO A 12 -9.25 -28.33 2.28
C PRO A 12 -8.65 -26.98 2.66
N ARG A 13 -9.47 -25.98 2.87
CA ARG A 13 -8.94 -24.64 3.24
C ARG A 13 -7.95 -24.79 4.40
N LYS A 14 -6.88 -24.05 4.39
CA LYS A 14 -5.88 -24.15 5.50
C LYS A 14 -6.04 -22.96 6.45
N ASN A 15 -6.04 -21.76 5.92
CA ASN A 15 -6.20 -20.57 6.80
C ASN A 15 -6.45 -19.33 5.94
N LYS A 16 -5.73 -19.18 4.86
CA LYS A 16 -5.94 -17.99 3.99
C LYS A 16 -6.17 -18.43 2.55
N ASN A 17 -5.14 -18.46 1.75
CA ASN A 17 -5.32 -18.88 0.32
C ASN A 17 -3.94 -19.12 -0.31
N ILE A 18 -3.20 -18.07 -0.53
CA ILE A 18 -1.84 -18.23 -1.14
C ILE A 18 -0.79 -17.58 -0.24
N LYS A 19 0.24 -18.30 0.11
CA LYS A 19 1.30 -17.72 0.98
C LYS A 19 2.59 -17.56 0.17
N VAL A 20 3.40 -16.59 0.53
CA VAL A 20 4.67 -16.39 -0.21
C VAL A 20 5.79 -16.01 0.77
N ASN A 21 5.58 -16.23 2.03
CA ASN A 21 6.62 -15.88 3.03
C ASN A 21 7.03 -17.14 3.80
N THR A 22 7.74 -16.98 4.89
CA THR A 22 8.17 -18.16 5.68
C THR A 22 7.37 -18.23 6.99
N TYR A 23 7.60 -19.23 7.79
CA TYR A 23 6.86 -19.34 9.07
C TYR A 23 7.77 -18.93 10.23
N ARG A 24 8.51 -17.86 10.05
CA ARG A 24 9.43 -17.41 11.14
C ARG A 24 8.63 -16.60 12.17
N THR A 25 8.34 -15.37 11.87
CA THR A 25 7.58 -14.53 12.84
C THR A 25 6.31 -13.99 12.16
N SER A 26 5.16 -14.37 12.64
CA SER A 26 3.90 -13.87 12.02
C SER A 26 3.76 -12.37 12.27
N ALA A 27 4.24 -11.57 11.35
CA ALA A 27 4.14 -10.09 11.55
C ALA A 27 4.12 -9.40 10.18
N MET A 28 3.01 -8.81 9.82
CA MET A 28 2.94 -8.11 8.51
C MET A 28 3.16 -6.61 8.72
N ASP A 29 2.56 -6.06 9.74
CA ASP A 29 2.74 -4.61 10.01
C ASP A 29 2.47 -3.79 8.74
N LEU A 30 2.62 -2.50 8.83
CA LEU A 30 2.38 -1.64 7.64
C LEU A 30 3.17 -0.33 7.79
N SER A 31 4.28 -0.21 7.11
CA SER A 31 5.09 1.04 7.22
C SER A 31 5.09 1.77 5.88
N PRO A 32 5.36 3.05 5.92
CA PRO A 32 5.40 3.90 4.72
C PRO A 32 6.72 3.69 3.97
N GLY A 33 6.74 3.96 2.70
CA GLY A 33 7.99 3.77 1.91
C GLY A 33 8.03 2.36 1.34
N SER A 34 6.89 1.73 1.21
CA SER A 34 6.86 0.34 0.66
C SER A 34 6.03 0.32 -0.61
N VAL A 35 6.28 -0.62 -1.48
CA VAL A 35 5.50 -0.71 -2.74
C VAL A 35 4.45 -1.81 -2.60
N HIS A 36 3.22 -1.53 -2.96
CA HIS A 36 2.16 -2.58 -2.84
C HIS A 36 1.14 -2.41 -3.97
N GLU A 37 0.23 -3.34 -4.08
CA GLU A 37 -0.81 -3.24 -5.14
C GLU A 37 -2.09 -2.67 -4.54
N GLY A 38 -2.94 -2.11 -5.34
CA GLY A 38 -4.20 -1.52 -4.80
C GLY A 38 -5.21 -1.33 -5.94
N ILE A 39 -6.38 -0.87 -5.62
CA ILE A 39 -7.40 -0.65 -6.69
C ILE A 39 -7.36 0.82 -7.11
N VAL A 40 -7.72 1.11 -8.32
CA VAL A 40 -7.66 2.53 -8.78
C VAL A 40 -9.04 3.20 -8.69
N TYR A 41 -9.05 4.48 -8.45
CA TYR A 41 -10.35 5.20 -8.35
C TYR A 41 -10.14 6.66 -8.80
N PHE A 42 -10.98 7.17 -9.64
CA PHE A 42 -10.81 8.57 -10.11
C PHE A 42 -11.93 9.45 -9.55
N LYS A 43 -11.59 10.35 -8.66
CA LYS A 43 -12.63 11.25 -8.08
C LYS A 43 -11.96 12.45 -7.42
N ASP A 44 -12.71 13.50 -7.18
CA ASP A 44 -12.12 14.71 -6.54
C ASP A 44 -11.14 15.38 -7.51
N GLY A 45 -11.08 14.91 -8.73
CA GLY A 45 -10.15 15.53 -9.71
C GLY A 45 -8.77 14.88 -9.61
N ILE A 46 -8.54 14.13 -8.57
CA ILE A 46 -7.21 13.46 -8.42
C ILE A 46 -7.39 11.94 -8.54
N PHE A 47 -6.46 11.18 -8.05
CA PHE A 47 -6.59 9.70 -8.14
C PHE A 47 -6.85 9.14 -6.74
N LYS A 48 -7.14 7.87 -6.66
CA LYS A 48 -7.41 7.26 -5.32
C LYS A 48 -7.05 5.77 -5.35
N VAL A 49 -6.60 5.23 -4.25
CA VAL A 49 -6.24 3.79 -4.20
C VAL A 49 -7.07 3.09 -3.12
N ARG A 50 -7.83 2.09 -3.49
CA ARG A 50 -8.66 1.38 -2.49
C ARG A 50 -7.94 0.10 -2.05
N LEU A 51 -7.66 -0.05 -0.78
CA LEU A 51 -6.96 -1.27 -0.32
C LEU A 51 -7.99 -2.35 0.06
N LEU A 52 -8.42 -3.12 -0.89
CA LEU A 52 -9.42 -4.19 -0.61
C LEU A 52 -8.85 -5.14 0.44
N GLY A 53 -9.69 -5.93 1.06
CA GLY A 53 -9.19 -6.89 2.09
C GLY A 53 -9.20 -6.21 3.46
N TYR A 54 -9.00 -4.92 3.49
CA TYR A 54 -9.00 -4.19 4.79
C TYR A 54 -10.37 -3.59 5.04
N GLU A 55 -11.05 -3.21 3.99
CA GLU A 55 -12.40 -2.60 4.16
C GLU A 55 -12.32 -1.39 5.09
N GLY A 56 -12.00 -0.24 4.56
CA GLY A 56 -11.89 0.98 5.42
C GLY A 56 -10.59 1.71 5.11
N HIS A 57 -9.70 1.08 4.39
CA HIS A 57 -8.40 1.73 4.06
C HIS A 57 -8.55 2.52 2.76
N GLU A 58 -8.85 3.79 2.86
CA GLU A 58 -9.00 4.62 1.63
C GLU A 58 -7.77 5.51 1.47
N CYS A 59 -6.97 5.24 0.47
CA CYS A 59 -5.75 6.07 0.25
C CYS A 59 -6.01 7.08 -0.86
N ILE A 60 -5.27 8.16 -0.88
CA ILE A 60 -5.46 9.19 -1.93
C ILE A 60 -4.23 9.17 -2.86
N LEU A 61 -4.44 9.00 -4.13
CA LEU A 61 -3.28 8.96 -5.06
C LEU A 61 -3.10 10.33 -5.71
N LEU A 62 -2.04 11.01 -5.37
CA LEU A 62 -1.80 12.36 -5.95
C LEU A 62 -0.55 12.32 -6.83
N ASP A 63 0.48 11.64 -6.39
CA ASP A 63 1.72 11.57 -7.20
C ASP A 63 1.44 10.87 -8.53
N TYR A 64 0.75 9.77 -8.50
CA TYR A 64 0.44 9.05 -9.78
C TYR A 64 -0.06 10.05 -10.83
N LEU A 65 -0.70 11.11 -10.39
CA LEU A 65 -1.22 12.11 -11.36
C LEU A 65 -0.09 12.60 -12.26
N ASN A 66 0.82 13.38 -11.72
CA ASN A 66 1.94 13.90 -12.55
C ASN A 66 1.39 14.77 -13.67
N TYR A 67 2.09 15.81 -14.03
CA TYR A 67 1.60 16.70 -15.12
C TYR A 67 1.78 16.02 -16.47
N ARG A 68 1.03 16.43 -17.47
CA ARG A 68 1.15 15.81 -18.81
C ARG A 68 0.60 16.76 -19.87
N GLN A 69 1.17 16.75 -21.04
CA GLN A 69 0.68 17.65 -22.13
C GLN A 69 -0.10 16.83 -23.15
N ASP A 70 -1.33 16.50 -22.84
CA ASP A 70 -2.14 15.71 -23.81
C ASP A 70 -3.58 15.61 -23.31
N THR A 71 -4.53 15.81 -24.17
CA THR A 71 -5.96 15.75 -23.75
C THR A 71 -6.72 14.75 -24.63
N LEU A 72 -6.72 13.50 -24.27
CA LEU A 72 -7.44 12.49 -25.09
C LEU A 72 -7.30 11.11 -24.44
N ASP A 73 -7.39 11.05 -23.15
CA ASP A 73 -7.27 9.73 -22.45
C ASP A 73 -8.66 9.27 -22.00
N ARG A 74 -9.54 9.01 -22.91
CA ARG A 74 -10.91 8.56 -22.52
C ARG A 74 -10.85 7.09 -22.07
N LEU A 75 -9.96 6.33 -22.63
CA LEU A 75 -9.86 4.89 -22.23
C LEU A 75 -9.56 4.80 -20.74
N LYS A 76 -8.62 5.58 -20.26
CA LYS A 76 -8.28 5.54 -18.81
C LYS A 76 -9.56 5.54 -17.97
N GLU A 77 -10.63 6.08 -18.49
CA GLU A 77 -11.90 6.11 -17.71
C GLU A 77 -12.32 4.68 -17.36
N ARG A 78 -12.42 3.82 -18.33
CA ARG A 78 -12.84 2.42 -18.04
C ARG A 78 -11.70 1.67 -17.35
N LEU A 79 -10.48 2.06 -17.59
CA LEU A 79 -9.33 1.35 -16.95
C LEU A 79 -9.38 1.60 -15.43
N VAL A 80 -9.84 2.75 -15.03
CA VAL A 80 -9.92 3.05 -13.58
C VAL A 80 -10.47 1.83 -12.84
N GLY A 81 -10.27 1.76 -11.56
CA GLY A 81 -10.79 0.61 -10.78
C GLY A 81 -9.79 -0.54 -10.84
N ARG A 82 -9.31 -0.87 -12.02
CA ARG A 82 -8.34 -1.99 -12.16
C ARG A 82 -7.29 -1.91 -11.04
N VAL A 83 -6.48 -2.93 -10.91
CA VAL A 83 -5.44 -2.91 -9.84
C VAL A 83 -4.11 -2.46 -10.42
N ILE A 84 -3.34 -1.71 -9.67
CA ILE A 84 -2.04 -1.22 -10.17
C ILE A 84 -1.04 -1.16 -9.01
N LYS A 85 0.20 -0.87 -9.30
CA LYS A 85 1.22 -0.79 -8.21
C LYS A 85 1.49 0.67 -7.88
N THR A 86 1.68 0.97 -6.62
CA THR A 86 1.97 2.39 -6.24
C THR A 86 2.76 2.40 -4.92
N ARG A 87 3.19 3.57 -4.50
CA ARG A 87 3.98 3.65 -3.24
C ARG A 87 3.06 4.07 -2.09
N VAL A 88 3.37 3.68 -0.89
CA VAL A 88 2.51 4.07 0.26
C VAL A 88 3.12 5.29 0.94
N VAL A 89 2.41 6.38 1.00
CA VAL A 89 2.95 7.60 1.63
C VAL A 89 2.76 7.52 3.15
N ARG A 90 1.70 6.92 3.60
CA ARG A 90 1.47 6.82 5.08
C ARG A 90 0.06 6.28 5.34
N ALA A 91 -0.05 5.04 5.70
CA ALA A 91 -1.39 4.45 5.98
C ALA A 91 -1.70 4.58 7.48
N ASP A 92 -2.59 5.47 7.83
CA ASP A 92 -2.93 5.65 9.27
C ASP A 92 -4.41 5.99 9.40
N GLY A 93 -5.20 5.07 9.88
CA GLY A 93 -6.66 5.33 10.04
C GLY A 93 -7.37 5.13 8.69
N LEU A 94 -8.64 5.40 8.64
CA LEU A 94 -9.39 5.22 7.37
C LEU A 94 -8.78 6.12 6.29
N TYR A 95 -7.99 7.08 6.68
CA TYR A 95 -7.37 8.00 5.69
C TYR A 95 -5.92 7.55 5.41
N VAL A 96 -5.55 7.47 4.16
CA VAL A 96 -4.16 7.04 3.84
C VAL A 96 -3.61 7.90 2.70
N ASP A 97 -2.32 8.10 2.67
CA ASP A 97 -1.72 8.92 1.58
C ASP A 97 -1.12 7.99 0.53
N LEU A 98 -1.17 8.35 -0.73
CA LEU A 98 -0.61 7.46 -1.77
C LEU A 98 0.16 8.27 -2.82
N ARG A 99 1.30 7.76 -3.23
CA ARG A 99 2.11 8.46 -4.24
C ARG A 99 2.82 7.43 -5.13
N ARG A 100 2.65 7.54 -6.42
CA ARG A 100 3.30 6.56 -7.33
C ARG A 100 4.70 7.06 -7.69
N PHE A 101 5.53 6.18 -8.18
CA PHE A 101 6.92 6.60 -8.56
C PHE A 101 7.65 7.11 -7.31
N PHE A 102 8.87 6.68 -7.12
CA PHE A 102 9.64 7.15 -5.93
C PHE A 102 11.03 6.51 -5.93
N MET A 1 33.66 -41.62 12.42
CA MET A 1 32.49 -42.54 12.28
C MET A 1 32.11 -43.09 13.65
N THR A 2 31.06 -42.59 14.23
CA THR A 2 30.63 -43.09 15.57
C THR A 2 29.15 -43.50 15.52
N VAL A 3 28.32 -42.69 14.92
CA VAL A 3 26.88 -43.02 14.83
C VAL A 3 26.37 -42.70 13.42
N ILE A 4 25.54 -43.54 12.86
CA ILE A 4 25.02 -43.26 11.50
C ILE A 4 23.61 -42.70 11.59
N LYS A 5 22.63 -43.54 11.86
CA LYS A 5 21.23 -43.04 11.96
C LYS A 5 20.34 -44.15 12.53
N PRO A 6 20.57 -44.49 13.76
CA PRO A 6 19.79 -45.54 14.46
C PRO A 6 18.43 -44.99 14.90
N SER A 7 18.17 -43.74 14.61
CA SER A 7 16.85 -43.16 15.01
C SER A 7 16.65 -43.36 16.52
N SER A 8 17.30 -42.57 17.32
CA SER A 8 17.14 -42.71 18.79
C SER A 8 17.08 -41.34 19.45
N ARG A 9 16.00 -41.04 20.13
CA ARG A 9 15.87 -39.70 20.79
C ARG A 9 16.16 -39.84 22.29
N PRO A 10 16.75 -38.82 22.86
CA PRO A 10 17.10 -38.79 24.28
C PRO A 10 15.86 -38.48 25.13
N ARG A 11 15.47 -37.23 25.19
CA ARG A 11 14.27 -36.86 25.99
C ARG A 11 13.28 -36.11 25.11
N PRO A 12 12.37 -36.86 24.52
CA PRO A 12 11.34 -36.30 23.63
C PRO A 12 10.21 -35.67 24.46
N ARG A 13 9.91 -34.42 24.19
CA ARG A 13 8.82 -33.76 24.97
C ARG A 13 7.49 -33.91 24.21
N LYS A 14 7.36 -34.96 23.44
CA LYS A 14 6.09 -35.16 22.69
C LYS A 14 5.87 -33.99 21.73
N ASN A 15 4.82 -34.01 20.97
CA ASN A 15 4.55 -32.89 20.03
C ASN A 15 3.73 -31.81 20.74
N LYS A 16 2.50 -32.11 21.08
CA LYS A 16 1.64 -31.12 21.77
C LYS A 16 1.15 -30.09 20.76
N ASN A 17 0.52 -30.52 19.70
CA ASN A 17 0.01 -29.56 18.69
C ASN A 17 1.20 -28.90 17.98
N ILE A 18 1.06 -28.62 16.72
CA ILE A 18 2.17 -27.97 15.96
C ILE A 18 1.81 -26.51 15.69
N LYS A 19 2.70 -25.60 15.97
CA LYS A 19 2.39 -24.17 15.73
C LYS A 19 3.41 -23.56 14.76
N VAL A 20 3.00 -22.58 14.01
CA VAL A 20 3.95 -21.93 13.05
C VAL A 20 3.87 -20.41 13.22
N ASN A 21 2.71 -19.90 13.47
CA ASN A 21 2.56 -18.43 13.65
C ASN A 21 3.23 -17.69 12.49
N THR A 22 3.31 -16.39 12.57
CA THR A 22 3.94 -15.61 11.47
C THR A 22 4.37 -14.24 12.00
N TYR A 23 5.43 -13.70 11.48
CA TYR A 23 5.90 -12.36 11.96
C TYR A 23 6.22 -12.44 13.45
N ARG A 24 6.65 -11.35 14.03
CA ARG A 24 6.98 -11.37 15.48
C ARG A 24 5.89 -10.62 16.26
N THR A 25 5.13 -9.79 15.59
CA THR A 25 4.06 -9.03 16.29
C THR A 25 2.97 -8.65 15.29
N SER A 26 3.35 -8.11 14.16
CA SER A 26 2.35 -7.71 13.15
C SER A 26 3.05 -7.06 11.95
N ALA A 27 2.35 -6.87 10.87
CA ALA A 27 2.98 -6.23 9.68
C ALA A 27 2.62 -4.75 9.63
N MET A 28 3.54 -3.89 9.98
CA MET A 28 3.24 -2.43 9.95
C MET A 28 3.43 -1.90 8.53
N ASP A 29 4.66 -1.78 8.10
CA ASP A 29 4.93 -1.27 6.73
C ASP A 29 4.39 0.15 6.61
N LEU A 30 4.49 0.93 7.66
CA LEU A 30 3.98 2.33 7.61
C LEU A 30 5.15 3.28 7.32
N SER A 31 6.30 2.77 7.01
CA SER A 31 7.47 3.64 6.72
C SER A 31 7.16 4.50 5.48
N PRO A 32 7.95 5.52 5.29
CA PRO A 32 7.79 6.45 4.16
C PRO A 32 8.38 5.83 2.88
N GLY A 33 7.59 5.10 2.14
CA GLY A 33 8.11 4.47 0.90
C GLY A 33 7.87 2.97 0.94
N SER A 34 6.72 2.53 0.52
CA SER A 34 6.42 1.07 0.53
C SER A 34 5.68 0.69 -0.75
N VAL A 35 5.60 -0.58 -1.05
CA VAL A 35 4.89 -1.01 -2.29
C VAL A 35 3.74 -1.95 -1.92
N HIS A 36 2.66 -1.91 -2.66
CA HIS A 36 1.52 -2.82 -2.35
C HIS A 36 0.51 -2.78 -3.50
N GLU A 37 -0.40 -3.71 -3.53
CA GLU A 37 -1.41 -3.73 -4.63
C GLU A 37 -2.75 -3.20 -4.09
N GLY A 38 -3.44 -2.40 -4.86
CA GLY A 38 -4.74 -1.87 -4.38
C GLY A 38 -5.62 -1.51 -5.58
N ILE A 39 -6.83 -1.10 -5.34
CA ILE A 39 -7.74 -0.72 -6.46
C ILE A 39 -7.70 0.78 -6.65
N VAL A 40 -7.94 1.26 -7.85
CA VAL A 40 -7.88 2.73 -8.08
C VAL A 40 -9.30 3.29 -8.20
N TYR A 41 -9.44 4.58 -8.17
CA TYR A 41 -10.79 5.20 -8.29
C TYR A 41 -10.66 6.63 -8.83
N PHE A 42 -11.73 7.21 -9.29
CA PHE A 42 -11.67 8.59 -9.83
C PHE A 42 -12.35 9.54 -8.84
N LYS A 43 -11.81 10.72 -8.63
CA LYS A 43 -12.44 11.67 -7.68
C LYS A 43 -12.29 13.10 -8.19
N ASP A 44 -13.30 13.60 -8.85
CA ASP A 44 -13.24 15.00 -9.38
C ASP A 44 -11.86 15.28 -9.98
N GLY A 45 -11.22 14.27 -10.52
CA GLY A 45 -9.88 14.48 -11.12
C GLY A 45 -8.81 13.76 -10.29
N ILE A 46 -8.75 14.01 -9.02
CA ILE A 46 -7.73 13.34 -8.18
C ILE A 46 -7.96 11.83 -8.24
N PHE A 47 -7.05 11.05 -7.71
CA PHE A 47 -7.23 9.58 -7.76
C PHE A 47 -7.45 9.05 -6.34
N LYS A 48 -8.13 7.95 -6.20
CA LYS A 48 -8.36 7.37 -4.86
C LYS A 48 -7.96 5.90 -4.88
N VAL A 49 -7.52 5.38 -3.77
CA VAL A 49 -7.10 3.95 -3.74
C VAL A 49 -7.79 3.24 -2.58
N ARG A 50 -8.32 2.06 -2.81
CA ARG A 50 -9.00 1.32 -1.71
C ARG A 50 -8.25 0.02 -1.45
N LEU A 51 -7.97 -0.29 -0.22
CA LEU A 51 -7.23 -1.55 0.09
C LEU A 51 -8.23 -2.70 0.20
N LEU A 52 -8.69 -3.22 -0.90
CA LEU A 52 -9.66 -4.35 -0.85
C LEU A 52 -9.00 -5.56 -0.19
N GLY A 53 -9.59 -6.08 0.84
CA GLY A 53 -9.00 -7.26 1.53
C GLY A 53 -8.88 -6.97 3.03
N TYR A 54 -8.98 -5.73 3.41
CA TYR A 54 -8.88 -5.38 4.86
C TYR A 54 -10.20 -4.74 5.31
N GLU A 55 -10.92 -4.13 4.41
CA GLU A 55 -12.20 -3.49 4.78
C GLU A 55 -11.95 -2.47 5.90
N GLY A 56 -11.71 -1.23 5.54
CA GLY A 56 -11.46 -0.19 6.58
C GLY A 56 -10.20 0.60 6.22
N HIS A 57 -9.57 0.28 5.12
CA HIS A 57 -8.33 1.02 4.73
C HIS A 57 -8.63 1.88 3.49
N GLU A 58 -8.75 3.17 3.68
CA GLU A 58 -9.05 4.06 2.52
C GLU A 58 -7.85 4.97 2.24
N CYS A 59 -7.18 4.76 1.14
CA CYS A 59 -6.01 5.61 0.81
C CYS A 59 -6.41 6.62 -0.27
N ILE A 60 -5.55 7.56 -0.55
CA ILE A 60 -5.88 8.58 -1.59
C ILE A 60 -4.69 8.73 -2.53
N LEU A 61 -4.90 8.63 -3.82
CA LEU A 61 -3.77 8.76 -4.77
C LEU A 61 -3.73 10.19 -5.31
N LEU A 62 -2.66 10.90 -5.04
CA LEU A 62 -2.56 12.30 -5.54
C LEU A 62 -1.20 12.53 -6.19
N ASP A 63 -0.18 11.89 -5.69
CA ASP A 63 1.17 12.08 -6.29
C ASP A 63 1.16 11.54 -7.73
N TYR A 64 0.41 10.50 -7.98
CA TYR A 64 0.36 9.93 -9.35
C TYR A 64 0.03 11.04 -10.36
N LEU A 65 -0.98 11.82 -10.08
CA LEU A 65 -1.35 12.92 -11.02
C LEU A 65 -0.08 13.64 -11.49
N ASN A 66 0.48 14.47 -10.66
CA ASN A 66 1.71 15.21 -11.06
C ASN A 66 1.37 16.25 -12.13
N TYR A 67 2.12 17.31 -12.20
CA TYR A 67 1.84 18.36 -13.22
C TYR A 67 2.02 17.77 -14.62
N ARG A 68 0.95 17.31 -15.22
CA ARG A 68 1.07 16.72 -16.59
C ARG A 68 -0.20 17.02 -17.39
N GLN A 69 -1.31 16.44 -17.00
CA GLN A 69 -2.57 16.70 -17.74
C GLN A 69 -3.68 17.08 -16.75
N ASP A 70 -4.89 17.17 -17.23
CA ASP A 70 -6.02 17.54 -16.32
C ASP A 70 -7.31 16.90 -16.84
N THR A 71 -7.50 16.88 -18.13
CA THR A 71 -8.73 16.28 -18.70
C THR A 71 -8.53 16.04 -20.20
N LEU A 72 -7.45 15.40 -20.57
CA LEU A 72 -7.19 15.15 -22.01
C LEU A 72 -6.80 13.68 -22.21
N ASP A 73 -7.66 12.77 -21.85
CA ASP A 73 -7.33 11.32 -22.02
C ASP A 73 -8.58 10.49 -21.74
N ARG A 74 -9.33 10.16 -22.77
CA ARG A 74 -10.55 9.34 -22.57
C ARG A 74 -10.16 7.91 -22.19
N LEU A 75 -9.01 7.47 -22.62
CA LEU A 75 -8.57 6.09 -22.27
C LEU A 75 -8.22 6.01 -20.79
N LYS A 76 -7.83 7.11 -20.21
CA LYS A 76 -7.47 7.10 -18.75
C LYS A 76 -8.70 6.73 -17.92
N GLU A 77 -9.87 7.09 -18.36
CA GLU A 77 -11.09 6.75 -17.58
C GLU A 77 -11.43 5.27 -17.77
N ARG A 78 -11.07 4.70 -18.88
CA ARG A 78 -11.38 3.27 -19.11
C ARG A 78 -10.39 2.37 -18.35
N LEU A 79 -9.21 2.86 -18.08
CA LEU A 79 -8.21 2.03 -17.35
C LEU A 79 -8.34 2.24 -15.84
N VAL A 80 -8.57 3.45 -15.42
CA VAL A 80 -8.70 3.72 -13.96
C VAL A 80 -9.53 2.62 -13.29
N GLY A 81 -9.46 2.54 -11.99
CA GLY A 81 -10.24 1.50 -11.28
C GLY A 81 -9.43 0.19 -11.22
N ARG A 82 -8.88 -0.22 -12.34
CA ARG A 82 -8.10 -1.49 -12.37
C ARG A 82 -7.22 -1.59 -11.12
N VAL A 83 -6.70 -2.76 -10.85
CA VAL A 83 -5.83 -2.93 -9.65
C VAL A 83 -4.37 -2.86 -10.08
N ILE A 84 -3.53 -2.24 -9.29
CA ILE A 84 -2.10 -2.12 -9.67
C ILE A 84 -1.22 -2.06 -8.42
N LYS A 85 0.07 -2.04 -8.60
CA LYS A 85 0.98 -1.97 -7.42
C LYS A 85 1.44 -0.51 -7.23
N THR A 86 0.88 0.18 -6.28
CA THR A 86 1.27 1.59 -6.05
C THR A 86 2.12 1.70 -4.78
N ARG A 87 2.63 2.87 -4.49
CA ARG A 87 3.46 3.02 -3.27
C ARG A 87 2.62 3.72 -2.18
N VAL A 88 2.98 3.53 -0.93
CA VAL A 88 2.22 4.19 0.16
C VAL A 88 2.93 5.47 0.56
N VAL A 89 2.38 6.59 0.20
CA VAL A 89 3.03 7.89 0.53
C VAL A 89 3.14 8.03 2.06
N ARG A 90 2.10 7.71 2.78
CA ARG A 90 2.16 7.84 4.26
C ARG A 90 0.79 7.48 4.87
N ALA A 91 0.68 6.30 5.42
CA ALA A 91 -0.62 5.88 6.03
C ALA A 91 -0.76 6.55 7.40
N ASP A 92 -1.97 6.78 7.84
CA ASP A 92 -2.16 7.43 9.17
C ASP A 92 -3.63 7.32 9.60
N GLY A 93 -4.13 6.13 9.77
CA GLY A 93 -5.55 5.97 10.19
C GLY A 93 -6.39 5.47 9.02
N LEU A 94 -7.68 5.72 9.05
CA LEU A 94 -8.56 5.26 7.95
C LEU A 94 -8.13 5.91 6.64
N TYR A 95 -7.52 7.07 6.70
CA TYR A 95 -7.08 7.75 5.45
C TYR A 95 -5.57 7.54 5.27
N VAL A 96 -5.15 7.28 4.05
CA VAL A 96 -3.70 7.06 3.81
C VAL A 96 -3.25 7.86 2.58
N ASP A 97 -1.97 8.06 2.42
CA ASP A 97 -1.48 8.81 1.24
C ASP A 97 -1.00 7.81 0.19
N LEU A 98 -1.16 8.13 -1.08
CA LEU A 98 -0.73 7.15 -2.13
C LEU A 98 -0.04 7.87 -3.29
N ARG A 99 1.03 7.29 -3.79
CA ARG A 99 1.77 7.91 -4.92
C ARG A 99 2.08 6.82 -5.95
N ARG A 100 1.76 7.05 -7.20
CA ARG A 100 2.04 6.03 -8.24
C ARG A 100 3.39 6.35 -8.92
N PHE A 101 4.41 5.61 -8.58
CA PHE A 101 5.75 5.86 -9.19
C PHE A 101 5.60 5.94 -10.71
N PHE A 102 6.36 6.79 -11.35
CA PHE A 102 6.28 6.90 -12.84
C PHE A 102 7.27 7.95 -13.34
N MET A 1 31.79 24.34 25.78
CA MET A 1 30.93 23.31 25.13
C MET A 1 31.42 23.06 23.70
N THR A 2 31.55 21.83 23.32
CA THR A 2 32.03 21.52 21.95
C THR A 2 31.36 20.22 21.46
N VAL A 3 30.57 20.31 20.43
CA VAL A 3 29.90 19.08 19.91
C VAL A 3 30.95 18.15 19.27
N ILE A 4 30.88 16.89 19.57
CA ILE A 4 31.87 15.95 18.98
C ILE A 4 31.12 14.84 18.21
N LYS A 5 30.44 13.98 18.91
CA LYS A 5 29.69 12.89 18.23
C LYS A 5 30.57 12.28 17.13
N PRO A 6 31.42 11.38 17.52
CA PRO A 6 32.35 10.70 16.60
C PRO A 6 31.62 9.59 15.84
N SER A 7 31.67 9.62 14.53
CA SER A 7 30.98 8.57 13.73
C SER A 7 31.56 7.20 14.08
N SER A 8 30.73 6.21 14.28
CA SER A 8 31.24 4.86 14.63
C SER A 8 30.49 3.81 13.81
N ARG A 9 31.05 3.39 12.71
CA ARG A 9 30.36 2.37 11.87
C ARG A 9 30.45 1.00 12.55
N PRO A 10 29.43 0.20 12.36
CA PRO A 10 29.36 -1.15 12.94
C PRO A 10 30.22 -2.13 12.14
N ARG A 11 31.48 -2.21 12.44
CA ARG A 11 32.38 -3.13 11.68
C ARG A 11 33.73 -3.21 12.40
N PRO A 12 33.73 -3.83 13.55
CA PRO A 12 34.95 -3.99 14.36
C PRO A 12 35.82 -5.13 13.81
N ARG A 13 35.23 -6.25 13.50
CA ARG A 13 36.03 -7.38 12.96
C ARG A 13 35.10 -8.53 12.56
N LYS A 14 33.90 -8.21 12.16
CA LYS A 14 32.94 -9.28 11.76
C LYS A 14 32.97 -10.41 12.79
N ASN A 15 32.19 -10.29 13.84
CA ASN A 15 32.17 -11.36 14.88
C ASN A 15 30.73 -11.81 15.12
N LYS A 16 29.83 -11.41 14.26
CA LYS A 16 28.40 -11.81 14.44
C LYS A 16 27.87 -11.23 15.75
N ASN A 17 27.90 -12.00 16.81
CA ASN A 17 27.39 -11.48 18.11
C ASN A 17 25.85 -11.42 18.07
N ILE A 18 25.25 -10.83 19.06
CA ILE A 18 23.76 -10.74 19.06
C ILE A 18 23.33 -9.34 19.49
N LYS A 19 22.05 -9.05 19.41
CA LYS A 19 21.57 -7.69 19.81
C LYS A 19 22.28 -6.63 18.98
N VAL A 20 22.25 -6.75 17.68
CA VAL A 20 22.92 -5.73 16.82
C VAL A 20 21.89 -4.72 16.33
N ASN A 21 21.27 -4.00 17.23
CA ASN A 21 20.26 -3.00 16.80
C ASN A 21 20.41 -1.72 17.63
N THR A 22 21.16 -0.77 17.16
CA THR A 22 21.35 0.49 17.92
C THR A 22 21.16 1.69 16.98
N TYR A 23 20.38 1.52 15.95
CA TYR A 23 20.16 2.63 14.99
C TYR A 23 19.67 3.87 15.75
N ARG A 24 19.42 4.95 15.06
CA ARG A 24 18.95 6.18 15.74
C ARG A 24 17.43 6.10 15.95
N THR A 25 17.01 5.48 17.02
CA THR A 25 15.54 5.36 17.28
C THR A 25 14.87 4.61 16.13
N SER A 26 13.74 4.01 16.38
CA SER A 26 13.03 3.26 15.31
C SER A 26 11.60 2.95 15.76
N ALA A 27 10.64 3.44 15.03
CA ALA A 27 9.22 3.17 15.41
C ALA A 27 8.31 3.50 14.23
N MET A 28 8.28 2.64 13.23
CA MET A 28 7.43 2.91 12.05
C MET A 28 6.44 1.74 11.87
N ASP A 29 5.44 1.66 12.70
CA ASP A 29 4.44 0.56 12.57
C ASP A 29 4.04 0.43 11.10
N LEU A 30 4.08 1.51 10.37
CA LEU A 30 3.70 1.45 8.92
C LEU A 30 4.87 1.91 8.07
N SER A 31 5.70 1.00 7.65
CA SER A 31 6.87 1.39 6.80
C SER A 31 6.41 2.34 5.69
N PRO A 32 6.76 3.60 5.83
CA PRO A 32 6.39 4.64 4.86
C PRO A 32 7.31 4.56 3.63
N GLY A 33 6.79 4.16 2.51
CA GLY A 33 7.63 4.06 1.28
C GLY A 33 7.62 2.62 0.76
N SER A 34 6.58 1.88 1.07
CA SER A 34 6.51 0.47 0.59
C SER A 34 5.59 0.40 -0.63
N VAL A 35 5.54 -0.73 -1.28
CA VAL A 35 4.66 -0.88 -2.48
C VAL A 35 3.61 -1.95 -2.22
N HIS A 36 2.56 -1.96 -2.99
CA HIS A 36 1.50 -2.99 -2.79
C HIS A 36 0.48 -2.91 -3.93
N GLU A 37 -0.37 -3.89 -4.06
CA GLU A 37 -1.38 -3.87 -5.14
C GLU A 37 -2.71 -3.37 -4.58
N GLY A 38 -3.33 -2.41 -5.22
CA GLY A 38 -4.63 -1.88 -4.72
C GLY A 38 -5.48 -1.39 -5.89
N ILE A 39 -6.69 -0.98 -5.61
CA ILE A 39 -7.58 -0.48 -6.69
C ILE A 39 -7.52 1.05 -6.73
N VAL A 40 -7.87 1.64 -7.83
CA VAL A 40 -7.81 3.13 -7.93
C VAL A 40 -9.22 3.71 -8.14
N TYR A 41 -9.34 4.99 -8.16
CA TYR A 41 -10.66 5.63 -8.39
C TYR A 41 -10.45 7.05 -8.93
N PHE A 42 -11.33 7.52 -9.75
CA PHE A 42 -11.16 8.89 -10.31
C PHE A 42 -12.28 9.80 -9.79
N LYS A 43 -11.94 10.84 -9.08
CA LYS A 43 -12.97 11.77 -8.57
C LYS A 43 -12.33 12.82 -7.66
N ASP A 44 -13.09 13.78 -7.21
CA ASP A 44 -12.52 14.84 -6.32
C ASP A 44 -11.44 15.63 -7.07
N GLY A 45 -11.34 15.44 -8.37
CA GLY A 45 -10.32 16.19 -9.15
C GLY A 45 -8.98 15.45 -9.12
N ILE A 46 -8.77 14.61 -8.15
CA ILE A 46 -7.48 13.85 -8.09
C ILE A 46 -7.75 12.37 -8.29
N PHE A 47 -6.90 11.52 -7.77
CA PHE A 47 -7.13 10.06 -7.94
C PHE A 47 -7.39 9.43 -6.56
N LYS A 48 -7.73 8.18 -6.53
CA LYS A 48 -8.00 7.52 -5.21
C LYS A 48 -7.48 6.09 -5.24
N VAL A 49 -7.24 5.51 -4.08
CA VAL A 49 -6.74 4.12 -4.03
C VAL A 49 -7.43 3.37 -2.89
N ARG A 50 -8.31 2.46 -3.21
CA ARG A 50 -9.02 1.71 -2.14
C ARG A 50 -8.35 0.34 -1.96
N LEU A 51 -8.11 -0.05 -0.73
CA LEU A 51 -7.46 -1.37 -0.50
C LEU A 51 -8.54 -2.42 -0.18
N LEU A 52 -8.94 -3.19 -1.16
CA LEU A 52 -9.98 -4.22 -0.90
C LEU A 52 -9.33 -5.44 -0.26
N GLY A 53 -9.63 -5.69 0.98
CA GLY A 53 -9.02 -6.85 1.69
C GLY A 53 -8.73 -6.47 3.14
N TYR A 54 -8.34 -5.25 3.37
CA TYR A 54 -8.04 -4.81 4.76
C TYR A 54 -9.35 -4.36 5.43
N GLU A 55 -10.26 -3.84 4.66
CA GLU A 55 -11.55 -3.39 5.25
C GLU A 55 -11.33 -2.13 6.08
N GLY A 56 -11.58 -0.98 5.52
CA GLY A 56 -11.38 0.29 6.28
C GLY A 56 -10.12 1.00 5.78
N HIS A 57 -9.57 0.54 4.69
CA HIS A 57 -8.34 1.19 4.16
C HIS A 57 -8.71 2.13 3.00
N GLU A 58 -9.01 3.35 3.30
CA GLU A 58 -9.38 4.32 2.21
C GLU A 58 -8.19 5.22 1.91
N CYS A 59 -7.46 4.93 0.88
CA CYS A 59 -6.29 5.77 0.54
C CYS A 59 -6.65 6.70 -0.63
N ILE A 60 -5.82 7.65 -0.92
CA ILE A 60 -6.10 8.59 -2.05
C ILE A 60 -4.82 8.79 -2.84
N LEU A 61 -4.90 8.86 -4.14
CA LEU A 61 -3.67 9.06 -4.96
C LEU A 61 -3.54 10.53 -5.33
N LEU A 62 -2.41 11.11 -5.03
CA LEU A 62 -2.20 12.55 -5.36
C LEU A 62 -0.70 12.86 -5.33
N ASP A 63 0.03 12.26 -4.43
CA ASP A 63 1.50 12.53 -4.36
C ASP A 63 2.09 12.42 -5.75
N TYR A 64 1.75 11.38 -6.47
CA TYR A 64 2.29 11.22 -7.85
C TYR A 64 1.14 11.05 -8.84
N LEU A 65 0.21 11.97 -8.84
CA LEU A 65 -0.93 11.86 -9.78
C LEU A 65 -0.44 12.02 -11.22
N ASN A 66 0.37 13.02 -11.47
CA ASN A 66 0.89 13.22 -12.85
C ASN A 66 -0.28 13.30 -13.82
N TYR A 67 -0.66 14.49 -14.21
CA TYR A 67 -1.80 14.63 -15.16
C TYR A 67 -1.36 14.20 -16.56
N ARG A 68 -2.04 13.26 -17.13
CA ARG A 68 -1.68 12.80 -18.51
C ARG A 68 -2.83 13.10 -19.47
N GLN A 69 -2.68 14.11 -20.29
CA GLN A 69 -3.78 14.44 -21.25
C GLN A 69 -3.27 14.27 -22.68
N ASP A 70 -3.50 13.12 -23.27
CA ASP A 70 -3.03 12.89 -24.66
C ASP A 70 -4.10 12.12 -25.43
N THR A 71 -3.97 12.05 -26.74
CA THR A 71 -4.99 11.32 -27.54
C THR A 71 -5.26 9.95 -26.91
N LEU A 72 -6.36 9.34 -27.25
CA LEU A 72 -6.68 8.00 -26.67
C LEU A 72 -6.83 8.13 -25.15
N ASP A 73 -7.71 8.98 -24.71
CA ASP A 73 -7.89 9.15 -23.23
C ASP A 73 -8.96 8.18 -22.74
N ARG A 74 -9.91 7.86 -23.59
CA ARG A 74 -10.99 6.92 -23.16
C ARG A 74 -10.36 5.70 -22.48
N LEU A 75 -9.45 5.03 -23.14
CA LEU A 75 -8.81 3.84 -22.52
C LEU A 75 -8.47 4.13 -21.06
N LYS A 76 -7.71 5.16 -20.81
CA LYS A 76 -7.34 5.49 -19.41
C LYS A 76 -8.59 5.49 -18.53
N GLU A 77 -9.62 6.14 -18.96
CA GLU A 77 -10.88 6.19 -18.16
C GLU A 77 -11.31 4.76 -17.81
N ARG A 78 -11.44 3.91 -18.79
CA ARG A 78 -11.85 2.50 -18.52
C ARG A 78 -11.07 1.96 -17.33
N LEU A 79 -9.76 1.88 -17.45
CA LEU A 79 -8.94 1.36 -16.32
C LEU A 79 -9.21 2.20 -15.08
N VAL A 80 -8.62 3.37 -15.00
CA VAL A 80 -8.84 4.24 -13.81
C VAL A 80 -8.65 3.44 -12.53
N GLY A 81 -9.70 2.86 -12.03
CA GLY A 81 -9.58 2.09 -10.75
C GLY A 81 -9.02 0.69 -11.01
N ARG A 82 -8.44 0.45 -12.14
CA ARG A 82 -7.86 -0.89 -12.41
C ARG A 82 -7.00 -1.29 -11.22
N VAL A 83 -6.47 -2.49 -11.22
CA VAL A 83 -5.61 -2.92 -10.08
C VAL A 83 -4.15 -2.71 -10.47
N ILE A 84 -3.42 -1.96 -9.69
CA ILE A 84 -1.99 -1.70 -10.04
C ILE A 84 -1.14 -1.69 -8.77
N LYS A 85 0.15 -1.60 -8.92
CA LYS A 85 1.05 -1.57 -7.73
C LYS A 85 1.53 -0.13 -7.49
N THR A 86 1.19 0.43 -6.37
CA THR A 86 1.63 1.83 -6.09
C THR A 86 2.37 1.88 -4.75
N ARG A 87 2.91 3.00 -4.39
CA ARG A 87 3.64 3.11 -3.09
C ARG A 87 2.75 3.81 -2.06
N VAL A 88 3.04 3.63 -0.80
CA VAL A 88 2.22 4.28 0.25
C VAL A 88 2.90 5.57 0.69
N VAL A 89 2.21 6.67 0.60
CA VAL A 89 2.82 7.97 1.00
C VAL A 89 2.73 8.14 2.52
N ARG A 90 1.68 7.65 3.12
CA ARG A 90 1.54 7.79 4.59
C ARG A 90 0.18 7.24 5.05
N ALA A 91 0.18 6.06 5.61
CA ALA A 91 -1.11 5.46 6.07
C ALA A 91 -1.30 5.75 7.56
N ASP A 92 -2.22 6.62 7.89
CA ASP A 92 -2.46 6.94 9.32
C ASP A 92 -3.47 5.95 9.91
N GLY A 93 -4.63 5.88 9.34
CA GLY A 93 -5.67 4.93 9.85
C GLY A 93 -6.67 4.63 8.74
N LEU A 94 -7.75 5.36 8.68
CA LEU A 94 -8.76 5.11 7.62
C LEU A 94 -8.39 5.90 6.37
N TYR A 95 -7.74 7.02 6.54
CA TYR A 95 -7.33 7.83 5.36
C TYR A 95 -5.83 7.66 5.13
N VAL A 96 -5.43 7.39 3.92
CA VAL A 96 -3.97 7.21 3.65
C VAL A 96 -3.59 7.96 2.37
N ASP A 97 -2.33 8.29 2.22
CA ASP A 97 -1.89 9.00 1.01
C ASP A 97 -1.26 7.99 0.05
N LEU A 98 -1.27 8.25 -1.22
CA LEU A 98 -0.68 7.26 -2.18
C LEU A 98 0.16 7.97 -3.25
N ARG A 99 1.33 7.44 -3.50
CA ARG A 99 2.22 8.03 -4.54
C ARG A 99 2.57 6.93 -5.55
N ARG A 100 2.08 7.04 -6.75
CA ARG A 100 2.37 5.98 -7.76
C ARG A 100 3.56 6.39 -8.63
N PHE A 101 4.14 5.45 -9.33
CA PHE A 101 5.31 5.77 -10.19
C PHE A 101 5.28 4.87 -11.43
N PHE A 102 5.94 5.26 -12.49
CA PHE A 102 5.94 4.41 -13.71
C PHE A 102 6.98 4.95 -14.70
N MET A 1 39.39 -25.54 6.99
CA MET A 1 38.19 -24.88 7.59
C MET A 1 37.11 -25.92 7.84
N THR A 2 37.33 -26.81 8.78
CA THR A 2 36.31 -27.85 9.07
C THR A 2 35.36 -27.35 10.15
N VAL A 3 34.10 -27.71 10.08
CA VAL A 3 33.13 -27.25 11.10
C VAL A 3 32.19 -28.40 11.47
N ILE A 4 31.63 -28.38 12.65
CA ILE A 4 30.71 -29.47 13.06
C ILE A 4 29.55 -28.89 13.87
N LYS A 5 28.38 -28.78 13.29
CA LYS A 5 27.23 -28.22 14.03
C LYS A 5 27.50 -26.76 14.37
N PRO A 6 27.23 -25.89 13.43
CA PRO A 6 27.44 -24.44 13.59
C PRO A 6 26.30 -23.83 14.42
N SER A 7 26.62 -23.26 15.54
CA SER A 7 25.56 -22.64 16.39
C SER A 7 24.73 -21.66 15.55
N SER A 8 23.73 -21.06 16.13
CA SER A 8 22.90 -20.10 15.36
C SER A 8 21.65 -19.73 16.17
N ARG A 9 21.17 -18.53 16.04
CA ARG A 9 19.97 -18.13 16.81
C ARG A 9 18.89 -19.21 16.68
N PRO A 10 18.12 -19.37 17.73
CA PRO A 10 17.04 -20.37 17.77
C PRO A 10 15.81 -19.87 17.01
N ARG A 11 15.48 -20.50 15.92
CA ARG A 11 14.28 -20.06 15.13
C ARG A 11 13.03 -20.14 16.02
N PRO A 12 12.08 -19.29 15.74
CA PRO A 12 10.82 -19.24 16.49
C PRO A 12 9.89 -20.38 16.04
N ARG A 13 9.79 -21.41 16.81
CA ARG A 13 8.91 -22.55 16.43
C ARG A 13 8.35 -23.21 17.70
N LYS A 14 8.06 -22.43 18.70
CA LYS A 14 7.51 -23.01 19.96
C LYS A 14 5.99 -23.08 19.87
N ASN A 15 5.34 -23.54 20.90
CA ASN A 15 3.85 -23.65 20.87
C ASN A 15 3.24 -22.44 21.58
N LYS A 16 2.43 -21.69 20.89
CA LYS A 16 1.80 -20.49 21.52
C LYS A 16 2.88 -19.48 21.88
N ASN A 17 3.01 -18.44 21.09
CA ASN A 17 4.04 -17.42 21.40
C ASN A 17 3.40 -16.22 22.10
N ILE A 18 2.78 -16.44 23.22
CA ILE A 18 2.13 -15.32 23.96
C ILE A 18 3.20 -14.32 24.39
N LYS A 19 2.81 -13.11 24.69
CA LYS A 19 3.82 -12.09 25.11
C LYS A 19 3.20 -11.15 26.14
N VAL A 20 3.96 -10.23 26.67
CA VAL A 20 3.43 -9.29 27.68
C VAL A 20 3.06 -7.96 26.99
N ASN A 21 2.05 -7.29 27.47
CA ASN A 21 1.66 -6.00 26.84
C ASN A 21 2.16 -4.83 27.70
N THR A 22 2.87 -3.91 27.10
CA THR A 22 3.38 -2.76 27.88
C THR A 22 3.48 -1.53 26.97
N TYR A 23 2.83 -1.56 25.84
CA TYR A 23 2.89 -0.40 24.91
C TYR A 23 1.53 -0.22 24.23
N ARG A 24 0.65 0.51 24.86
CA ARG A 24 -0.70 0.73 24.26
C ARG A 24 -0.93 2.24 24.05
N THR A 25 -0.24 2.82 23.10
CA THR A 25 -0.42 4.27 22.85
C THR A 25 -1.19 4.47 21.53
N SER A 26 -1.64 5.67 21.27
CA SER A 26 -2.40 5.91 20.02
C SER A 26 -1.49 6.59 18.99
N ALA A 27 -0.20 6.54 19.20
CA ALA A 27 0.74 7.18 18.25
C ALA A 27 1.25 6.13 17.26
N MET A 28 1.64 4.99 17.74
CA MET A 28 2.16 3.93 16.83
C MET A 28 3.17 4.54 15.87
N ASP A 29 3.62 3.77 14.89
CA ASP A 29 4.61 4.31 13.93
C ASP A 29 4.30 3.77 12.53
N LEU A 30 4.28 4.64 11.54
CA LEU A 30 4.00 4.17 10.16
C LEU A 30 5.21 4.44 9.27
N SER A 31 5.60 3.47 8.48
CA SER A 31 6.79 3.67 7.59
C SER A 31 6.38 3.47 6.13
N PRO A 32 6.12 4.55 5.45
CA PRO A 32 5.71 4.52 4.03
C PRO A 32 6.93 4.26 3.14
N GLY A 33 6.70 4.06 1.86
CA GLY A 33 7.84 3.80 0.94
C GLY A 33 7.79 2.35 0.46
N SER A 34 6.66 1.70 0.61
CA SER A 34 6.56 0.29 0.16
C SER A 34 5.57 0.19 -1.01
N VAL A 35 5.61 -0.89 -1.73
CA VAL A 35 4.67 -1.05 -2.89
C VAL A 35 3.54 -1.99 -2.51
N HIS A 36 2.43 -1.91 -3.19
CA HIS A 36 1.29 -2.81 -2.86
C HIS A 36 0.25 -2.76 -3.98
N GLU A 37 -0.64 -3.71 -4.02
CA GLU A 37 -1.69 -3.72 -5.08
C GLU A 37 -2.99 -3.16 -4.50
N GLY A 38 -3.64 -2.29 -5.22
CA GLY A 38 -4.90 -1.70 -4.70
C GLY A 38 -5.88 -1.45 -5.86
N ILE A 39 -7.06 -1.00 -5.56
CA ILE A 39 -8.05 -0.72 -6.63
C ILE A 39 -7.99 0.77 -6.98
N VAL A 40 -8.37 1.13 -8.18
CA VAL A 40 -8.30 2.56 -8.56
C VAL A 40 -9.71 3.18 -8.60
N TYR A 41 -9.80 4.46 -8.36
CA TYR A 41 -11.13 5.13 -8.39
C TYR A 41 -10.98 6.52 -9.00
N PHE A 42 -11.96 6.98 -9.72
CA PHE A 42 -11.85 8.33 -10.35
C PHE A 42 -12.76 9.32 -9.61
N LYS A 43 -12.19 10.33 -9.03
CA LYS A 43 -13.02 11.34 -8.30
C LYS A 43 -12.13 12.21 -7.43
N ASP A 44 -12.60 13.39 -7.07
CA ASP A 44 -11.78 14.29 -6.21
C ASP A 44 -10.71 14.97 -7.06
N GLY A 45 -11.02 15.31 -8.28
CA GLY A 45 -10.02 15.97 -9.15
C GLY A 45 -8.68 15.23 -9.06
N ILE A 46 -8.71 13.98 -8.70
CA ILE A 46 -7.45 13.20 -8.60
C ILE A 46 -7.78 11.71 -8.68
N PHE A 47 -6.94 10.86 -8.14
CA PHE A 47 -7.23 9.40 -8.19
C PHE A 47 -7.44 8.88 -6.78
N LYS A 48 -8.02 7.72 -6.63
CA LYS A 48 -8.26 7.18 -5.27
C LYS A 48 -7.88 5.70 -5.24
N VAL A 49 -7.09 5.30 -4.28
CA VAL A 49 -6.68 3.87 -4.19
C VAL A 49 -7.36 3.23 -2.98
N ARG A 50 -8.08 2.15 -3.18
CA ARG A 50 -8.76 1.49 -2.04
C ARG A 50 -8.01 0.20 -1.68
N LEU A 51 -7.69 0.02 -0.43
CA LEU A 51 -6.96 -1.21 -0.02
C LEU A 51 -7.97 -2.29 0.37
N LEU A 52 -8.51 -2.99 -0.60
CA LEU A 52 -9.49 -4.06 -0.29
C LEU A 52 -8.81 -5.18 0.50
N GLY A 53 -9.43 -5.62 1.57
CA GLY A 53 -8.82 -6.71 2.38
C GLY A 53 -8.50 -6.19 3.79
N TYR A 54 -7.97 -5.00 3.88
CA TYR A 54 -7.64 -4.43 5.21
C TYR A 54 -8.92 -4.00 5.93
N GLU A 55 -9.92 -3.61 5.18
CA GLU A 55 -11.21 -3.19 5.81
C GLU A 55 -10.96 -1.94 6.65
N GLY A 56 -11.08 -0.78 6.07
CA GLY A 56 -10.85 0.48 6.84
C GLY A 56 -9.59 1.18 6.32
N HIS A 57 -9.11 0.79 5.17
CA HIS A 57 -7.89 1.43 4.62
C HIS A 57 -8.24 2.16 3.32
N GLU A 58 -8.59 3.41 3.42
CA GLU A 58 -8.94 4.18 2.20
C GLU A 58 -7.76 5.06 1.78
N CYS A 59 -7.05 4.69 0.75
CA CYS A 59 -5.89 5.51 0.32
C CYS A 59 -6.29 6.35 -0.90
N ILE A 60 -5.56 7.40 -1.17
CA ILE A 60 -5.91 8.25 -2.34
C ILE A 60 -4.63 8.50 -3.15
N LEU A 61 -4.74 8.50 -4.45
CA LEU A 61 -3.52 8.75 -5.28
C LEU A 61 -3.46 10.20 -5.71
N LEU A 62 -2.35 10.85 -5.45
CA LEU A 62 -2.20 12.28 -5.83
C LEU A 62 -0.76 12.73 -5.56
N ASP A 63 -0.14 12.18 -4.56
CA ASP A 63 1.27 12.58 -4.25
C ASP A 63 2.14 12.39 -5.49
N TYR A 64 1.98 11.29 -6.19
CA TYR A 64 2.81 11.06 -7.41
C TYR A 64 1.90 11.05 -8.64
N LEU A 65 1.11 12.07 -8.81
CA LEU A 65 0.20 12.11 -10.00
C LEU A 65 1.01 12.46 -11.25
N ASN A 66 2.25 12.85 -11.08
CA ASN A 66 3.09 13.20 -12.26
C ASN A 66 2.27 14.04 -13.22
N TYR A 67 1.56 15.02 -12.71
CA TYR A 67 0.73 15.88 -13.60
C TYR A 67 1.53 16.25 -14.86
N ARG A 68 0.87 16.30 -15.99
CA ARG A 68 1.57 16.65 -17.25
C ARG A 68 0.98 17.94 -17.82
N GLN A 69 -0.18 17.85 -18.41
CA GLN A 69 -0.82 19.07 -18.98
C GLN A 69 -2.05 18.66 -19.79
N ASP A 70 -1.93 17.63 -20.58
CA ASP A 70 -3.09 17.18 -21.39
C ASP A 70 -4.22 16.74 -20.45
N THR A 71 -5.41 16.59 -20.97
CA THR A 71 -6.54 16.16 -20.09
C THR A 71 -6.31 14.72 -19.63
N LEU A 72 -7.03 14.28 -18.64
CA LEU A 72 -6.86 12.89 -18.14
C LEU A 72 -8.17 12.11 -18.32
N ASP A 73 -9.16 12.73 -18.91
CA ASP A 73 -10.46 12.02 -19.10
C ASP A 73 -10.22 10.72 -19.85
N ARG A 74 -9.55 10.76 -20.97
CA ARG A 74 -9.29 9.52 -21.73
C ARG A 74 -8.43 8.57 -20.89
N LEU A 75 -7.54 9.10 -20.10
CA LEU A 75 -6.68 8.23 -19.25
C LEU A 75 -7.56 7.29 -18.42
N LYS A 76 -8.74 7.74 -18.06
CA LYS A 76 -9.64 6.89 -17.25
C LYS A 76 -10.27 5.82 -18.14
N GLU A 77 -10.61 6.17 -19.36
CA GLU A 77 -11.23 5.18 -20.27
C GLU A 77 -10.37 3.91 -20.33
N ARG A 78 -9.08 4.04 -20.11
CA ARG A 78 -8.19 2.85 -20.16
C ARG A 78 -8.85 1.70 -19.40
N LEU A 79 -9.23 1.93 -18.17
CA LEU A 79 -9.88 0.84 -17.37
C LEU A 79 -9.90 1.21 -15.90
N VAL A 80 -10.32 2.41 -15.58
CA VAL A 80 -10.35 2.83 -14.15
C VAL A 80 -10.91 1.69 -13.30
N GLY A 81 -10.72 1.74 -12.01
CA GLY A 81 -11.24 0.66 -11.14
C GLY A 81 -10.22 -0.48 -11.08
N ARG A 82 -9.72 -0.89 -12.21
CA ARG A 82 -8.71 -2.00 -12.24
C ARG A 82 -7.73 -1.85 -11.08
N VAL A 83 -7.00 -2.88 -10.78
CA VAL A 83 -6.02 -2.81 -9.67
C VAL A 83 -4.62 -2.53 -10.23
N ILE A 84 -3.77 -1.92 -9.47
CA ILE A 84 -2.40 -1.62 -9.98
C ILE A 84 -1.42 -1.56 -8.81
N LYS A 85 -0.15 -1.42 -9.09
CA LYS A 85 0.85 -1.35 -7.99
C LYS A 85 1.22 0.11 -7.73
N THR A 86 1.34 0.48 -6.48
CA THR A 86 1.70 1.89 -6.16
C THR A 86 2.50 1.93 -4.86
N ARG A 87 3.00 3.08 -4.49
CA ARG A 87 3.79 3.17 -3.23
C ARG A 87 2.93 3.85 -2.14
N VAL A 88 3.26 3.63 -0.90
CA VAL A 88 2.45 4.26 0.19
C VAL A 88 3.13 5.54 0.64
N VAL A 89 2.39 6.61 0.75
CA VAL A 89 3.00 7.90 1.19
C VAL A 89 2.89 8.05 2.71
N ARG A 90 1.87 7.51 3.30
CA ARG A 90 1.71 7.63 4.77
C ARG A 90 0.28 7.27 5.17
N ALA A 91 0.10 6.12 5.78
CA ALA A 91 -1.27 5.70 6.20
C ALA A 91 -1.59 6.32 7.56
N ASP A 92 -2.59 7.16 7.62
CA ASP A 92 -2.96 7.79 8.92
C ASP A 92 -4.30 7.24 9.41
N GLY A 93 -4.62 6.02 9.04
CA GLY A 93 -5.91 5.43 9.49
C GLY A 93 -6.86 5.30 8.30
N LEU A 94 -8.14 5.41 8.53
CA LEU A 94 -9.12 5.31 7.41
C LEU A 94 -8.62 6.12 6.22
N TYR A 95 -7.93 7.20 6.46
CA TYR A 95 -7.41 8.03 5.34
C TYR A 95 -5.92 7.75 5.14
N VAL A 96 -5.50 7.59 3.91
CA VAL A 96 -4.07 7.31 3.65
C VAL A 96 -3.62 8.03 2.38
N ASP A 97 -2.36 8.37 2.28
CA ASP A 97 -1.87 9.07 1.07
C ASP A 97 -1.24 8.04 0.13
N LEU A 98 -1.28 8.28 -1.15
CA LEU A 98 -0.69 7.29 -2.10
C LEU A 98 0.10 8.01 -3.19
N ARG A 99 1.26 7.49 -3.50
CA ARG A 99 2.08 8.11 -4.57
C ARG A 99 2.38 7.06 -5.65
N ARG A 100 1.88 7.25 -6.83
CA ARG A 100 2.13 6.26 -7.91
C ARG A 100 3.63 5.93 -7.95
N PHE A 101 3.97 4.81 -8.52
CA PHE A 101 5.41 4.42 -8.59
C PHE A 101 6.03 4.99 -9.87
N PHE A 102 6.96 5.90 -9.74
CA PHE A 102 7.61 6.49 -10.94
C PHE A 102 8.69 7.48 -10.51
N MET A 1 -26.02 -24.45 26.30
CA MET A 1 -26.46 -23.23 27.03
C MET A 1 -26.66 -22.09 26.03
N THR A 2 -26.70 -20.87 26.52
CA THR A 2 -26.88 -19.71 25.60
C THR A 2 -25.78 -18.68 25.86
N VAL A 3 -24.76 -19.05 26.57
CA VAL A 3 -23.67 -18.09 26.86
C VAL A 3 -22.33 -18.69 26.42
N ILE A 4 -21.74 -18.16 25.39
CA ILE A 4 -20.43 -18.69 24.91
C ILE A 4 -19.30 -17.75 25.34
N LYS A 5 -18.42 -18.20 26.18
CA LYS A 5 -17.30 -17.33 26.64
C LYS A 5 -16.00 -18.14 26.64
N PRO A 6 -15.22 -17.96 25.60
CA PRO A 6 -13.93 -18.66 25.47
C PRO A 6 -12.87 -18.01 26.36
N SER A 7 -12.03 -18.78 26.98
CA SER A 7 -10.99 -18.20 27.87
C SER A 7 -11.67 -17.62 29.11
N SER A 8 -10.99 -17.60 30.23
CA SER A 8 -11.60 -17.06 31.47
C SER A 8 -10.78 -15.87 31.96
N ARG A 9 -11.38 -15.01 32.75
CA ARG A 9 -10.65 -13.82 33.26
C ARG A 9 -11.21 -13.45 34.64
N PRO A 10 -10.88 -14.25 35.62
CA PRO A 10 -11.34 -14.04 37.00
C PRO A 10 -10.52 -12.94 37.68
N ARG A 11 -9.30 -13.24 38.07
CA ARG A 11 -8.46 -12.20 38.73
C ARG A 11 -7.02 -12.31 38.21
N PRO A 12 -6.30 -11.23 38.33
CA PRO A 12 -4.90 -11.16 37.90
C PRO A 12 -3.97 -11.85 38.91
N ARG A 13 -2.77 -12.17 38.51
CA ARG A 13 -1.83 -12.85 39.45
C ARG A 13 -0.48 -12.12 39.41
N LYS A 14 -0.45 -10.86 39.76
CA LYS A 14 0.83 -10.11 39.74
C LYS A 14 1.39 -10.09 38.32
N ASN A 15 1.06 -9.08 37.56
CA ASN A 15 1.57 -8.99 36.16
C ASN A 15 3.07 -9.27 36.15
N LYS A 16 3.54 -9.98 35.16
CA LYS A 16 5.01 -10.28 35.09
C LYS A 16 5.80 -8.99 35.25
N ASN A 17 6.88 -9.03 35.97
CA ASN A 17 7.70 -7.79 36.17
C ASN A 17 7.94 -7.12 34.81
N ILE A 18 7.35 -5.98 34.59
CA ILE A 18 7.55 -5.28 33.28
C ILE A 18 8.96 -4.68 33.22
N LYS A 19 9.59 -4.51 34.36
CA LYS A 19 10.96 -3.93 34.36
C LYS A 19 12.00 -5.06 34.31
N VAL A 20 13.16 -4.79 33.77
CA VAL A 20 14.21 -5.85 33.70
C VAL A 20 13.81 -6.89 32.65
N ASN A 21 12.76 -6.65 31.92
CA ASN A 21 12.33 -7.63 30.89
C ASN A 21 11.87 -6.89 29.62
N THR A 22 12.61 -7.00 28.56
CA THR A 22 12.20 -6.30 27.31
C THR A 22 10.94 -6.94 26.75
N TYR A 23 9.97 -6.15 26.37
CA TYR A 23 8.70 -6.72 25.83
C TYR A 23 8.74 -6.67 24.30
N ARG A 24 9.31 -5.63 23.74
CA ARG A 24 9.36 -5.53 22.25
C ARG A 24 7.94 -5.57 21.69
N THR A 25 7.77 -5.15 20.47
CA THR A 25 6.40 -5.15 19.87
C THR A 25 6.45 -5.85 18.50
N SER A 26 7.44 -5.55 17.71
CA SER A 26 7.55 -6.20 16.37
C SER A 26 6.30 -5.89 15.55
N ALA A 27 6.00 -4.63 15.36
CA ALA A 27 4.79 -4.28 14.57
C ALA A 27 5.21 -3.63 13.24
N MET A 28 6.09 -4.27 12.53
CA MET A 28 6.55 -3.72 11.22
C MET A 28 5.56 -4.10 10.13
N ASP A 29 4.73 -3.20 9.69
CA ASP A 29 3.75 -3.53 8.62
C ASP A 29 2.92 -2.29 8.29
N LEU A 30 3.51 -1.14 8.31
CA LEU A 30 2.75 0.11 7.99
C LEU A 30 3.70 1.30 7.95
N SER A 31 4.78 1.19 7.22
CA SER A 31 5.74 2.32 7.13
C SER A 31 5.62 2.99 5.77
N PRO A 32 5.95 4.25 5.72
CA PRO A 32 5.89 5.05 4.48
C PRO A 32 7.08 4.71 3.56
N GLY A 33 6.80 4.23 2.38
CA GLY A 33 7.91 3.89 1.44
C GLY A 33 7.85 2.40 1.10
N SER A 34 6.67 1.88 0.89
CA SER A 34 6.55 0.44 0.54
C SER A 34 5.69 0.29 -0.71
N VAL A 35 5.77 -0.84 -1.36
CA VAL A 35 4.96 -1.05 -2.60
C VAL A 35 3.85 -2.07 -2.32
N HIS A 36 2.65 -1.78 -2.71
CA HIS A 36 1.53 -2.74 -2.47
C HIS A 36 0.52 -2.64 -3.62
N GLU A 37 -0.43 -3.54 -3.68
CA GLU A 37 -1.43 -3.49 -4.76
C GLU A 37 -2.73 -2.89 -4.24
N GLY A 38 -3.51 -2.28 -5.11
CA GLY A 38 -4.79 -1.66 -4.65
C GLY A 38 -5.60 -1.22 -5.87
N ILE A 39 -6.79 -0.73 -5.65
CA ILE A 39 -7.65 -0.28 -6.78
C ILE A 39 -7.54 1.23 -6.91
N VAL A 40 -7.56 1.75 -8.11
CA VAL A 40 -7.45 3.22 -8.29
C VAL A 40 -8.84 3.83 -8.54
N TYR A 41 -8.94 5.13 -8.57
CA TYR A 41 -10.26 5.76 -8.83
C TYR A 41 -10.04 7.17 -9.39
N PHE A 42 -10.93 7.63 -10.23
CA PHE A 42 -10.78 9.00 -10.81
C PHE A 42 -11.71 9.97 -10.07
N LYS A 43 -11.16 10.78 -9.20
CA LYS A 43 -12.02 11.74 -8.45
C LYS A 43 -12.07 13.06 -9.21
N ASP A 44 -12.94 13.95 -8.81
CA ASP A 44 -13.04 15.26 -9.52
C ASP A 44 -12.04 16.25 -8.92
N GLY A 45 -11.04 15.76 -8.24
CA GLY A 45 -10.04 16.67 -7.63
C GLY A 45 -8.65 16.02 -7.65
N ILE A 46 -8.59 14.74 -7.42
CA ILE A 46 -7.28 14.05 -7.43
C ILE A 46 -7.50 12.56 -7.72
N PHE A 47 -6.59 11.72 -7.31
CA PHE A 47 -6.77 10.27 -7.57
C PHE A 47 -7.12 9.56 -6.27
N LYS A 48 -7.78 8.44 -6.35
CA LYS A 48 -8.15 7.70 -5.10
C LYS A 48 -7.65 6.27 -5.19
N VAL A 49 -7.34 5.67 -4.07
CA VAL A 49 -6.85 4.27 -4.08
C VAL A 49 -7.50 3.50 -2.93
N ARG A 50 -8.34 2.55 -3.22
CA ARG A 50 -9.00 1.77 -2.13
C ARG A 50 -8.28 0.44 -1.95
N LEU A 51 -7.88 0.12 -0.75
CA LEU A 51 -7.17 -1.17 -0.50
C LEU A 51 -8.18 -2.30 -0.43
N LEU A 52 -8.57 -2.85 -1.54
CA LEU A 52 -9.55 -3.96 -1.53
C LEU A 52 -8.99 -5.13 -0.72
N GLY A 53 -9.84 -5.85 -0.02
CA GLY A 53 -9.35 -7.00 0.79
C GLY A 53 -9.28 -6.60 2.27
N TYR A 54 -8.58 -5.53 2.57
CA TYR A 54 -8.47 -5.10 3.99
C TYR A 54 -9.81 -4.53 4.45
N GLU A 55 -10.63 -4.07 3.54
CA GLU A 55 -11.95 -3.50 3.95
C GLU A 55 -11.76 -2.54 5.11
N GLY A 56 -11.46 -1.30 4.82
CA GLY A 56 -11.27 -0.31 5.92
C GLY A 56 -10.04 0.56 5.63
N HIS A 57 -9.29 0.19 4.64
CA HIS A 57 -8.07 1.00 4.29
C HIS A 57 -8.39 1.96 3.15
N GLU A 58 -8.69 3.18 3.45
CA GLU A 58 -9.01 4.17 2.38
C GLU A 58 -7.80 5.05 2.11
N CYS A 59 -7.13 4.85 0.99
CA CYS A 59 -5.94 5.68 0.69
C CYS A 59 -6.30 6.72 -0.39
N ILE A 60 -5.49 7.73 -0.53
CA ILE A 60 -5.76 8.77 -1.57
C ILE A 60 -4.49 9.01 -2.36
N LEU A 61 -4.57 9.03 -3.65
CA LEU A 61 -3.34 9.25 -4.47
C LEU A 61 -3.24 10.72 -4.87
N LEU A 62 -2.14 11.35 -4.55
CA LEU A 62 -1.97 12.78 -4.89
C LEU A 62 -0.48 13.08 -5.08
N ASP A 63 0.36 12.49 -4.27
CA ASP A 63 1.83 12.75 -4.41
C ASP A 63 2.22 12.62 -5.88
N TYR A 64 1.88 11.53 -6.50
CA TYR A 64 2.22 11.36 -7.94
C TYR A 64 0.93 11.19 -8.75
N LEU A 65 -0.02 12.06 -8.54
CA LEU A 65 -1.31 11.96 -9.28
C LEU A 65 -1.03 11.99 -10.79
N ASN A 66 0.12 12.47 -11.18
CA ASN A 66 0.45 12.51 -12.63
C ASN A 66 -0.44 13.55 -13.32
N TYR A 67 -0.05 14.02 -14.48
CA TYR A 67 -0.87 15.02 -15.20
C TYR A 67 -1.25 14.49 -16.58
N ARG A 68 -2.17 15.13 -17.24
CA ARG A 68 -2.58 14.65 -18.59
C ARG A 68 -2.24 15.72 -19.64
N GLN A 69 -2.03 15.32 -20.86
CA GLN A 69 -1.70 16.31 -21.93
C GLN A 69 -2.98 16.87 -22.53
N ASP A 70 -3.75 17.60 -21.75
CA ASP A 70 -5.01 18.18 -22.29
C ASP A 70 -5.76 17.10 -23.10
N THR A 71 -5.97 15.96 -22.52
CA THR A 71 -6.68 14.87 -23.25
C THR A 71 -7.65 14.16 -22.31
N LEU A 72 -8.90 14.08 -22.67
CA LEU A 72 -9.89 13.40 -21.79
C LEU A 72 -9.35 12.02 -21.38
N ASP A 73 -8.58 11.40 -22.23
CA ASP A 73 -8.02 10.07 -21.90
C ASP A 73 -9.14 9.03 -21.89
N ARG A 74 -9.52 8.53 -23.04
CA ARG A 74 -10.61 7.52 -23.09
C ARG A 74 -10.16 6.25 -22.37
N LEU A 75 -8.88 6.00 -22.32
CA LEU A 75 -8.38 4.78 -21.63
C LEU A 75 -8.94 4.71 -20.21
N LYS A 76 -8.87 5.79 -19.49
CA LYS A 76 -9.39 5.79 -18.09
C LYS A 76 -10.77 5.11 -18.06
N GLU A 77 -11.62 5.42 -18.99
CA GLU A 77 -12.98 4.80 -19.01
C GLU A 77 -12.84 3.28 -18.93
N ARG A 78 -11.95 2.71 -19.71
CA ARG A 78 -11.77 1.23 -19.68
C ARG A 78 -11.78 0.75 -18.23
N LEU A 79 -10.79 1.11 -17.46
CA LEU A 79 -10.76 0.66 -16.04
C LEU A 79 -9.60 1.35 -15.30
N VAL A 80 -9.72 2.63 -15.08
CA VAL A 80 -8.64 3.37 -14.37
C VAL A 80 -8.42 2.78 -12.98
N GLY A 81 -9.49 2.48 -12.30
CA GLY A 81 -9.38 1.92 -10.92
C GLY A 81 -8.98 0.44 -10.95
N ARG A 82 -8.48 -0.05 -12.05
CA ARG A 82 -8.06 -1.48 -12.10
C ARG A 82 -7.14 -1.79 -10.92
N VAL A 83 -6.59 -2.97 -10.90
CA VAL A 83 -5.69 -3.34 -9.78
C VAL A 83 -4.24 -3.10 -10.22
N ILE A 84 -3.59 -2.15 -9.61
CA ILE A 84 -2.19 -1.84 -9.99
C ILE A 84 -1.31 -1.71 -8.75
N LYS A 85 -0.03 -1.52 -8.93
CA LYS A 85 0.88 -1.38 -7.76
C LYS A 85 1.13 0.11 -7.50
N THR A 86 1.40 0.48 -6.28
CA THR A 86 1.66 1.92 -5.99
C THR A 86 2.51 2.02 -4.72
N ARG A 87 2.98 3.21 -4.42
CA ARG A 87 3.83 3.37 -3.20
C ARG A 87 2.97 3.93 -2.06
N VAL A 88 3.34 3.68 -0.84
CA VAL A 88 2.53 4.21 0.30
C VAL A 88 3.19 5.48 0.81
N VAL A 89 2.44 6.55 0.89
CA VAL A 89 3.03 7.84 1.36
C VAL A 89 3.00 7.90 2.89
N ARG A 90 1.99 7.34 3.51
CA ARG A 90 1.92 7.38 4.99
C ARG A 90 0.52 6.97 5.45
N ALA A 91 0.39 5.80 6.02
CA ALA A 91 -0.95 5.34 6.49
C ALA A 91 -1.13 5.76 7.96
N ASP A 92 -2.07 6.62 8.23
CA ASP A 92 -2.29 7.06 9.63
C ASP A 92 -3.78 6.98 9.97
N GLY A 93 -4.34 5.81 9.98
CA GLY A 93 -5.79 5.67 10.30
C GLY A 93 -6.56 5.20 9.07
N LEU A 94 -7.86 5.32 9.09
CA LEU A 94 -8.67 4.87 7.93
C LEU A 94 -8.25 5.65 6.68
N TYR A 95 -7.70 6.83 6.86
CA TYR A 95 -7.26 7.62 5.68
C TYR A 95 -5.75 7.47 5.50
N VAL A 96 -5.29 7.38 4.29
CA VAL A 96 -3.83 7.22 4.06
C VAL A 96 -3.41 8.01 2.81
N ASP A 97 -2.13 8.27 2.67
CA ASP A 97 -1.65 9.03 1.48
C ASP A 97 -1.06 8.04 0.46
N LEU A 98 -1.01 8.41 -0.79
CA LEU A 98 -0.47 7.46 -1.82
C LEU A 98 0.40 8.20 -2.84
N ARG A 99 1.52 7.62 -3.17
CA ARG A 99 2.42 8.25 -4.18
C ARG A 99 2.62 7.26 -5.34
N ARG A 100 2.15 7.61 -6.50
CA ARG A 100 2.29 6.68 -7.67
C ARG A 100 3.76 6.59 -8.09
N PHE A 101 4.09 5.59 -8.85
CA PHE A 101 5.51 5.44 -9.32
C PHE A 101 5.52 4.93 -10.75
N PHE A 102 5.07 5.72 -11.69
CA PHE A 102 5.05 5.27 -13.10
C PHE A 102 5.81 6.29 -13.96
N MET A 1 10.52 -28.02 14.75
CA MET A 1 9.60 -28.34 13.62
C MET A 1 10.21 -29.45 12.76
N THR A 2 9.59 -29.78 11.66
CA THR A 2 10.12 -30.86 10.79
C THR A 2 9.57 -30.71 9.37
N VAL A 3 10.41 -30.84 8.37
CA VAL A 3 9.92 -30.71 6.97
C VAL A 3 10.55 -31.81 6.11
N ILE A 4 9.76 -32.50 5.34
CA ILE A 4 10.32 -33.58 4.49
C ILE A 4 10.06 -33.25 3.01
N LYS A 5 9.90 -32.00 2.69
CA LYS A 5 9.65 -31.62 1.28
C LYS A 5 10.69 -32.28 0.36
N PRO A 6 11.95 -32.09 0.70
CA PRO A 6 13.06 -32.65 -0.09
C PRO A 6 13.24 -34.15 0.22
N SER A 7 13.35 -34.96 -0.79
CA SER A 7 13.52 -36.42 -0.57
C SER A 7 14.49 -36.99 -1.60
N SER A 8 15.76 -36.72 -1.46
CA SER A 8 16.76 -37.24 -2.44
C SER A 8 16.46 -36.65 -3.82
N ARG A 9 17.48 -36.34 -4.58
CA ARG A 9 17.27 -35.77 -5.93
C ARG A 9 17.97 -36.63 -6.99
N PRO A 10 17.30 -37.67 -7.40
CA PRO A 10 17.83 -38.60 -8.41
C PRO A 10 17.72 -37.99 -9.81
N ARG A 11 16.52 -37.83 -10.30
CA ARG A 11 16.34 -37.23 -11.64
C ARG A 11 15.15 -36.28 -11.63
N PRO A 12 15.26 -35.20 -12.36
CA PRO A 12 14.21 -34.18 -12.45
C PRO A 12 13.08 -34.64 -13.39
N ARG A 13 12.12 -35.35 -12.87
CA ARG A 13 11.01 -35.84 -13.73
C ARG A 13 9.81 -36.21 -12.85
N LYS A 14 9.08 -35.23 -12.40
CA LYS A 14 7.89 -35.53 -11.54
C LYS A 14 6.87 -34.39 -11.65
N ASN A 15 6.41 -34.11 -12.84
CA ASN A 15 5.42 -33.01 -13.02
C ASN A 15 6.11 -31.67 -12.83
N LYS A 16 6.31 -30.94 -13.90
CA LYS A 16 6.98 -29.61 -13.78
C LYS A 16 5.98 -28.57 -13.26
N ASN A 17 6.17 -28.10 -12.05
CA ASN A 17 5.23 -27.08 -11.50
C ASN A 17 5.88 -26.39 -10.30
N ILE A 18 5.44 -25.20 -10.00
CA ILE A 18 6.02 -24.46 -8.83
C ILE A 18 4.88 -23.90 -7.97
N LYS A 19 5.20 -23.06 -7.03
CA LYS A 19 4.14 -22.48 -6.16
C LYS A 19 4.77 -21.56 -5.12
N VAL A 20 3.98 -20.76 -4.46
CA VAL A 20 4.54 -19.83 -3.43
C VAL A 20 3.55 -19.71 -2.27
N ASN A 21 3.93 -20.14 -1.10
CA ASN A 21 3.01 -20.05 0.06
C ASN A 21 3.58 -19.07 1.09
N THR A 22 2.78 -18.66 2.04
CA THR A 22 3.27 -17.71 3.07
C THR A 22 4.40 -18.35 3.87
N TYR A 23 5.37 -17.58 4.30
CA TYR A 23 6.50 -18.14 5.08
C TYR A 23 6.17 -18.08 6.57
N ARG A 24 7.05 -18.57 7.40
CA ARG A 24 6.79 -18.55 8.87
C ARG A 24 7.02 -17.12 9.39
N THR A 25 7.99 -16.43 8.87
CA THR A 25 8.26 -15.04 9.34
C THR A 25 7.22 -14.10 8.75
N SER A 26 6.51 -13.38 9.59
CA SER A 26 5.48 -12.43 9.07
C SER A 26 6.16 -11.25 8.38
N ALA A 27 5.73 -10.93 7.19
CA ALA A 27 6.35 -9.78 6.46
C ALA A 27 5.37 -8.62 6.44
N MET A 28 5.70 -7.54 7.08
CA MET A 28 4.78 -6.37 7.11
C MET A 28 5.15 -5.39 5.99
N ASP A 29 4.30 -4.44 5.71
CA ASP A 29 4.60 -3.46 4.63
C ASP A 29 3.95 -2.11 4.99
N LEU A 30 4.33 -1.54 6.10
CA LEU A 30 3.73 -0.24 6.49
C LEU A 30 4.85 0.80 6.68
N SER A 31 5.04 1.66 5.73
CA SER A 31 6.11 2.69 5.84
C SER A 31 5.95 3.71 4.71
N PRO A 32 6.62 4.83 4.85
CA PRO A 32 6.60 5.91 3.86
C PRO A 32 7.49 5.57 2.68
N GLY A 33 6.96 4.94 1.68
CA GLY A 33 7.79 4.58 0.49
C GLY A 33 7.78 3.06 0.31
N SER A 34 6.66 2.49 -0.05
CA SER A 34 6.60 1.02 -0.24
C SER A 34 5.81 0.70 -1.51
N VAL A 35 5.80 -0.54 -1.91
CA VAL A 35 5.04 -0.92 -3.13
C VAL A 35 3.97 -1.96 -2.78
N HIS A 36 2.74 -1.72 -3.16
CA HIS A 36 1.67 -2.70 -2.83
C HIS A 36 0.60 -2.65 -3.93
N GLU A 37 -0.28 -3.61 -3.94
CA GLU A 37 -1.36 -3.63 -4.97
C GLU A 37 -2.65 -3.11 -4.35
N GLY A 38 -3.33 -2.22 -5.03
CA GLY A 38 -4.59 -1.66 -4.49
C GLY A 38 -5.57 -1.38 -5.62
N ILE A 39 -6.76 -0.95 -5.31
CA ILE A 39 -7.75 -0.65 -6.38
C ILE A 39 -7.70 0.84 -6.69
N VAL A 40 -8.18 1.25 -7.83
CA VAL A 40 -8.12 2.70 -8.18
C VAL A 40 -9.54 3.29 -8.19
N TYR A 41 -9.62 4.58 -8.24
CA TYR A 41 -10.96 5.25 -8.27
C TYR A 41 -10.81 6.65 -8.86
N PHE A 42 -11.83 7.15 -9.51
CA PHE A 42 -11.73 8.51 -10.11
C PHE A 42 -12.49 9.51 -9.25
N LYS A 43 -11.83 10.52 -8.75
CA LYS A 43 -12.52 11.53 -7.91
C LYS A 43 -12.65 12.84 -8.68
N ASP A 44 -13.44 13.76 -8.19
CA ASP A 44 -13.60 15.06 -8.90
C ASP A 44 -12.52 16.03 -8.45
N GLY A 45 -11.58 15.59 -7.66
CA GLY A 45 -10.50 16.50 -7.20
C GLY A 45 -9.13 15.84 -7.41
N ILE A 46 -9.07 14.54 -7.28
CA ILE A 46 -7.77 13.85 -7.48
C ILE A 46 -8.04 12.35 -7.73
N PHE A 47 -7.11 11.49 -7.40
CA PHE A 47 -7.36 10.04 -7.63
C PHE A 47 -7.61 9.35 -6.29
N LYS A 48 -8.15 8.16 -6.31
CA LYS A 48 -8.42 7.46 -5.01
C LYS A 48 -7.96 6.01 -5.10
N VAL A 49 -7.53 5.46 -3.99
CA VAL A 49 -7.08 4.05 -3.98
C VAL A 49 -7.74 3.32 -2.81
N ARG A 50 -8.27 2.15 -3.04
CA ARG A 50 -8.95 1.40 -1.94
C ARG A 50 -8.15 0.13 -1.62
N LEU A 51 -7.74 -0.04 -0.40
CA LEU A 51 -6.98 -1.26 -0.03
C LEU A 51 -7.95 -2.38 0.32
N LEU A 52 -8.69 -2.85 -0.64
CA LEU A 52 -9.66 -3.96 -0.37
C LEU A 52 -8.99 -5.05 0.45
N GLY A 53 -9.72 -5.70 1.31
CA GLY A 53 -9.12 -6.79 2.14
C GLY A 53 -8.86 -6.27 3.55
N TYR A 54 -8.30 -5.10 3.68
CA TYR A 54 -8.02 -4.54 5.03
C TYR A 54 -9.32 -4.01 5.64
N GLU A 55 -10.32 -3.79 4.83
CA GLU A 55 -11.60 -3.27 5.36
C GLU A 55 -11.33 -2.07 6.28
N GLY A 56 -11.36 -0.88 5.73
CA GLY A 56 -11.11 0.31 6.59
C GLY A 56 -9.90 1.09 6.05
N HIS A 57 -9.02 0.42 5.33
CA HIS A 57 -7.83 1.12 4.79
C HIS A 57 -8.19 1.85 3.50
N GLU A 58 -8.59 3.10 3.60
CA GLU A 58 -8.96 3.87 2.38
C GLU A 58 -7.78 4.75 1.99
N CYS A 59 -7.13 4.43 0.89
CA CYS A 59 -5.97 5.24 0.45
C CYS A 59 -6.42 6.23 -0.63
N ILE A 60 -5.55 7.11 -1.03
CA ILE A 60 -5.92 8.09 -2.09
C ILE A 60 -4.68 8.46 -2.90
N LEU A 61 -4.86 8.73 -4.16
CA LEU A 61 -3.69 9.10 -5.01
C LEU A 61 -3.61 10.62 -5.12
N LEU A 62 -2.71 11.21 -4.38
CA LEU A 62 -2.55 12.69 -4.42
C LEU A 62 -1.11 13.03 -4.80
N ASP A 63 -0.20 12.16 -4.48
CA ASP A 63 1.23 12.41 -4.84
C ASP A 63 1.46 11.93 -6.27
N TYR A 64 0.80 10.86 -6.65
CA TYR A 64 0.98 10.34 -8.04
C TYR A 64 0.97 11.51 -9.01
N LEU A 65 0.07 12.44 -8.85
CA LEU A 65 0.01 13.60 -9.77
C LEU A 65 1.28 14.45 -9.62
N ASN A 66 1.73 14.64 -8.41
CA ASN A 66 2.97 15.45 -8.21
C ASN A 66 4.02 15.06 -9.26
N TYR A 67 4.82 15.99 -9.69
CA TYR A 67 5.85 15.66 -10.71
C TYR A 67 5.20 14.88 -11.85
N ARG A 68 4.40 15.53 -12.65
CA ARG A 68 3.73 14.82 -13.77
C ARG A 68 4.47 15.13 -15.08
N GLN A 69 5.48 14.37 -15.40
CA GLN A 69 6.24 14.62 -16.65
C GLN A 69 5.80 13.62 -17.72
N ASP A 70 4.99 12.66 -17.36
CA ASP A 70 4.52 11.65 -18.35
C ASP A 70 3.00 11.69 -18.42
N THR A 71 2.45 12.50 -19.29
CA THR A 71 0.96 12.58 -19.41
C THR A 71 0.37 11.16 -19.43
N LEU A 72 -0.19 10.72 -18.34
CA LEU A 72 -0.78 9.36 -18.30
C LEU A 72 -2.22 9.44 -17.77
N ASP A 73 -3.02 10.30 -18.33
CA ASP A 73 -4.43 10.43 -17.85
C ASP A 73 -5.35 9.67 -18.79
N ARG A 74 -4.86 9.25 -19.93
CA ARG A 74 -5.72 8.50 -20.90
C ARG A 74 -6.07 7.14 -20.31
N LEU A 75 -5.12 6.49 -19.69
CA LEU A 75 -5.41 5.15 -19.09
C LEU A 75 -6.74 5.19 -18.36
N LYS A 76 -7.08 6.31 -17.78
CA LYS A 76 -8.37 6.40 -17.04
C LYS A 76 -9.51 5.87 -17.91
N GLU A 77 -9.77 6.51 -19.02
CA GLU A 77 -10.86 6.03 -19.92
C GLU A 77 -10.67 4.54 -20.20
N ARG A 78 -9.45 4.08 -20.23
CA ARG A 78 -9.20 2.64 -20.51
C ARG A 78 -10.08 1.79 -19.59
N LEU A 79 -9.86 1.85 -18.31
CA LEU A 79 -10.69 1.04 -17.37
C LEU A 79 -10.33 1.40 -15.94
N VAL A 80 -10.38 2.66 -15.60
CA VAL A 80 -10.04 3.08 -14.20
C VAL A 80 -10.68 2.11 -13.22
N GLY A 81 -10.28 2.16 -11.99
CA GLY A 81 -10.85 1.24 -10.98
C GLY A 81 -10.06 -0.06 -10.96
N ARG A 82 -9.61 -0.51 -12.10
CA ARG A 82 -8.83 -1.78 -12.15
C ARG A 82 -7.80 -1.82 -11.02
N VAL A 83 -7.14 -2.93 -10.85
CA VAL A 83 -6.14 -3.04 -9.75
C VAL A 83 -4.73 -2.79 -10.33
N ILE A 84 -3.87 -2.20 -9.55
CA ILE A 84 -2.49 -1.93 -10.04
C ILE A 84 -1.53 -1.82 -8.85
N LYS A 85 -0.26 -1.65 -9.12
CA LYS A 85 0.73 -1.54 -8.03
C LYS A 85 1.03 -0.06 -7.77
N THR A 86 0.60 0.46 -6.66
CA THR A 86 0.84 1.91 -6.37
C THR A 86 1.86 2.05 -5.23
N ARG A 87 2.40 3.22 -5.04
CA ARG A 87 3.37 3.41 -3.93
C ARG A 87 2.65 4.03 -2.74
N VAL A 88 2.97 3.62 -1.54
CA VAL A 88 2.28 4.18 -0.34
C VAL A 88 3.11 5.33 0.22
N VAL A 89 2.47 6.39 0.64
CA VAL A 89 3.24 7.54 1.16
C VAL A 89 2.84 7.89 2.60
N ARG A 90 1.78 7.32 3.12
CA ARG A 90 1.39 7.65 4.52
C ARG A 90 0.05 6.98 4.87
N ALA A 91 0.10 5.94 5.66
CA ALA A 91 -1.16 5.24 6.06
C ALA A 91 -1.33 5.37 7.57
N ASP A 92 -1.95 6.42 8.03
CA ASP A 92 -2.14 6.59 9.49
C ASP A 92 -3.64 6.70 9.82
N GLY A 93 -4.30 5.59 9.95
CA GLY A 93 -5.76 5.64 10.27
C GLY A 93 -6.56 5.04 9.10
N LEU A 94 -7.66 5.66 8.75
CA LEU A 94 -8.48 5.12 7.63
C LEU A 94 -8.22 5.96 6.36
N TYR A 95 -7.31 6.89 6.43
CA TYR A 95 -7.01 7.72 5.23
C TYR A 95 -5.52 7.62 4.90
N VAL A 96 -5.19 7.38 3.66
CA VAL A 96 -3.75 7.26 3.30
C VAL A 96 -3.45 8.10 2.04
N ASP A 97 -2.28 8.66 1.96
CA ASP A 97 -1.91 9.47 0.77
C ASP A 97 -0.79 8.74 0.02
N LEU A 98 -0.80 8.74 -1.28
CA LEU A 98 0.27 8.00 -2.01
C LEU A 98 0.33 8.37 -3.47
N ARG A 99 1.27 7.78 -4.17
CA ARG A 99 1.44 8.05 -5.62
C ARG A 99 1.63 6.72 -6.36
N ARG A 100 0.62 6.26 -7.05
CA ARG A 100 0.75 4.97 -7.78
C ARG A 100 2.00 5.02 -8.66
N PHE A 101 2.50 3.88 -9.05
CA PHE A 101 3.72 3.85 -9.91
C PHE A 101 3.79 2.51 -10.66
N PHE A 102 4.02 2.54 -11.94
CA PHE A 102 4.10 1.26 -12.71
C PHE A 102 4.27 1.58 -14.19
N MET A 1 -12.99 -10.39 28.14
CA MET A 1 -13.78 -9.16 27.86
C MET A 1 -14.15 -8.47 29.17
N THR A 2 -13.25 -8.40 30.10
CA THR A 2 -13.56 -7.74 31.40
C THR A 2 -12.39 -6.84 31.81
N VAL A 3 -12.66 -5.82 32.56
CA VAL A 3 -11.56 -4.90 32.99
C VAL A 3 -10.41 -5.72 33.59
N ILE A 4 -9.20 -5.45 33.18
CA ILE A 4 -8.05 -6.21 33.73
C ILE A 4 -7.01 -5.23 34.30
N LYS A 5 -7.19 -4.83 35.53
CA LYS A 5 -6.21 -3.88 36.14
C LYS A 5 -5.82 -4.38 37.54
N PRO A 6 -4.60 -4.11 37.92
CA PRO A 6 -4.08 -4.51 39.23
C PRO A 6 -4.57 -3.54 40.32
N SER A 7 -4.09 -3.70 41.53
CA SER A 7 -4.53 -2.79 42.62
C SER A 7 -3.84 -3.19 43.92
N SER A 8 -4.00 -4.41 44.34
CA SER A 8 -3.35 -4.84 45.62
C SER A 8 -2.02 -5.53 45.30
N ARG A 9 -1.93 -6.20 44.18
CA ARG A 9 -0.66 -6.89 43.82
C ARG A 9 -0.36 -7.97 44.87
N PRO A 10 -0.95 -9.13 44.67
CA PRO A 10 -0.77 -10.27 45.58
C PRO A 10 0.57 -10.96 45.32
N ARG A 11 1.46 -10.94 46.27
CA ARG A 11 2.78 -11.59 46.08
C ARG A 11 3.33 -11.22 44.69
N PRO A 12 3.53 -9.94 44.50
CA PRO A 12 4.06 -9.41 43.22
C PRO A 12 5.57 -9.63 43.13
N ARG A 13 6.12 -9.54 41.96
CA ARG A 13 7.59 -9.75 41.80
C ARG A 13 8.32 -8.51 42.33
N LYS A 14 9.50 -8.70 42.86
CA LYS A 14 10.27 -7.54 43.40
C LYS A 14 10.26 -6.41 42.36
N ASN A 15 10.29 -5.18 42.82
CA ASN A 15 10.29 -4.03 41.87
C ASN A 15 11.53 -3.18 42.09
N LYS A 16 12.42 -3.16 41.13
CA LYS A 16 13.67 -2.35 41.30
C LYS A 16 13.38 -0.89 40.94
N ASN A 17 14.36 -0.04 41.07
CA ASN A 17 14.14 1.40 40.74
C ASN A 17 15.46 2.03 40.28
N ILE A 18 16.29 1.26 39.62
CA ILE A 18 17.59 1.81 39.15
C ILE A 18 17.62 1.82 37.62
N LYS A 19 16.48 2.05 37.00
CA LYS A 19 16.44 2.07 35.51
C LYS A 19 15.02 2.41 35.05
N VAL A 20 14.79 3.64 34.69
CA VAL A 20 13.43 4.04 34.23
C VAL A 20 13.41 4.06 32.70
N ASN A 21 12.32 3.67 32.10
CA ASN A 21 12.24 3.67 30.61
C ASN A 21 13.42 2.87 30.05
N THR A 22 13.27 1.58 29.93
CA THR A 22 14.39 0.75 29.38
C THR A 22 14.31 0.73 27.85
N TYR A 23 13.21 0.25 27.32
CA TYR A 23 13.08 0.21 25.83
C TYR A 23 13.35 1.60 25.26
N ARG A 24 13.38 1.72 23.95
CA ARG A 24 13.65 3.05 23.34
C ARG A 24 12.91 3.14 22.00
N THR A 25 12.42 4.31 21.67
CA THR A 25 11.68 4.47 20.38
C THR A 25 10.57 3.43 20.30
N SER A 26 9.41 3.76 20.79
CA SER A 26 8.27 2.79 20.74
C SER A 26 7.00 3.52 20.29
N ALA A 27 7.12 4.40 19.33
CA ALA A 27 5.93 5.14 18.85
C ALA A 27 5.60 4.71 17.42
N MET A 28 4.53 3.99 17.23
CA MET A 28 4.17 3.55 15.85
C MET A 28 3.58 4.73 15.07
N ASP A 29 4.16 5.05 13.95
CA ASP A 29 3.64 6.19 13.14
C ASP A 29 3.48 5.75 11.68
N LEU A 30 3.83 4.53 11.38
CA LEU A 30 3.69 4.05 9.97
C LEU A 30 4.56 4.92 9.06
N SER A 31 5.70 4.44 8.66
CA SER A 31 6.59 5.25 7.78
C SER A 31 6.47 4.76 6.33
N PRO A 32 6.66 5.65 5.41
CA PRO A 32 6.59 5.35 3.97
C PRO A 32 7.87 4.67 3.50
N GLY A 33 7.91 4.25 2.26
CA GLY A 33 9.13 3.59 1.73
C GLY A 33 8.81 2.14 1.35
N SER A 34 7.55 1.85 1.13
CA SER A 34 7.18 0.46 0.76
C SER A 34 6.17 0.50 -0.39
N VAL A 35 5.99 -0.59 -1.09
CA VAL A 35 5.02 -0.61 -2.22
C VAL A 35 3.92 -1.62 -1.94
N HIS A 36 2.89 -1.63 -2.73
CA HIS A 36 1.78 -2.60 -2.51
C HIS A 36 0.79 -2.53 -3.68
N GLU A 37 -0.11 -3.47 -3.77
CA GLU A 37 -1.11 -3.46 -4.88
C GLU A 37 -2.42 -2.87 -4.37
N GLY A 38 -3.14 -2.20 -5.23
CA GLY A 38 -4.44 -1.60 -4.80
C GLY A 38 -5.32 -1.34 -6.02
N ILE A 39 -6.52 -0.89 -5.81
CA ILE A 39 -7.43 -0.61 -6.96
C ILE A 39 -7.39 0.89 -7.28
N VAL A 40 -7.61 1.26 -8.51
CA VAL A 40 -7.57 2.70 -8.86
C VAL A 40 -8.99 3.27 -8.94
N TYR A 41 -9.16 4.52 -8.59
CA TYR A 41 -10.52 5.13 -8.65
C TYR A 41 -10.39 6.62 -8.97
N PHE A 42 -11.49 7.29 -9.21
CA PHE A 42 -11.43 8.74 -9.54
C PHE A 42 -12.23 9.53 -8.50
N LYS A 43 -11.68 10.61 -8.02
CA LYS A 43 -12.41 11.42 -7.01
C LYS A 43 -11.51 12.56 -6.51
N ASP A 44 -12.10 13.63 -6.05
CA ASP A 44 -11.30 14.78 -5.56
C ASP A 44 -10.53 15.42 -6.71
N GLY A 45 -10.84 15.03 -7.93
CA GLY A 45 -10.13 15.62 -9.10
C GLY A 45 -8.85 14.84 -9.37
N ILE A 46 -8.41 14.05 -8.41
CA ILE A 46 -7.16 13.26 -8.61
C ILE A 46 -7.52 11.78 -8.68
N PHE A 47 -6.65 10.92 -8.21
CA PHE A 47 -6.96 9.47 -8.25
C PHE A 47 -7.16 8.96 -6.83
N LYS A 48 -7.57 7.72 -6.69
CA LYS A 48 -7.78 7.17 -5.32
C LYS A 48 -7.46 5.68 -5.31
N VAL A 49 -6.63 5.25 -4.41
CA VAL A 49 -6.27 3.80 -4.34
C VAL A 49 -7.04 3.15 -3.20
N ARG A 50 -7.98 2.29 -3.52
CA ARG A 50 -8.75 1.61 -2.44
C ARG A 50 -8.17 0.22 -2.18
N LEU A 51 -7.92 -0.10 -0.93
CA LEU A 51 -7.35 -1.44 -0.62
C LEU A 51 -8.49 -2.42 -0.33
N LEU A 52 -8.93 -3.15 -1.32
CA LEU A 52 -10.03 -4.12 -1.10
C LEU A 52 -9.53 -5.24 -0.19
N GLY A 53 -10.37 -5.73 0.68
CA GLY A 53 -9.94 -6.84 1.59
C GLY A 53 -9.87 -6.30 3.02
N TYR A 54 -9.31 -5.14 3.20
CA TYR A 54 -9.20 -4.56 4.58
C TYR A 54 -10.47 -3.76 4.89
N GLU A 55 -11.12 -3.24 3.88
CA GLU A 55 -12.36 -2.45 4.13
C GLU A 55 -12.01 -1.23 4.98
N GLY A 56 -12.31 -0.05 4.51
CA GLY A 56 -12.00 1.17 5.28
C GLY A 56 -10.68 1.77 4.79
N HIS A 57 -9.73 0.94 4.49
CA HIS A 57 -8.41 1.46 4.01
C HIS A 57 -8.63 2.27 2.72
N GLU A 58 -8.89 3.54 2.86
CA GLU A 58 -9.12 4.39 1.66
C GLU A 58 -7.88 5.24 1.38
N CYS A 59 -7.10 4.88 0.41
CA CYS A 59 -5.88 5.65 0.10
C CYS A 59 -6.17 6.59 -1.08
N ILE A 60 -5.44 7.67 -1.19
CA ILE A 60 -5.67 8.61 -2.31
C ILE A 60 -4.42 8.70 -3.17
N LEU A 61 -4.57 8.68 -4.47
CA LEU A 61 -3.36 8.77 -5.34
C LEU A 61 -3.19 10.21 -5.80
N LEU A 62 -2.18 10.87 -5.32
CA LEU A 62 -1.95 12.29 -5.73
C LEU A 62 -0.59 12.40 -6.44
N ASP A 63 0.39 11.69 -5.98
CA ASP A 63 1.73 11.75 -6.62
C ASP A 63 1.61 11.27 -8.07
N TYR A 64 1.12 10.07 -8.27
CA TYR A 64 0.98 9.56 -9.66
C TYR A 64 -0.49 9.28 -9.96
N LEU A 65 -1.34 10.27 -9.78
CA LEU A 65 -2.78 10.06 -10.07
C LEU A 65 -2.98 9.77 -11.56
N ASN A 66 -2.04 10.16 -12.37
CA ASN A 66 -2.16 9.91 -13.84
C ASN A 66 -0.82 10.17 -14.51
N TYR A 67 -0.76 10.10 -15.82
CA TYR A 67 0.52 10.34 -16.52
C TYR A 67 0.29 11.24 -17.73
N ARG A 68 0.59 12.51 -17.60
CA ARG A 68 0.38 13.45 -18.74
C ARG A 68 -0.96 13.15 -19.42
N GLN A 69 -1.16 13.66 -20.61
CA GLN A 69 -2.44 13.41 -21.32
C GLN A 69 -2.23 13.55 -22.83
N ASP A 70 -3.28 13.65 -23.59
CA ASP A 70 -3.13 13.78 -25.06
C ASP A 70 -4.51 13.79 -25.71
N THR A 71 -5.18 12.67 -25.72
CA THR A 71 -6.53 12.61 -26.35
C THR A 71 -7.13 11.22 -26.14
N LEU A 72 -8.41 11.08 -26.31
CA LEU A 72 -9.06 9.75 -26.13
C LEU A 72 -9.17 9.45 -24.64
N ASP A 73 -9.60 10.41 -23.86
CA ASP A 73 -9.74 10.18 -22.39
C ASP A 73 -10.85 9.17 -22.14
N ARG A 74 -11.60 8.81 -23.16
CA ARG A 74 -12.69 7.82 -22.96
C ARG A 74 -12.10 6.50 -22.48
N LEU A 75 -10.98 6.11 -23.01
CA LEU A 75 -10.35 4.84 -22.59
C LEU A 75 -9.88 4.96 -21.14
N LYS A 76 -9.59 6.15 -20.71
CA LYS A 76 -9.12 6.34 -19.30
C LYS A 76 -10.24 5.97 -18.32
N GLU A 77 -11.47 6.15 -18.72
CA GLU A 77 -12.61 5.81 -17.81
C GLU A 77 -12.57 4.32 -17.47
N ARG A 78 -12.43 3.48 -18.46
CA ARG A 78 -12.39 2.02 -18.19
C ARG A 78 -11.05 1.64 -17.55
N LEU A 79 -10.00 2.35 -17.88
CA LEU A 79 -8.68 2.03 -17.29
C LEU A 79 -8.77 2.13 -15.76
N VAL A 80 -9.28 3.23 -15.27
CA VAL A 80 -9.40 3.38 -13.80
C VAL A 80 -9.92 2.09 -13.20
N GLY A 81 -9.82 1.93 -11.91
CA GLY A 81 -10.31 0.67 -11.28
C GLY A 81 -9.20 -0.38 -11.32
N ARG A 82 -8.60 -0.55 -12.47
CA ARG A 82 -7.51 -1.56 -12.61
C ARG A 82 -6.63 -1.57 -11.34
N VAL A 83 -5.91 -2.63 -11.12
CA VAL A 83 -5.05 -2.70 -9.91
C VAL A 83 -3.62 -2.35 -10.30
N ILE A 84 -2.92 -1.63 -9.46
CA ILE A 84 -1.52 -1.25 -9.80
C ILE A 84 -0.66 -1.32 -8.54
N LYS A 85 0.64 -1.27 -8.71
CA LYS A 85 1.56 -1.33 -7.54
C LYS A 85 2.09 0.07 -7.26
N THR A 86 1.62 0.70 -6.21
CA THR A 86 2.11 2.08 -5.90
C THR A 86 2.80 2.07 -4.54
N ARG A 87 3.37 3.19 -4.16
CA ARG A 87 4.06 3.26 -2.83
C ARG A 87 3.12 3.90 -1.81
N VAL A 88 3.42 3.74 -0.54
CA VAL A 88 2.54 4.33 0.50
C VAL A 88 3.13 5.67 0.95
N VAL A 89 2.34 6.70 0.96
CA VAL A 89 2.87 8.03 1.38
C VAL A 89 2.79 8.16 2.90
N ARG A 90 1.80 7.57 3.52
CA ARG A 90 1.68 7.66 4.99
C ARG A 90 0.25 7.29 5.39
N ALA A 91 0.11 6.19 6.09
CA ALA A 91 -1.25 5.75 6.53
C ALA A 91 -1.48 6.17 7.97
N ASP A 92 -2.71 6.40 8.34
CA ASP A 92 -3.00 6.82 9.75
C ASP A 92 -4.07 5.89 10.34
N GLY A 93 -5.26 5.98 9.86
CA GLY A 93 -6.36 5.10 10.38
C GLY A 93 -7.24 4.68 9.22
N LEU A 94 -8.08 5.56 8.75
CA LEU A 94 -8.97 5.21 7.60
C LEU A 94 -8.54 5.99 6.36
N TYR A 95 -7.91 7.12 6.55
CA TYR A 95 -7.45 7.93 5.39
C TYR A 95 -5.96 7.68 5.17
N VAL A 96 -5.54 7.49 3.94
CA VAL A 96 -4.11 7.24 3.68
C VAL A 96 -3.65 7.97 2.41
N ASP A 97 -2.40 8.33 2.33
CA ASP A 97 -1.90 9.04 1.12
C ASP A 97 -1.23 8.02 0.20
N LEU A 98 -1.15 8.30 -1.07
CA LEU A 98 -0.53 7.31 -2.00
C LEU A 98 0.32 8.03 -3.06
N ARG A 99 1.46 7.48 -3.36
CA ARG A 99 2.35 8.09 -4.39
C ARG A 99 3.05 6.99 -5.18
N ARG A 100 2.93 7.00 -6.48
CA ARG A 100 3.59 5.95 -7.29
C ARG A 100 5.03 6.38 -7.62
N PHE A 101 5.82 5.49 -8.17
CA PHE A 101 7.22 5.85 -8.51
C PHE A 101 7.85 4.70 -9.30
N PHE A 102 7.51 4.55 -10.55
CA PHE A 102 8.10 3.46 -11.37
C PHE A 102 7.90 2.12 -10.65
N MET A 1 11.18 -7.80 44.00
CA MET A 1 10.53 -8.56 45.11
C MET A 1 11.59 -9.37 45.85
N THR A 2 11.63 -9.27 47.15
CA THR A 2 12.64 -10.03 47.92
C THR A 2 14.03 -9.77 47.36
N VAL A 3 14.32 -8.54 47.03
CA VAL A 3 15.67 -8.21 46.47
C VAL A 3 16.61 -7.81 47.61
N ILE A 4 17.48 -8.69 48.00
CA ILE A 4 18.43 -8.36 49.10
C ILE A 4 19.78 -7.94 48.50
N LYS A 5 20.52 -8.87 47.97
CA LYS A 5 21.84 -8.52 47.37
C LYS A 5 22.24 -9.61 46.36
N PRO A 6 21.65 -9.54 45.20
CA PRO A 6 21.92 -10.50 44.12
C PRO A 6 23.23 -10.17 43.41
N SER A 7 23.43 -10.68 42.23
CA SER A 7 24.68 -10.39 41.49
C SER A 7 24.35 -9.92 40.07
N SER A 8 23.16 -9.41 39.88
CA SER A 8 22.76 -8.94 38.53
C SER A 8 23.05 -7.44 38.40
N ARG A 9 23.19 -6.95 37.20
CA ARG A 9 23.48 -5.50 37.00
C ARG A 9 22.98 -5.06 35.63
N PRO A 10 22.63 -3.81 35.52
CA PRO A 10 22.14 -3.23 34.26
C PRO A 10 23.29 -2.96 33.29
N ARG A 11 24.48 -2.79 33.81
CA ARG A 11 25.63 -2.52 32.90
C ARG A 11 26.67 -3.64 33.05
N PRO A 12 26.44 -4.72 32.35
CA PRO A 12 27.33 -5.89 32.37
C PRO A 12 28.57 -5.64 31.49
N ARG A 13 28.41 -4.90 30.44
CA ARG A 13 29.57 -4.61 29.54
C ARG A 13 29.10 -3.76 28.36
N LYS A 14 29.75 -2.66 28.12
CA LYS A 14 29.34 -1.78 26.99
C LYS A 14 30.45 -0.76 26.70
N ASN A 15 31.61 -1.22 26.33
CA ASN A 15 32.72 -0.27 26.04
C ASN A 15 32.65 0.16 24.57
N LYS A 16 32.13 1.32 24.30
CA LYS A 16 32.04 1.79 22.90
C LYS A 16 31.30 0.74 22.06
N ASN A 17 30.06 1.00 21.72
CA ASN A 17 29.30 0.01 20.91
C ASN A 17 28.24 0.75 20.08
N ILE A 18 28.45 0.85 18.80
CA ILE A 18 27.46 1.56 17.93
C ILE A 18 26.07 0.97 18.17
N LYS A 19 25.04 1.75 17.97
CA LYS A 19 23.66 1.22 18.18
C LYS A 19 23.43 0.99 19.67
N VAL A 20 22.53 1.70 20.27
CA VAL A 20 22.25 1.52 21.72
C VAL A 20 20.86 0.92 21.91
N ASN A 21 20.64 0.27 23.02
CA ASN A 21 19.29 -0.34 23.28
C ASN A 21 18.87 -1.18 22.07
N THR A 22 17.60 -1.43 21.93
CA THR A 22 17.12 -2.24 20.79
C THR A 22 15.66 -1.90 20.50
N TYR A 23 15.24 -1.98 19.27
CA TYR A 23 13.82 -1.65 18.96
C TYR A 23 13.56 -0.18 19.32
N ARG A 24 13.20 0.62 18.36
CA ARG A 24 12.93 2.06 18.67
C ARG A 24 11.46 2.38 18.41
N THR A 25 11.00 3.51 18.88
CA THR A 25 9.57 3.88 18.67
C THR A 25 9.45 4.84 17.48
N SER A 26 10.56 5.15 16.85
CA SER A 26 10.51 6.09 15.69
C SER A 26 10.20 5.30 14.42
N ALA A 27 9.64 5.94 13.43
CA ALA A 27 9.32 5.23 12.16
C ALA A 27 8.32 4.10 12.46
N MET A 28 7.37 3.89 11.58
CA MET A 28 6.37 2.81 11.81
C MET A 28 6.69 1.62 10.90
N ASP A 29 6.31 0.44 11.30
CA ASP A 29 6.59 -0.75 10.46
C ASP A 29 5.39 -1.04 9.55
N LEU A 30 4.36 -0.23 9.65
CA LEU A 30 3.16 -0.46 8.79
C LEU A 30 3.59 -0.63 7.33
N SER A 31 4.04 0.44 6.72
CA SER A 31 4.48 0.35 5.30
C SER A 31 5.23 1.63 4.91
N PRO A 32 6.43 1.76 5.41
CA PRO A 32 7.29 2.92 5.14
C PRO A 32 7.91 2.82 3.74
N GLY A 33 7.62 3.75 2.88
CA GLY A 33 8.19 3.71 1.50
C GLY A 33 8.07 2.28 0.95
N SER A 34 6.92 1.69 1.06
CA SER A 34 6.75 0.30 0.54
C SER A 34 5.76 0.31 -0.63
N VAL A 35 5.76 -0.73 -1.42
CA VAL A 35 4.83 -0.78 -2.58
C VAL A 35 3.74 -1.82 -2.31
N HIS A 36 2.62 -1.71 -2.94
CA HIS A 36 1.52 -2.70 -2.72
C HIS A 36 0.49 -2.60 -3.86
N GLU A 37 -0.41 -3.54 -3.93
CA GLU A 37 -1.44 -3.50 -5.01
C GLU A 37 -2.73 -2.91 -4.46
N GLY A 38 -3.53 -2.33 -5.31
CA GLY A 38 -4.81 -1.73 -4.83
C GLY A 38 -5.70 -1.38 -6.03
N ILE A 39 -6.88 -0.89 -5.78
CA ILE A 39 -7.79 -0.54 -6.90
C ILE A 39 -7.68 0.97 -7.15
N VAL A 40 -7.83 1.39 -8.38
CA VAL A 40 -7.71 2.85 -8.67
C VAL A 40 -9.09 3.50 -8.74
N TYR A 41 -9.19 4.74 -8.33
CA TYR A 41 -10.51 5.45 -8.38
C TYR A 41 -10.29 6.89 -8.84
N PHE A 42 -11.26 7.47 -9.49
CA PHE A 42 -11.10 8.88 -9.96
C PHE A 42 -12.17 9.76 -9.33
N LYS A 43 -11.77 10.81 -8.67
CA LYS A 43 -12.78 11.71 -8.04
C LYS A 43 -12.14 13.06 -7.69
N ASP A 44 -12.89 14.12 -7.81
CA ASP A 44 -12.33 15.47 -7.48
C ASP A 44 -11.13 15.76 -8.38
N GLY A 45 -10.95 15.00 -9.42
CA GLY A 45 -9.80 15.24 -10.33
C GLY A 45 -8.58 14.48 -9.82
N ILE A 46 -8.56 14.14 -8.56
CA ILE A 46 -7.40 13.39 -8.01
C ILE A 46 -7.68 11.88 -8.13
N PHE A 47 -6.76 11.06 -7.66
CA PHE A 47 -6.98 9.60 -7.75
C PHE A 47 -7.23 9.04 -6.34
N LYS A 48 -7.68 7.82 -6.27
CA LYS A 48 -7.94 7.21 -4.93
C LYS A 48 -7.55 5.73 -4.96
N VAL A 49 -6.81 5.27 -3.99
CA VAL A 49 -6.41 3.84 -3.97
C VAL A 49 -7.20 3.11 -2.87
N ARG A 50 -8.00 2.15 -3.26
CA ARG A 50 -8.80 1.41 -2.25
C ARG A 50 -8.10 0.09 -1.94
N LEU A 51 -7.86 -0.19 -0.68
CA LEU A 51 -7.18 -1.47 -0.32
C LEU A 51 -8.23 -2.52 0.04
N LEU A 52 -8.96 -2.99 -0.92
CA LEU A 52 -10.00 -4.03 -0.63
C LEU A 52 -9.33 -5.25 0.01
N GLY A 53 -9.95 -5.83 0.99
CA GLY A 53 -9.34 -7.01 1.67
C GLY A 53 -9.02 -6.67 3.12
N TYR A 54 -8.97 -5.40 3.43
CA TYR A 54 -8.66 -4.99 4.83
C TYR A 54 -9.92 -4.39 5.46
N GLU A 55 -10.76 -3.78 4.68
CA GLU A 55 -12.01 -3.18 5.23
C GLU A 55 -11.65 -2.01 6.15
N GLY A 56 -11.57 -0.83 5.61
CA GLY A 56 -11.22 0.35 6.45
C GLY A 56 -9.95 1.01 5.93
N HIS A 57 -9.26 0.35 5.03
CA HIS A 57 -8.01 0.94 4.49
C HIS A 57 -8.32 1.74 3.23
N GLU A 58 -8.65 3.00 3.38
CA GLU A 58 -8.98 3.84 2.19
C GLU A 58 -7.84 4.83 1.96
N CYS A 59 -7.05 4.63 0.93
CA CYS A 59 -5.94 5.57 0.66
C CYS A 59 -6.30 6.46 -0.52
N ILE A 60 -5.58 7.52 -0.72
CA ILE A 60 -5.87 8.43 -1.85
C ILE A 60 -4.60 8.69 -2.64
N LEU A 61 -4.65 8.61 -3.95
CA LEU A 61 -3.43 8.84 -4.74
C LEU A 61 -3.42 10.29 -5.25
N LEU A 62 -2.42 11.04 -4.89
CA LEU A 62 -2.36 12.45 -5.35
C LEU A 62 -0.91 12.94 -5.34
N ASP A 63 -0.12 12.49 -4.41
CA ASP A 63 1.30 12.93 -4.36
C ASP A 63 1.92 12.74 -5.75
N TYR A 64 1.61 11.66 -6.41
CA TYR A 64 2.18 11.42 -7.76
C TYR A 64 1.09 10.90 -8.70
N LEU A 65 0.15 11.74 -9.05
CA LEU A 65 -0.93 11.28 -9.96
C LEU A 65 -0.32 10.80 -11.28
N ASN A 66 0.58 11.56 -11.84
CA ASN A 66 1.21 11.15 -13.13
C ASN A 66 0.16 11.16 -14.24
N TYR A 67 0.48 11.76 -15.35
CA TYR A 67 -0.50 11.81 -16.47
C TYR A 67 0.18 11.36 -17.77
N ARG A 68 -0.48 10.55 -18.55
CA ARG A 68 0.14 10.08 -19.82
C ARG A 68 -0.57 10.73 -21.01
N GLN A 69 -1.06 11.93 -20.83
CA GLN A 69 -1.76 12.63 -21.95
C GLN A 69 -3.02 11.84 -22.33
N ASP A 70 -2.92 10.96 -23.29
CA ASP A 70 -4.11 10.18 -23.71
C ASP A 70 -5.10 11.10 -24.43
N THR A 71 -5.67 10.64 -25.51
CA THR A 71 -6.65 11.49 -26.26
C THR A 71 -7.88 11.73 -25.40
N LEU A 72 -7.86 12.75 -24.58
CA LEU A 72 -9.04 13.04 -23.72
C LEU A 72 -9.20 11.92 -22.68
N ASP A 73 -8.25 11.04 -22.59
CA ASP A 73 -8.35 9.93 -21.60
C ASP A 73 -9.58 9.08 -21.91
N ARG A 74 -9.86 8.86 -23.17
CA ARG A 74 -11.05 8.04 -23.54
C ARG A 74 -10.84 6.61 -23.05
N LEU A 75 -9.74 6.01 -23.39
CA LEU A 75 -9.48 4.61 -22.95
C LEU A 75 -9.08 4.60 -21.47
N LYS A 76 -8.39 5.62 -21.03
CA LYS A 76 -7.97 5.67 -19.60
C LYS A 76 -9.21 5.76 -18.71
N GLU A 77 -10.27 6.32 -19.21
CA GLU A 77 -11.51 6.43 -18.39
C GLU A 77 -11.97 5.02 -17.99
N ARG A 78 -12.00 4.11 -18.92
CA ARG A 78 -12.43 2.72 -18.60
C ARG A 78 -11.30 2.00 -17.86
N LEU A 79 -10.07 2.39 -18.09
CA LEU A 79 -8.93 1.73 -17.40
C LEU A 79 -9.04 1.96 -15.89
N VAL A 80 -9.42 3.14 -15.49
CA VAL A 80 -9.55 3.43 -14.04
C VAL A 80 -10.18 2.24 -13.32
N GLY A 81 -10.06 2.19 -12.03
CA GLY A 81 -10.65 1.04 -11.27
C GLY A 81 -9.67 -0.13 -11.25
N ARG A 82 -9.11 -0.46 -12.39
CA ARG A 82 -8.15 -1.60 -12.47
C ARG A 82 -7.25 -1.62 -11.24
N VAL A 83 -6.57 -2.73 -11.02
CA VAL A 83 -5.68 -2.83 -9.84
C VAL A 83 -4.25 -2.50 -10.28
N ILE A 84 -3.58 -1.65 -9.56
CA ILE A 84 -2.20 -1.28 -9.94
C ILE A 84 -1.30 -1.26 -8.70
N LYS A 85 -0.03 -1.06 -8.88
CA LYS A 85 0.90 -1.02 -7.71
C LYS A 85 1.32 0.43 -7.46
N THR A 86 1.48 0.80 -6.22
CA THR A 86 1.89 2.20 -5.90
C THR A 86 2.65 2.22 -4.58
N ARG A 87 3.20 3.36 -4.21
CA ARG A 87 3.95 3.45 -2.94
C ARG A 87 3.07 4.07 -1.87
N VAL A 88 3.35 3.80 -0.62
CA VAL A 88 2.52 4.38 0.47
C VAL A 88 3.21 5.63 1.00
N VAL A 89 2.55 6.76 0.92
CA VAL A 89 3.17 8.01 1.40
C VAL A 89 3.09 8.07 2.93
N ARG A 90 2.08 7.50 3.51
CA ARG A 90 1.95 7.53 5.00
C ARG A 90 0.57 7.01 5.40
N ALA A 91 0.51 5.83 5.94
CA ALA A 91 -0.80 5.26 6.36
C ALA A 91 -1.10 5.70 7.80
N ASP A 92 -2.30 6.15 8.06
CA ASP A 92 -2.64 6.59 9.43
C ASP A 92 -4.16 6.76 9.56
N GLY A 93 -4.85 5.72 9.91
CA GLY A 93 -6.34 5.82 10.05
C GLY A 93 -7.01 5.33 8.77
N LEU A 94 -8.31 5.39 8.72
CA LEU A 94 -9.03 4.94 7.49
C LEU A 94 -8.55 5.74 6.28
N TYR A 95 -7.91 6.85 6.51
CA TYR A 95 -7.42 7.68 5.37
C TYR A 95 -5.90 7.57 5.27
N VAL A 96 -5.40 7.25 4.10
CA VAL A 96 -3.92 7.14 3.93
C VAL A 96 -3.49 7.96 2.71
N ASP A 97 -2.24 8.32 2.65
CA ASP A 97 -1.75 9.11 1.47
C ASP A 97 -1.08 8.15 0.48
N LEU A 98 -1.16 8.43 -0.79
CA LEU A 98 -0.55 7.51 -1.79
C LEU A 98 0.28 8.28 -2.82
N ARG A 99 1.46 7.79 -3.11
CA ARG A 99 2.33 8.46 -4.11
C ARG A 99 2.87 7.40 -5.08
N ARG A 100 2.74 7.62 -6.36
CA ARG A 100 3.23 6.61 -7.34
C ARG A 100 4.59 7.07 -7.89
N PHE A 101 5.43 6.13 -8.25
CA PHE A 101 6.76 6.49 -8.80
C PHE A 101 7.15 5.50 -9.89
N PHE A 102 7.86 5.95 -10.89
CA PHE A 102 8.27 5.04 -11.99
C PHE A 102 9.78 4.81 -11.95
N MET A 1 31.61 -37.00 -17.43
CA MET A 1 31.13 -36.77 -18.82
C MET A 1 31.72 -35.46 -19.36
N THR A 2 31.66 -35.27 -20.65
CA THR A 2 32.22 -34.02 -21.24
C THR A 2 31.07 -33.04 -21.54
N VAL A 3 30.10 -32.98 -20.67
CA VAL A 3 28.95 -32.05 -20.90
C VAL A 3 29.37 -30.63 -20.49
N ILE A 4 29.04 -29.66 -21.30
CA ILE A 4 29.42 -28.26 -20.96
C ILE A 4 28.87 -27.91 -19.57
N LYS A 5 27.71 -28.40 -19.24
CA LYS A 5 27.12 -28.11 -17.91
C LYS A 5 25.63 -28.46 -17.91
N PRO A 6 25.16 -29.00 -16.82
CA PRO A 6 23.75 -29.39 -16.68
C PRO A 6 22.88 -28.16 -16.42
N SER A 7 21.65 -28.37 -15.99
CA SER A 7 20.75 -27.22 -15.72
C SER A 7 20.22 -27.32 -14.29
N SER A 8 21.08 -27.55 -13.33
CA SER A 8 20.62 -27.66 -11.92
C SER A 8 20.93 -26.36 -11.18
N ARG A 9 20.41 -25.26 -11.65
CA ARG A 9 20.67 -23.96 -10.98
C ARG A 9 20.09 -23.98 -9.56
N PRO A 10 20.58 -23.10 -8.72
CA PRO A 10 20.14 -22.99 -7.33
C PRO A 10 18.79 -22.26 -7.25
N ARG A 11 17.92 -22.71 -6.39
CA ARG A 11 16.59 -22.06 -6.26
C ARG A 11 16.20 -21.99 -4.78
N PRO A 12 16.97 -21.25 -4.02
CA PRO A 12 16.74 -21.08 -2.58
C PRO A 12 15.59 -20.09 -2.32
N ARG A 13 14.70 -20.43 -1.44
CA ARG A 13 13.56 -19.50 -1.14
C ARG A 13 12.71 -20.10 -0.02
N LYS A 14 13.33 -20.76 0.92
CA LYS A 14 12.56 -21.36 2.04
C LYS A 14 12.96 -20.70 3.36
N ASN A 15 12.23 -20.96 4.41
CA ASN A 15 12.57 -20.35 5.72
C ASN A 15 11.45 -20.64 6.73
N LYS A 16 11.80 -20.96 7.94
CA LYS A 16 10.75 -21.26 8.97
C LYS A 16 10.64 -20.08 9.93
N ASN A 17 9.83 -20.20 10.95
CA ASN A 17 9.68 -19.08 11.92
C ASN A 17 10.07 -19.56 13.31
N ILE A 18 10.22 -18.65 14.23
CA ILE A 18 10.61 -19.05 15.62
C ILE A 18 9.69 -18.35 16.62
N LYS A 19 10.04 -17.16 17.03
CA LYS A 19 9.19 -16.43 18.00
C LYS A 19 7.74 -16.41 17.51
N VAL A 20 6.82 -16.12 18.38
CA VAL A 20 5.38 -16.07 17.96
C VAL A 20 4.73 -14.79 18.48
N ASN A 21 3.46 -14.84 18.76
CA ASN A 21 2.77 -13.61 19.27
C ASN A 21 1.92 -13.99 20.49
N THR A 22 2.20 -13.38 21.62
CA THR A 22 1.42 -13.70 22.85
C THR A 22 0.86 -12.40 23.45
N TYR A 23 0.20 -11.61 22.66
CA TYR A 23 -0.36 -10.34 23.19
C TYR A 23 0.76 -9.48 23.76
N ARG A 24 1.88 -9.44 23.09
CA ARG A 24 3.03 -8.63 23.60
C ARG A 24 3.39 -7.57 22.55
N THR A 25 4.13 -7.96 21.55
CA THR A 25 4.53 -6.98 20.50
C THR A 25 3.86 -7.36 19.17
N SER A 26 2.79 -6.71 18.84
CA SER A 26 2.09 -7.04 17.56
C SER A 26 1.54 -5.75 16.93
N ALA A 27 2.36 -5.02 16.24
CA ALA A 27 1.89 -3.75 15.60
C ALA A 27 2.30 -3.74 14.13
N MET A 28 2.27 -4.87 13.50
CA MET A 28 2.66 -4.93 12.05
C MET A 28 1.44 -4.63 11.18
N ASP A 29 1.54 -3.65 10.32
CA ASP A 29 0.39 -3.30 9.44
C ASP A 29 0.90 -2.53 8.22
N LEU A 30 1.25 -1.28 8.40
CA LEU A 30 1.75 -0.48 7.25
C LEU A 30 2.95 0.36 7.70
N SER A 31 3.73 0.85 6.78
CA SER A 31 4.91 1.67 7.14
C SER A 31 5.23 2.64 6.00
N PRO A 32 6.10 3.57 6.28
CA PRO A 32 6.52 4.59 5.30
C PRO A 32 7.53 3.98 4.31
N GLY A 33 7.28 4.11 3.04
CA GLY A 33 8.23 3.55 2.04
C GLY A 33 7.91 2.07 1.81
N SER A 34 6.95 1.78 0.97
CA SER A 34 6.60 0.35 0.71
C SER A 34 5.66 0.27 -0.49
N VAL A 35 5.69 -0.81 -1.22
CA VAL A 35 4.81 -0.94 -2.41
C VAL A 35 3.63 -1.85 -2.05
N HIS A 36 2.59 -1.82 -2.84
CA HIS A 36 1.42 -2.69 -2.55
C HIS A 36 0.41 -2.61 -3.70
N GLU A 37 -0.51 -3.53 -3.76
CA GLU A 37 -1.52 -3.50 -4.85
C GLU A 37 -2.84 -2.93 -4.31
N GLY A 38 -3.52 -2.15 -5.09
CA GLY A 38 -4.81 -1.57 -4.62
C GLY A 38 -5.71 -1.28 -5.82
N ILE A 39 -6.91 -0.82 -5.58
CA ILE A 39 -7.83 -0.53 -6.72
C ILE A 39 -7.77 0.97 -7.02
N VAL A 40 -8.07 1.36 -8.23
CA VAL A 40 -7.99 2.81 -8.58
C VAL A 40 -9.39 3.44 -8.51
N TYR A 41 -9.47 4.69 -8.20
CA TYR A 41 -10.79 5.37 -8.12
C TYR A 41 -10.67 6.80 -8.68
N PHE A 42 -11.74 7.35 -9.15
CA PHE A 42 -11.67 8.74 -9.70
C PHE A 42 -12.33 9.72 -8.73
N LYS A 43 -11.63 10.73 -8.32
CA LYS A 43 -12.22 11.72 -7.38
C LYS A 43 -12.71 12.94 -8.16
N ASP A 44 -12.98 14.01 -7.48
CA ASP A 44 -13.45 15.23 -8.20
C ASP A 44 -12.26 15.95 -8.82
N GLY A 45 -11.09 15.35 -8.75
CA GLY A 45 -9.89 16.00 -9.36
C GLY A 45 -8.64 15.19 -9.02
N ILE A 46 -8.64 14.46 -7.94
CA ILE A 46 -7.44 13.65 -7.57
C ILE A 46 -7.74 12.16 -7.77
N PHE A 47 -6.83 11.30 -7.39
CA PHE A 47 -7.07 9.85 -7.55
C PHE A 47 -7.32 9.22 -6.18
N LYS A 48 -7.95 8.07 -6.14
CA LYS A 48 -8.22 7.42 -4.84
C LYS A 48 -7.85 5.94 -4.90
N VAL A 49 -7.06 5.47 -3.97
CA VAL A 49 -6.66 4.04 -3.98
C VAL A 49 -7.43 3.31 -2.87
N ARG A 50 -8.22 2.33 -3.22
CA ARG A 50 -8.99 1.59 -2.18
C ARG A 50 -8.29 0.28 -1.85
N LEU A 51 -7.92 0.09 -0.61
CA LEU A 51 -7.23 -1.18 -0.22
C LEU A 51 -8.28 -2.22 0.16
N LEU A 52 -8.98 -2.75 -0.81
CA LEU A 52 -10.03 -3.77 -0.51
C LEU A 52 -9.36 -5.08 -0.07
N GLY A 53 -9.77 -5.63 1.04
CA GLY A 53 -9.16 -6.90 1.50
C GLY A 53 -8.50 -6.69 2.87
N TYR A 54 -7.95 -5.52 3.08
CA TYR A 54 -7.30 -5.24 4.39
C TYR A 54 -8.36 -4.99 5.46
N GLU A 55 -9.03 -3.88 5.39
CA GLU A 55 -10.08 -3.57 6.40
C GLU A 55 -10.73 -2.23 6.06
N GLY A 56 -11.26 -2.10 4.86
CA GLY A 56 -11.91 -0.82 4.48
C GLY A 56 -10.85 0.28 4.38
N HIS A 57 -9.60 -0.07 4.50
CA HIS A 57 -8.52 0.95 4.41
C HIS A 57 -8.78 1.85 3.20
N GLU A 58 -8.99 3.12 3.43
CA GLU A 58 -9.25 4.05 2.30
C GLU A 58 -8.02 4.92 2.04
N CYS A 59 -7.35 4.71 0.94
CA CYS A 59 -6.14 5.53 0.63
C CYS A 59 -6.45 6.47 -0.54
N ILE A 60 -5.63 7.45 -0.76
CA ILE A 60 -5.87 8.39 -1.88
C ILE A 60 -4.57 8.61 -2.67
N LEU A 61 -4.64 8.59 -3.97
CA LEU A 61 -3.41 8.79 -4.78
C LEU A 61 -3.34 10.24 -5.25
N LEU A 62 -2.23 10.89 -5.02
CA LEU A 62 -2.10 12.31 -5.44
C LEU A 62 -0.67 12.57 -5.90
N ASP A 63 0.30 12.13 -5.14
CA ASP A 63 1.72 12.36 -5.53
C ASP A 63 1.94 11.86 -6.95
N TYR A 64 1.28 10.79 -7.33
CA TYR A 64 1.45 10.25 -8.71
C TYR A 64 1.43 11.41 -9.71
N LEU A 65 0.30 12.04 -9.88
CA LEU A 65 0.21 13.19 -10.84
C LEU A 65 1.29 14.21 -10.51
N ASN A 66 1.26 14.76 -9.32
CA ASN A 66 2.28 15.77 -8.93
C ASN A 66 2.25 16.94 -9.92
N TYR A 67 1.09 17.22 -10.47
CA TYR A 67 0.98 18.35 -11.43
C TYR A 67 2.01 18.20 -12.53
N ARG A 68 1.89 17.17 -13.34
CA ARG A 68 2.86 16.96 -14.44
C ARG A 68 2.12 16.40 -15.67
N GLN A 69 1.71 17.24 -16.57
CA GLN A 69 0.97 16.75 -17.76
C GLN A 69 -0.31 16.05 -17.31
N ASP A 70 -1.33 16.05 -18.13
CA ASP A 70 -2.60 15.40 -17.74
C ASP A 70 -2.87 14.20 -18.66
N THR A 71 -2.96 14.44 -19.93
CA THR A 71 -3.23 13.32 -20.88
C THR A 71 -4.56 12.66 -20.51
N LEU A 72 -5.62 13.03 -21.16
CA LEU A 72 -6.95 12.43 -20.84
C LEU A 72 -6.91 10.93 -21.13
N ASP A 73 -6.33 10.54 -22.24
CA ASP A 73 -6.27 9.09 -22.57
C ASP A 73 -7.66 8.48 -22.47
N ARG A 74 -8.49 8.70 -23.45
CA ARG A 74 -9.86 8.12 -23.40
C ARG A 74 -9.79 6.65 -22.97
N LEU A 75 -8.68 6.01 -23.22
CA LEU A 75 -8.53 4.58 -22.83
C LEU A 75 -8.40 4.48 -21.30
N LYS A 76 -7.52 5.27 -20.73
CA LYS A 76 -7.34 5.21 -19.25
C LYS A 76 -8.66 5.52 -18.55
N GLU A 77 -9.53 6.27 -19.20
CA GLU A 77 -10.83 6.62 -18.57
C GLU A 77 -11.55 5.34 -18.13
N ARG A 78 -11.79 4.43 -19.05
CA ARG A 78 -12.50 3.17 -18.70
C ARG A 78 -11.55 2.23 -17.93
N LEU A 79 -10.28 2.34 -18.16
CA LEU A 79 -9.31 1.44 -17.46
C LEU A 79 -9.33 1.75 -15.96
N VAL A 80 -9.64 2.97 -15.60
CA VAL A 80 -9.66 3.33 -14.15
C VAL A 80 -10.36 2.22 -13.37
N GLY A 81 -10.23 2.22 -12.06
CA GLY A 81 -10.88 1.16 -11.26
C GLY A 81 -9.96 -0.06 -11.18
N ARG A 82 -9.41 -0.46 -12.28
CA ARG A 82 -8.50 -1.64 -12.30
C ARG A 82 -7.55 -1.60 -11.10
N VAL A 83 -6.80 -2.65 -10.89
CA VAL A 83 -5.85 -2.67 -9.74
C VAL A 83 -4.46 -2.30 -10.24
N ILE A 84 -3.74 -1.52 -9.49
CA ILE A 84 -2.37 -1.10 -9.91
C ILE A 84 -1.42 -1.18 -8.73
N LYS A 85 -0.14 -1.11 -8.99
CA LYS A 85 0.85 -1.18 -7.87
C LYS A 85 1.35 0.23 -7.57
N THR A 86 1.31 0.64 -6.33
CA THR A 86 1.78 2.01 -5.99
C THR A 86 2.51 1.98 -4.64
N ARG A 87 3.06 3.09 -4.24
CA ARG A 87 3.80 3.15 -2.96
C ARG A 87 2.91 3.79 -1.88
N VAL A 88 3.23 3.59 -0.64
CA VAL A 88 2.41 4.20 0.44
C VAL A 88 3.08 5.49 0.91
N VAL A 89 2.47 6.61 0.62
CA VAL A 89 3.08 7.91 1.03
C VAL A 89 3.09 8.02 2.56
N ARG A 90 2.04 7.60 3.22
CA ARG A 90 2.01 7.69 4.70
C ARG A 90 0.67 7.18 5.21
N ALA A 91 0.64 5.99 5.75
CA ALA A 91 -0.64 5.43 6.27
C ALA A 91 -0.89 5.96 7.68
N ASP A 92 -2.00 6.61 7.89
CA ASP A 92 -2.31 7.15 9.24
C ASP A 92 -3.82 7.32 9.39
N GLY A 93 -4.49 6.33 9.90
CA GLY A 93 -5.97 6.43 10.07
C GLY A 93 -6.66 5.76 8.87
N LEU A 94 -7.96 5.81 8.82
CA LEU A 94 -8.67 5.17 7.67
C LEU A 94 -8.26 5.85 6.37
N TYR A 95 -7.65 7.00 6.46
CA TYR A 95 -7.22 7.71 5.22
C TYR A 95 -5.70 7.62 5.10
N VAL A 96 -5.21 7.15 3.99
CA VAL A 96 -3.73 7.04 3.81
C VAL A 96 -3.31 7.82 2.56
N ASP A 97 -2.05 8.16 2.46
CA ASP A 97 -1.57 8.91 1.28
C ASP A 97 -0.96 7.91 0.28
N LEU A 98 -1.06 8.17 -0.99
CA LEU A 98 -0.51 7.21 -1.99
C LEU A 98 0.32 7.96 -3.05
N ARG A 99 1.47 7.43 -3.37
CA ARG A 99 2.33 8.07 -4.40
C ARG A 99 2.82 7.00 -5.39
N ARG A 100 2.51 7.15 -6.65
CA ARG A 100 2.95 6.15 -7.65
C ARG A 100 4.40 6.45 -8.06
N PHE A 101 5.07 5.52 -8.68
CA PHE A 101 6.47 5.77 -9.09
C PHE A 101 6.59 5.61 -10.61
N PHE A 102 7.34 6.47 -11.24
CA PHE A 102 7.51 6.38 -12.72
C PHE A 102 8.80 5.64 -13.04
N MET A 1 63.93 14.41 8.12
CA MET A 1 64.51 13.29 8.91
C MET A 1 64.66 13.73 10.37
N THR A 2 63.57 14.01 11.03
CA THR A 2 63.66 14.45 12.46
C THR A 2 62.28 14.34 13.11
N VAL A 3 61.27 14.88 12.50
CA VAL A 3 59.91 14.81 13.10
C VAL A 3 58.86 15.12 12.02
N ILE A 4 57.89 14.27 11.86
CA ILE A 4 56.84 14.52 10.84
C ILE A 4 55.48 14.13 11.42
N LYS A 5 55.35 14.14 12.72
CA LYS A 5 54.06 13.78 13.36
C LYS A 5 53.82 14.64 14.59
N PRO A 6 53.55 15.89 14.36
CA PRO A 6 53.29 16.87 15.43
C PRO A 6 51.89 16.68 16.01
N SER A 7 51.40 17.64 16.75
CA SER A 7 50.04 17.50 17.34
C SER A 7 49.07 18.47 16.65
N SER A 8 48.59 18.10 15.49
CA SER A 8 47.63 18.99 14.77
C SER A 8 46.28 18.28 14.65
N ARG A 9 46.17 17.34 13.76
CA ARG A 9 44.89 16.59 13.61
C ARG A 9 43.72 17.58 13.49
N PRO A 10 43.53 18.10 12.31
CA PRO A 10 42.45 19.05 12.01
C PRO A 10 41.13 18.29 11.83
N ARG A 11 40.07 18.97 11.49
CA ARG A 11 38.77 18.27 11.30
C ARG A 11 38.14 18.70 9.97
N PRO A 12 38.67 18.16 8.90
CA PRO A 12 38.18 18.45 7.55
C PRO A 12 36.90 17.65 7.25
N ARG A 13 36.67 16.60 7.98
CA ARG A 13 35.44 15.79 7.75
C ARG A 13 34.27 16.39 8.52
N LYS A 14 33.63 17.39 7.97
CA LYS A 14 32.48 18.01 8.67
C LYS A 14 31.19 17.30 8.29
N ASN A 15 31.13 16.01 8.52
CA ASN A 15 29.89 15.25 8.17
C ASN A 15 29.61 14.21 9.25
N LYS A 16 29.64 14.61 10.49
CA LYS A 16 29.37 13.65 11.59
C LYS A 16 27.92 13.81 12.06
N ASN A 17 27.04 12.95 11.63
CA ASN A 17 25.62 13.05 12.05
C ASN A 17 24.96 11.68 11.99
N ILE A 18 24.97 11.05 10.84
CA ILE A 18 24.35 9.70 10.72
C ILE A 18 25.42 8.65 10.48
N LYS A 19 25.11 7.41 10.71
CA LYS A 19 26.12 6.33 10.50
C LYS A 19 25.40 5.03 10.13
N VAL A 20 25.83 4.38 9.08
CA VAL A 20 25.16 3.11 8.67
C VAL A 20 25.60 1.98 9.61
N ASN A 21 24.71 1.49 10.43
CA ASN A 21 25.06 0.38 11.35
C ASN A 21 23.82 -0.47 11.62
N THR A 22 23.98 -1.76 11.66
CA THR A 22 22.80 -2.64 11.90
C THR A 22 22.21 -2.33 13.28
N TYR A 23 21.07 -1.69 13.31
CA TYR A 23 20.43 -1.36 14.62
C TYR A 23 18.97 -1.79 14.58
N ARG A 24 18.53 -2.53 15.58
CA ARG A 24 17.12 -2.99 15.58
C ARG A 24 16.26 -2.09 16.49
N THR A 25 16.86 -1.12 17.11
CA THR A 25 16.07 -0.21 18.00
C THR A 25 15.48 0.93 17.17
N SER A 26 14.80 0.62 16.10
CA SER A 26 14.21 1.69 15.25
C SER A 26 13.51 1.06 14.04
N ALA A 27 12.70 1.83 13.35
CA ALA A 27 12.00 1.27 12.16
C ALA A 27 11.03 0.17 12.59
N MET A 28 10.37 0.36 13.70
CA MET A 28 9.41 -0.69 14.17
C MET A 28 8.01 -0.39 13.60
N ASP A 29 7.72 0.86 13.36
CA ASP A 29 6.37 1.21 12.81
C ASP A 29 6.39 1.08 11.29
N LEU A 30 5.50 1.75 10.62
CA LEU A 30 5.47 1.66 9.13
C LEU A 30 6.68 2.40 8.57
N SER A 31 6.78 2.47 7.26
CA SER A 31 7.96 3.17 6.65
C SER A 31 7.59 3.65 5.25
N PRO A 32 8.22 4.73 4.85
CA PRO A 32 7.99 5.33 3.51
C PRO A 32 8.71 4.54 2.43
N GLY A 33 8.20 4.54 1.23
CA GLY A 33 8.86 3.79 0.13
C GLY A 33 8.34 2.35 0.12
N SER A 34 7.05 2.17 0.17
CA SER A 34 6.48 0.80 0.15
C SER A 34 5.53 0.64 -1.03
N VAL A 35 5.70 -0.39 -1.82
CA VAL A 35 4.82 -0.60 -2.99
C VAL A 35 3.73 -1.62 -2.64
N HIS A 36 2.51 -1.36 -3.02
CA HIS A 36 1.41 -2.32 -2.71
C HIS A 36 0.36 -2.27 -3.84
N GLU A 37 -0.52 -3.23 -3.87
CA GLU A 37 -1.56 -3.25 -4.94
C GLU A 37 -2.89 -2.72 -4.36
N GLY A 38 -3.71 -2.14 -5.19
CA GLY A 38 -5.01 -1.61 -4.69
C GLY A 38 -5.96 -1.35 -5.86
N ILE A 39 -7.17 -0.94 -5.58
CA ILE A 39 -8.13 -0.66 -6.68
C ILE A 39 -8.12 0.83 -6.98
N VAL A 40 -8.32 1.22 -8.21
CA VAL A 40 -8.29 2.66 -8.54
C VAL A 40 -9.70 3.23 -8.63
N TYR A 41 -9.92 4.40 -8.09
CA TYR A 41 -11.28 5.01 -8.16
C TYR A 41 -11.19 6.37 -8.84
N PHE A 42 -12.24 6.82 -9.45
CA PHE A 42 -12.20 8.15 -10.13
C PHE A 42 -13.11 9.15 -9.40
N LYS A 43 -12.57 10.26 -8.99
CA LYS A 43 -13.40 11.26 -8.26
C LYS A 43 -12.55 12.48 -7.93
N ASP A 44 -13.09 13.66 -8.11
CA ASP A 44 -12.31 14.89 -7.80
C ASP A 44 -11.29 15.15 -8.90
N GLY A 45 -11.32 14.38 -9.95
CA GLY A 45 -10.34 14.58 -11.05
C GLY A 45 -9.10 13.72 -10.79
N ILE A 46 -8.83 13.43 -9.55
CA ILE A 46 -7.64 12.59 -9.23
C ILE A 46 -8.09 11.12 -9.14
N PHE A 47 -7.36 10.31 -8.44
CA PHE A 47 -7.75 8.88 -8.33
C PHE A 47 -7.83 8.47 -6.86
N LYS A 48 -8.31 7.30 -6.58
CA LYS A 48 -8.41 6.86 -5.16
C LYS A 48 -7.95 5.41 -5.05
N VAL A 49 -7.02 5.14 -4.18
CA VAL A 49 -6.53 3.73 -4.02
C VAL A 49 -7.22 3.10 -2.81
N ARG A 50 -8.17 2.23 -3.05
CA ARG A 50 -8.88 1.59 -1.90
C ARG A 50 -8.33 0.18 -1.67
N LEU A 51 -7.96 -0.12 -0.45
CA LEU A 51 -7.40 -1.48 -0.16
C LEU A 51 -8.56 -2.45 0.07
N LEU A 52 -9.08 -3.03 -0.97
CA LEU A 52 -10.21 -3.99 -0.80
C LEU A 52 -9.74 -5.20 0.01
N GLY A 53 -10.61 -5.80 0.76
CA GLY A 53 -10.21 -6.98 1.57
C GLY A 53 -9.98 -6.55 3.03
N TYR A 54 -9.14 -5.58 3.24
CA TYR A 54 -8.87 -5.12 4.63
C TYR A 54 -10.05 -4.28 5.12
N GLU A 55 -10.75 -3.64 4.23
CA GLU A 55 -11.92 -2.82 4.65
C GLU A 55 -11.49 -1.89 5.80
N GLY A 56 -11.12 -0.68 5.50
CA GLY A 56 -10.70 0.26 6.57
C GLY A 56 -9.48 1.05 6.09
N HIS A 57 -8.81 0.58 5.08
CA HIS A 57 -7.61 1.31 4.57
C HIS A 57 -7.99 2.10 3.32
N GLU A 58 -8.36 3.35 3.48
CA GLU A 58 -8.73 4.17 2.30
C GLU A 58 -7.58 5.11 1.95
N CYS A 59 -6.91 4.86 0.85
CA CYS A 59 -5.76 5.74 0.47
C CYS A 59 -6.17 6.59 -0.72
N ILE A 60 -5.68 7.81 -0.78
CA ILE A 60 -6.03 8.70 -1.93
C ILE A 60 -4.89 8.68 -2.95
N LEU A 61 -5.20 8.58 -4.20
CA LEU A 61 -4.13 8.54 -5.24
C LEU A 61 -3.94 9.93 -5.85
N LEU A 62 -2.85 10.58 -5.53
CA LEU A 62 -2.59 11.93 -6.10
C LEU A 62 -1.53 11.81 -7.20
N ASP A 63 -1.13 10.61 -7.52
CA ASP A 63 -0.10 10.43 -8.58
C ASP A 63 1.15 11.20 -8.16
N TYR A 64 1.45 11.21 -6.90
CA TYR A 64 2.66 11.95 -6.42
C TYR A 64 2.43 13.45 -6.61
N LEU A 65 1.19 13.88 -6.56
CA LEU A 65 0.91 15.33 -6.74
C LEU A 65 1.90 16.15 -5.91
N ASN A 66 1.76 16.15 -4.62
CA ASN A 66 2.69 16.93 -3.76
C ASN A 66 2.65 18.41 -4.17
N TYR A 67 3.52 18.81 -5.06
CA TYR A 67 3.52 20.24 -5.49
C TYR A 67 4.11 20.35 -6.90
N ARG A 68 3.97 19.33 -7.70
CA ARG A 68 4.52 19.39 -9.08
C ARG A 68 3.44 19.00 -10.09
N GLN A 69 3.62 19.34 -11.34
CA GLN A 69 2.59 18.98 -12.35
C GLN A 69 2.66 17.49 -12.67
N ASP A 70 1.62 16.94 -13.26
CA ASP A 70 1.63 15.49 -13.59
C ASP A 70 0.64 15.23 -14.73
N THR A 71 0.86 14.19 -15.48
CA THR A 71 -0.07 13.88 -16.61
C THR A 71 -0.30 12.38 -16.70
N LEU A 72 -1.38 11.90 -16.15
CA LEU A 72 -1.67 10.44 -16.20
C LEU A 72 -3.16 10.21 -15.97
N ASP A 73 -3.98 11.16 -16.33
CA ASP A 73 -5.45 11.00 -16.15
C ASP A 73 -5.99 10.03 -17.21
N ARG A 74 -5.23 9.80 -18.25
CA ARG A 74 -5.70 8.87 -19.31
C ARG A 74 -6.13 7.55 -18.68
N LEU A 75 -5.44 7.13 -17.65
CA LEU A 75 -5.81 5.84 -16.99
C LEU A 75 -7.33 5.78 -16.79
N LYS A 76 -7.91 6.85 -16.30
CA LYS A 76 -9.38 6.86 -16.07
C LYS A 76 -10.10 6.22 -17.26
N GLU A 77 -10.04 6.84 -18.41
CA GLU A 77 -10.72 6.28 -19.60
C GLU A 77 -10.20 4.87 -19.89
N ARG A 78 -8.96 4.61 -19.56
CA ARG A 78 -8.40 3.25 -19.81
C ARG A 78 -9.28 2.20 -19.15
N LEU A 79 -9.48 2.30 -17.87
CA LEU A 79 -10.33 1.30 -17.16
C LEU A 79 -10.27 1.56 -15.65
N VAL A 80 -10.69 2.72 -15.21
CA VAL A 80 -10.66 3.02 -13.76
C VAL A 80 -11.15 1.80 -12.98
N GLY A 81 -10.91 1.79 -11.69
CA GLY A 81 -11.36 0.63 -10.88
C GLY A 81 -10.27 -0.46 -10.90
N ARG A 82 -9.78 -0.77 -12.08
CA ARG A 82 -8.73 -1.82 -12.21
C ARG A 82 -7.75 -1.77 -11.03
N VAL A 83 -7.02 -2.82 -10.82
CA VAL A 83 -6.05 -2.84 -9.69
C VAL A 83 -4.66 -2.48 -10.22
N ILE A 84 -3.96 -1.65 -9.51
CA ILE A 84 -2.60 -1.25 -9.99
C ILE A 84 -1.63 -1.20 -8.80
N LYS A 85 -0.38 -0.96 -9.07
CA LYS A 85 0.63 -0.89 -7.97
C LYS A 85 1.04 0.57 -7.76
N THR A 86 1.22 0.96 -6.53
CA THR A 86 1.64 2.37 -6.27
C THR A 86 2.45 2.43 -4.97
N ARG A 87 2.97 3.58 -4.64
CA ARG A 87 3.77 3.70 -3.38
C ARG A 87 2.89 4.27 -2.27
N VAL A 88 3.25 4.05 -1.04
CA VAL A 88 2.43 4.58 0.08
C VAL A 88 3.06 5.88 0.59
N VAL A 89 2.41 6.98 0.35
CA VAL A 89 2.95 8.28 0.82
C VAL A 89 3.03 8.29 2.35
N ARG A 90 2.07 7.69 3.00
CA ARG A 90 2.08 7.67 4.49
C ARG A 90 0.73 7.16 4.99
N ALA A 91 0.71 5.96 5.49
CA ALA A 91 -0.57 5.39 6.02
C ALA A 91 -0.68 5.69 7.51
N ASP A 92 -1.68 6.44 7.90
CA ASP A 92 -1.84 6.77 9.35
C ASP A 92 -2.97 5.94 9.94
N GLY A 93 -4.17 6.11 9.45
CA GLY A 93 -5.31 5.32 9.99
C GLY A 93 -6.30 5.02 8.87
N LEU A 94 -7.50 5.54 8.97
CA LEU A 94 -8.51 5.29 7.91
C LEU A 94 -8.14 6.09 6.65
N TYR A 95 -7.40 7.16 6.81
CA TYR A 95 -7.02 7.97 5.63
C TYR A 95 -5.51 7.81 5.37
N VAL A 96 -5.14 7.51 4.17
CA VAL A 96 -3.69 7.34 3.84
C VAL A 96 -3.35 8.14 2.58
N ASP A 97 -2.10 8.47 2.39
CA ASP A 97 -1.71 9.23 1.18
C ASP A 97 -1.10 8.25 0.17
N LEU A 98 -1.34 8.45 -1.10
CA LEU A 98 -0.78 7.50 -2.12
C LEU A 98 -0.07 8.26 -3.24
N ARG A 99 1.08 7.79 -3.64
CA ARG A 99 1.82 8.47 -4.74
C ARG A 99 2.14 7.43 -5.82
N ARG A 100 1.66 7.63 -7.02
CA ARG A 100 1.94 6.65 -8.11
C ARG A 100 3.38 6.84 -8.61
N PHE A 101 4.12 5.76 -8.69
CA PHE A 101 5.53 5.86 -9.17
C PHE A 101 6.33 6.78 -8.23
N PHE A 102 7.63 6.76 -8.35
CA PHE A 102 8.47 7.62 -7.47
C PHE A 102 8.14 9.10 -7.74
N MET A 1 8.70 4.50 55.23
CA MET A 1 8.02 4.64 53.91
C MET A 1 8.78 5.64 53.05
N THR A 2 10.08 5.74 53.23
CA THR A 2 10.88 6.70 52.43
C THR A 2 12.18 6.03 51.99
N VAL A 3 12.23 4.72 52.05
CA VAL A 3 13.49 4.02 51.65
C VAL A 3 13.45 3.74 50.15
N ILE A 4 12.35 3.25 49.64
CA ILE A 4 12.25 2.97 48.19
C ILE A 4 10.85 3.34 47.68
N LYS A 5 10.77 3.85 46.48
CA LYS A 5 9.44 4.24 45.93
C LYS A 5 8.81 3.05 45.21
N PRO A 6 7.50 3.04 45.16
CA PRO A 6 6.74 1.96 44.51
C PRO A 6 6.75 2.14 42.98
N SER A 7 6.17 3.20 42.51
CA SER A 7 6.14 3.44 41.04
C SER A 7 6.41 4.93 40.77
N SER A 8 5.90 5.44 39.69
CA SER A 8 6.12 6.88 39.37
C SER A 8 4.84 7.48 38.77
N ARG A 9 4.59 8.73 39.01
CA ARG A 9 3.36 9.37 38.46
C ARG A 9 3.45 9.45 36.94
N PRO A 10 4.55 9.99 36.46
CA PRO A 10 4.78 10.14 35.01
C PRO A 10 5.24 8.82 34.39
N ARG A 11 4.40 8.20 33.60
CA ARG A 11 4.78 6.91 32.95
C ARG A 11 5.04 5.84 34.02
N PRO A 12 4.00 5.11 34.35
CA PRO A 12 4.08 4.05 35.35
C PRO A 12 4.70 2.79 34.75
N ARG A 13 4.78 1.73 35.49
CA ARG A 13 5.39 0.48 34.95
C ARG A 13 4.94 -0.71 35.81
N LYS A 14 3.67 -0.88 36.00
CA LYS A 14 3.17 -2.02 36.82
C LYS A 14 3.89 -3.31 36.40
N ASN A 15 3.93 -3.57 35.12
CA ASN A 15 4.62 -4.80 34.65
C ASN A 15 5.47 -4.48 33.41
N LYS A 16 6.19 -5.44 32.89
CA LYS A 16 7.02 -5.18 31.69
C LYS A 16 6.23 -5.49 30.43
N ASN A 17 5.07 -6.08 30.57
CA ASN A 17 4.25 -6.43 29.38
C ASN A 17 2.77 -6.53 29.79
N ILE A 18 1.92 -5.76 29.17
CA ILE A 18 0.48 -5.81 29.52
C ILE A 18 -0.28 -6.63 28.47
N LYS A 19 0.13 -6.54 27.23
CA LYS A 19 -0.55 -7.31 26.16
C LYS A 19 -0.78 -8.76 26.63
N VAL A 20 -1.55 -9.51 25.91
CA VAL A 20 -1.80 -10.92 26.30
C VAL A 20 -1.49 -11.86 25.13
N ASN A 21 -1.13 -11.30 24.01
CA ASN A 21 -0.81 -12.16 22.83
C ASN A 21 0.70 -12.13 22.57
N THR A 22 1.29 -13.27 22.32
CA THR A 22 2.75 -13.30 22.06
C THR A 22 3.04 -12.65 20.71
N TYR A 23 4.28 -12.34 20.45
CA TYR A 23 4.64 -11.70 19.15
C TYR A 23 4.29 -12.66 18.00
N ARG A 24 3.17 -12.45 17.36
CA ARG A 24 2.77 -13.34 16.24
C ARG A 24 3.63 -13.04 15.01
N THR A 25 3.31 -11.98 14.30
CA THR A 25 4.11 -11.63 13.09
C THR A 25 4.45 -10.13 13.12
N SER A 26 3.45 -9.29 13.04
CA SER A 26 3.71 -7.82 13.05
C SER A 26 2.58 -7.11 13.79
N ALA A 27 1.36 -7.52 13.56
CA ALA A 27 0.22 -6.86 14.25
C ALA A 27 0.37 -5.35 14.17
N MET A 28 -0.25 -4.72 13.21
CA MET A 28 -0.13 -3.24 13.08
C MET A 28 1.33 -2.85 12.83
N ASP A 29 1.71 -2.75 11.59
CA ASP A 29 3.12 -2.38 11.28
C ASP A 29 3.19 -1.74 9.89
N LEU A 30 2.08 -1.26 9.39
CA LEU A 30 2.09 -0.63 8.04
C LEU A 30 2.83 0.71 8.11
N SER A 31 4.12 0.69 7.92
CA SER A 31 4.90 1.96 7.97
C SER A 31 4.77 2.69 6.63
N PRO A 32 5.36 3.86 6.57
CA PRO A 32 5.33 4.69 5.36
C PRO A 32 6.34 4.18 4.33
N GLY A 33 6.30 4.70 3.13
CA GLY A 33 7.26 4.23 2.09
C GLY A 33 7.16 2.71 1.92
N SER A 34 6.33 2.26 1.02
CA SER A 34 6.17 0.80 0.81
C SER A 34 5.48 0.54 -0.54
N VAL A 35 5.46 -0.69 -0.96
CA VAL A 35 4.79 -1.02 -2.26
C VAL A 35 3.65 -1.99 -2.00
N HIS A 36 2.56 -1.87 -2.73
CA HIS A 36 1.42 -2.79 -2.50
C HIS A 36 0.44 -2.69 -3.67
N GLU A 37 -0.48 -3.62 -3.77
CA GLU A 37 -1.47 -3.58 -4.87
C GLU A 37 -2.77 -2.97 -4.35
N GLY A 38 -3.47 -2.23 -5.17
CA GLY A 38 -4.74 -1.60 -4.70
C GLY A 38 -5.69 -1.42 -5.88
N ILE A 39 -6.88 -0.94 -5.60
CA ILE A 39 -7.87 -0.73 -6.70
C ILE A 39 -7.83 0.73 -7.11
N VAL A 40 -8.13 1.03 -8.35
CA VAL A 40 -8.07 2.45 -8.80
C VAL A 40 -9.48 3.06 -8.77
N TYR A 41 -9.57 4.32 -8.40
CA TYR A 41 -10.90 4.97 -8.35
C TYR A 41 -10.76 6.42 -8.85
N PHE A 42 -11.81 6.98 -9.38
CA PHE A 42 -11.72 8.38 -9.88
C PHE A 42 -12.30 9.35 -8.83
N LYS A 43 -11.51 10.28 -8.37
CA LYS A 43 -12.02 11.25 -7.35
C LYS A 43 -12.11 12.64 -7.97
N ASP A 44 -12.83 13.53 -7.34
CA ASP A 44 -12.95 14.91 -7.90
C ASP A 44 -11.62 15.65 -7.74
N GLY A 45 -10.70 15.07 -7.03
CA GLY A 45 -9.37 15.74 -6.85
C GLY A 45 -8.37 15.17 -7.86
N ILE A 46 -8.08 13.90 -7.76
CA ILE A 46 -7.11 13.30 -8.72
C ILE A 46 -7.39 11.79 -8.82
N PHE A 47 -6.70 10.99 -8.04
CA PHE A 47 -6.94 9.53 -8.10
C PHE A 47 -7.22 9.00 -6.69
N LYS A 48 -7.80 7.84 -6.58
CA LYS A 48 -8.10 7.28 -5.23
C LYS A 48 -7.78 5.79 -5.20
N VAL A 49 -6.96 5.36 -4.29
CA VAL A 49 -6.60 3.92 -4.21
C VAL A 49 -7.40 3.25 -3.09
N ARG A 50 -8.23 2.30 -3.41
CA ARG A 50 -9.03 1.62 -2.36
C ARG A 50 -8.36 0.31 -1.95
N LEU A 51 -8.13 0.10 -0.68
CA LEU A 51 -7.48 -1.16 -0.24
C LEU A 51 -8.55 -2.19 0.12
N LEU A 52 -9.27 -2.68 -0.85
CA LEU A 52 -10.33 -3.68 -0.56
C LEU A 52 -9.69 -4.97 -0.02
N GLY A 53 -10.16 -5.47 1.09
CA GLY A 53 -9.58 -6.71 1.66
C GLY A 53 -8.73 -6.35 2.88
N TYR A 54 -8.16 -5.19 2.90
CA TYR A 54 -7.33 -4.78 4.06
C TYR A 54 -8.15 -3.87 4.97
N GLU A 55 -9.34 -4.28 5.34
CA GLU A 55 -10.19 -3.45 6.21
C GLU A 55 -10.73 -2.26 5.42
N GLY A 56 -11.14 -1.21 6.09
CA GLY A 56 -11.67 -0.03 5.36
C GLY A 56 -10.51 0.85 4.90
N HIS A 57 -9.30 0.34 4.98
CA HIS A 57 -8.12 1.15 4.55
C HIS A 57 -8.45 1.88 3.23
N GLU A 58 -8.61 3.17 3.30
CA GLU A 58 -8.91 3.94 2.05
C GLU A 58 -7.76 4.89 1.74
N CYS A 59 -7.02 4.61 0.70
CA CYS A 59 -5.88 5.49 0.35
C CYS A 59 -6.28 6.40 -0.81
N ILE A 60 -5.62 7.52 -0.95
CA ILE A 60 -5.94 8.45 -2.06
C ILE A 60 -4.65 8.74 -2.84
N LEU A 61 -4.70 8.71 -4.15
CA LEU A 61 -3.46 8.98 -4.92
C LEU A 61 -3.44 10.44 -5.36
N LEU A 62 -2.35 11.12 -5.11
CA LEU A 62 -2.25 12.55 -5.50
C LEU A 62 -0.79 12.99 -5.43
N ASP A 63 -0.05 12.49 -4.49
CA ASP A 63 1.38 12.89 -4.38
C ASP A 63 2.05 12.73 -5.74
N TYR A 64 1.88 11.61 -6.37
CA TYR A 64 2.52 11.40 -7.71
C TYR A 64 1.61 11.94 -8.81
N LEU A 65 0.98 13.06 -8.57
CA LEU A 65 0.08 13.63 -9.61
C LEU A 65 0.77 13.57 -10.98
N ASN A 66 2.05 13.81 -11.01
CA ASN A 66 2.78 13.76 -12.30
C ASN A 66 2.29 14.89 -13.21
N TYR A 67 3.19 15.69 -13.73
CA TYR A 67 2.76 16.81 -14.61
C TYR A 67 2.30 16.25 -15.95
N ARG A 68 1.83 17.10 -16.84
CA ARG A 68 1.36 16.63 -18.16
C ARG A 68 1.02 17.84 -19.03
N GLN A 69 1.17 17.71 -20.32
CA GLN A 69 0.86 18.86 -21.23
C GLN A 69 -0.32 18.50 -22.12
N ASP A 70 -0.27 17.36 -22.76
CA ASP A 70 -1.39 16.95 -23.65
C ASP A 70 -2.57 16.47 -22.80
N THR A 71 -3.64 16.08 -23.43
CA THR A 71 -4.83 15.60 -22.66
C THR A 71 -5.38 14.34 -23.32
N LEU A 72 -4.62 13.27 -23.33
CA LEU A 72 -5.12 12.02 -23.97
C LEU A 72 -5.29 10.94 -22.90
N ASP A 73 -6.08 11.21 -21.89
CA ASP A 73 -6.30 10.20 -20.82
C ASP A 73 -7.71 9.62 -20.95
N ARG A 74 -8.16 9.40 -22.15
CA ARG A 74 -9.52 8.85 -22.35
C ARG A 74 -9.50 7.34 -22.06
N LEU A 75 -8.48 6.67 -22.49
CA LEU A 75 -8.40 5.19 -22.26
C LEU A 75 -8.23 4.92 -20.77
N LYS A 76 -7.52 5.76 -20.06
CA LYS A 76 -7.30 5.54 -18.61
C LYS A 76 -8.64 5.68 -17.87
N GLU A 77 -9.53 6.48 -18.39
CA GLU A 77 -10.85 6.65 -17.71
C GLU A 77 -11.54 5.30 -17.58
N ARG A 78 -11.55 4.53 -18.64
CA ARG A 78 -12.21 3.19 -18.58
C ARG A 78 -11.30 2.22 -17.81
N LEU A 79 -10.01 2.42 -17.88
CA LEU A 79 -9.08 1.52 -17.16
C LEU A 79 -9.26 1.69 -15.65
N VAL A 80 -9.71 2.85 -15.23
CA VAL A 80 -9.92 3.09 -13.77
C VAL A 80 -10.53 1.84 -13.13
N GLY A 81 -10.47 1.76 -11.84
CA GLY A 81 -11.04 0.56 -11.15
C GLY A 81 -10.00 -0.55 -11.13
N ARG A 82 -9.44 -0.88 -12.26
CA ARG A 82 -8.42 -1.97 -12.32
C ARG A 82 -7.47 -1.86 -11.13
N VAL A 83 -6.76 -2.91 -10.83
CA VAL A 83 -5.82 -2.88 -9.68
C VAL A 83 -4.41 -2.62 -10.21
N ILE A 84 -3.64 -1.82 -9.52
CA ILE A 84 -2.25 -1.54 -9.99
C ILE A 84 -1.29 -1.51 -8.81
N LYS A 85 -0.02 -1.37 -9.06
CA LYS A 85 0.97 -1.33 -7.96
C LYS A 85 1.34 0.13 -7.66
N THR A 86 1.24 0.54 -6.43
CA THR A 86 1.58 1.94 -6.08
C THR A 86 2.35 1.97 -4.76
N ARG A 87 2.83 3.12 -4.37
CA ARG A 87 3.59 3.21 -3.09
C ARG A 87 2.72 3.88 -2.02
N VAL A 88 3.06 3.70 -0.78
CA VAL A 88 2.26 4.34 0.31
C VAL A 88 2.93 5.65 0.73
N VAL A 89 2.29 6.75 0.51
CA VAL A 89 2.90 8.06 0.88
C VAL A 89 2.85 8.25 2.40
N ARG A 90 1.79 7.86 3.03
CA ARG A 90 1.69 8.03 4.51
C ARG A 90 0.35 7.51 5.02
N ALA A 91 0.34 6.34 5.59
CA ALA A 91 -0.94 5.79 6.12
C ALA A 91 -1.10 6.21 7.58
N ASP A 92 -2.18 6.88 7.90
CA ASP A 92 -2.39 7.31 9.31
C ASP A 92 -3.62 6.61 9.90
N GLY A 93 -4.32 5.85 9.11
CA GLY A 93 -5.52 5.15 9.63
C GLY A 93 -6.50 4.87 8.50
N LEU A 94 -7.64 5.49 8.51
CA LEU A 94 -8.64 5.26 7.43
C LEU A 94 -8.22 6.01 6.17
N TYR A 95 -7.75 7.22 6.33
CA TYR A 95 -7.31 8.01 5.14
C TYR A 95 -5.80 7.92 5.00
N VAL A 96 -5.33 7.53 3.84
CA VAL A 96 -3.85 7.42 3.65
C VAL A 96 -3.44 8.17 2.38
N ASP A 97 -2.19 8.48 2.23
CA ASP A 97 -1.73 9.19 1.01
C ASP A 97 -1.14 8.16 0.04
N LEU A 98 -1.15 8.44 -1.24
CA LEU A 98 -0.63 7.44 -2.20
C LEU A 98 0.22 8.11 -3.28
N ARG A 99 1.34 7.51 -3.58
CA ARG A 99 2.24 8.06 -4.63
C ARG A 99 2.64 6.93 -5.59
N ARG A 100 2.12 6.94 -6.79
CA ARG A 100 2.46 5.86 -7.75
C ARG A 100 3.91 6.03 -8.22
N PHE A 101 4.45 5.05 -8.90
CA PHE A 101 5.85 5.17 -9.38
C PHE A 101 5.99 4.47 -10.74
N PHE A 102 5.96 5.21 -11.81
CA PHE A 102 6.10 4.60 -13.15
C PHE A 102 5.19 3.36 -13.25
N MET A 1 0.67 -23.94 -12.43
CA MET A 1 2.08 -23.59 -12.14
C MET A 1 2.94 -24.85 -12.15
N THR A 2 3.74 -25.03 -13.18
CA THR A 2 4.61 -26.24 -13.24
C THR A 2 5.74 -26.10 -12.23
N VAL A 3 6.02 -27.15 -11.50
CA VAL A 3 7.11 -27.07 -10.48
C VAL A 3 7.61 -28.48 -10.14
N ILE A 4 8.89 -28.60 -9.85
CA ILE A 4 9.43 -29.94 -9.51
C ILE A 4 10.34 -29.81 -8.27
N LYS A 5 9.82 -30.12 -7.12
CA LYS A 5 10.65 -30.00 -5.88
C LYS A 5 11.09 -31.39 -5.41
N PRO A 6 12.31 -31.47 -4.94
CA PRO A 6 12.89 -32.72 -4.44
C PRO A 6 12.41 -33.00 -3.01
N SER A 7 12.50 -32.01 -2.15
CA SER A 7 12.05 -32.20 -0.75
C SER A 7 12.52 -31.01 0.09
N SER A 8 11.68 -30.51 0.95
CA SER A 8 12.07 -29.33 1.78
C SER A 8 11.01 -29.07 2.86
N ARG A 9 11.31 -29.40 4.08
CA ARG A 9 10.32 -29.16 5.18
C ARG A 9 8.98 -29.81 4.81
N PRO A 10 8.70 -30.93 5.44
CA PRO A 10 7.45 -31.67 5.21
C PRO A 10 6.28 -31.00 5.94
N ARG A 11 5.20 -31.70 6.12
CA ARG A 11 4.03 -31.11 6.83
C ARG A 11 4.44 -30.73 8.25
N PRO A 12 3.63 -29.92 8.88
CA PRO A 12 3.87 -29.45 10.26
C PRO A 12 3.51 -30.54 11.27
N ARG A 13 4.48 -31.01 12.02
CA ARG A 13 4.19 -32.08 13.02
C ARG A 13 3.46 -33.23 12.34
N LYS A 14 3.13 -34.25 13.08
CA LYS A 14 2.41 -35.41 12.47
C LYS A 14 0.90 -35.23 12.64
N ASN A 15 0.38 -34.09 12.27
CA ASN A 15 -1.08 -33.86 12.42
C ASN A 15 -1.72 -33.79 11.03
N LYS A 16 -2.94 -34.22 10.91
CA LYS A 16 -3.62 -34.19 9.57
C LYS A 16 -4.68 -33.09 9.56
N ASN A 17 -5.91 -33.43 9.87
CA ASN A 17 -6.99 -32.41 9.87
C ASN A 17 -6.57 -31.23 10.75
N ILE A 18 -6.22 -30.13 10.16
CA ILE A 18 -5.80 -28.94 10.96
C ILE A 18 -6.87 -28.65 12.01
N LYS A 19 -6.50 -28.69 13.27
CA LYS A 19 -7.50 -28.40 14.35
C LYS A 19 -7.00 -27.26 15.22
N VAL A 20 -6.16 -26.42 14.67
CA VAL A 20 -5.63 -25.28 15.48
C VAL A 20 -5.85 -23.96 14.70
N ASN A 21 -6.78 -23.16 15.13
CA ASN A 21 -7.04 -21.88 14.42
C ASN A 21 -5.78 -21.00 14.48
N THR A 22 -5.48 -20.44 15.61
CA THR A 22 -4.28 -19.57 15.72
C THR A 22 -4.24 -18.61 14.54
N TYR A 23 -5.10 -17.64 14.51
CA TYR A 23 -5.11 -16.67 13.38
C TYR A 23 -4.79 -15.26 13.89
N ARG A 24 -4.42 -15.15 15.14
CA ARG A 24 -4.11 -13.80 15.69
C ARG A 24 -2.60 -13.67 15.89
N THR A 25 -1.84 -13.63 14.83
CA THR A 25 -0.37 -13.50 14.96
C THR A 25 0.12 -12.38 14.04
N SER A 26 0.49 -11.26 14.60
CA SER A 26 0.97 -10.13 13.76
C SER A 26 0.05 -9.98 12.55
N ALA A 27 -1.16 -9.53 12.77
CA ALA A 27 -2.11 -9.35 11.64
C ALA A 27 -1.92 -7.97 11.01
N MET A 28 -0.84 -7.32 11.32
CA MET A 28 -0.60 -5.96 10.74
C MET A 28 0.82 -5.90 10.18
N ASP A 29 1.04 -5.12 9.15
CA ASP A 29 2.40 -5.02 8.56
C ASP A 29 2.46 -3.83 7.60
N LEU A 30 2.33 -2.64 8.12
CA LEU A 30 2.37 -1.43 7.24
C LEU A 30 3.65 -0.64 7.53
N SER A 31 4.40 -0.32 6.52
CA SER A 31 5.66 0.46 6.73
C SER A 31 5.59 1.76 5.94
N PRO A 32 6.46 2.69 6.28
CA PRO A 32 6.53 3.99 5.62
C PRO A 32 7.23 3.87 4.26
N GLY A 33 6.51 4.10 3.19
CA GLY A 33 7.13 4.00 1.84
C GLY A 33 7.19 2.53 1.42
N SER A 34 6.08 1.86 1.42
CA SER A 34 6.07 0.42 1.02
C SER A 34 5.30 0.27 -0.29
N VAL A 35 5.48 -0.83 -0.97
CA VAL A 35 4.75 -1.05 -2.26
C VAL A 35 3.65 -2.09 -2.06
N HIS A 36 2.57 -1.99 -2.79
CA HIS A 36 1.47 -2.98 -2.63
C HIS A 36 0.47 -2.84 -3.78
N GLU A 37 -0.43 -3.78 -3.92
CA GLU A 37 -1.42 -3.70 -5.03
C GLU A 37 -2.75 -3.17 -4.48
N GLY A 38 -3.44 -2.38 -5.25
CA GLY A 38 -4.74 -1.83 -4.76
C GLY A 38 -5.64 -1.51 -5.95
N ILE A 39 -6.85 -1.07 -5.69
CA ILE A 39 -7.78 -0.74 -6.80
C ILE A 39 -7.73 0.76 -7.07
N VAL A 40 -8.00 1.18 -8.26
CA VAL A 40 -7.93 2.65 -8.56
C VAL A 40 -9.34 3.23 -8.69
N TYR A 41 -9.49 4.49 -8.35
CA TYR A 41 -10.82 5.15 -8.46
C TYR A 41 -10.62 6.63 -8.77
N PHE A 42 -11.68 7.35 -9.00
CA PHE A 42 -11.54 8.81 -9.31
C PHE A 42 -12.35 9.62 -8.30
N LYS A 43 -11.71 10.55 -7.63
CA LYS A 43 -12.45 11.37 -6.62
C LYS A 43 -11.67 12.66 -6.36
N ASP A 44 -12.36 13.75 -6.11
CA ASP A 44 -11.67 15.03 -5.83
C ASP A 44 -10.84 15.44 -7.04
N GLY A 45 -11.04 14.81 -8.17
CA GLY A 45 -10.25 15.16 -9.38
C GLY A 45 -8.94 14.38 -9.39
N ILE A 46 -8.52 13.87 -8.27
CA ILE A 46 -7.26 13.10 -8.22
C ILE A 46 -7.55 11.61 -8.36
N PHE A 47 -6.70 10.76 -7.84
CA PHE A 47 -6.95 9.30 -7.94
C PHE A 47 -7.28 8.74 -6.56
N LYS A 48 -7.82 7.56 -6.50
CA LYS A 48 -8.18 6.96 -5.18
C LYS A 48 -7.72 5.50 -5.14
N VAL A 49 -6.86 5.16 -4.22
CA VAL A 49 -6.39 3.75 -4.14
C VAL A 49 -7.08 3.07 -2.95
N ARG A 50 -7.99 2.17 -3.22
CA ARG A 50 -8.69 1.47 -2.10
C ARG A 50 -8.05 0.11 -1.85
N LEU A 51 -7.83 -0.24 -0.62
CA LEU A 51 -7.21 -1.55 -0.30
C LEU A 51 -8.31 -2.59 -0.05
N LEU A 52 -8.51 -3.49 -0.97
CA LEU A 52 -9.56 -4.52 -0.76
C LEU A 52 -9.03 -5.64 0.13
N GLY A 53 -9.89 -6.25 0.90
CA GLY A 53 -9.43 -7.35 1.80
C GLY A 53 -9.06 -6.77 3.17
N TYR A 54 -8.76 -5.51 3.23
CA TYR A 54 -8.38 -4.89 4.53
C TYR A 54 -9.59 -4.15 5.12
N GLU A 55 -10.45 -3.65 4.28
CA GLU A 55 -11.65 -2.92 4.80
C GLU A 55 -11.20 -1.71 5.61
N GLY A 56 -11.98 -0.67 5.62
CA GLY A 56 -11.60 0.54 6.40
C GLY A 56 -10.22 1.03 5.97
N HIS A 57 -9.94 1.00 4.69
CA HIS A 57 -8.61 1.46 4.21
C HIS A 57 -8.78 2.24 2.91
N GLU A 58 -9.04 3.51 3.00
CA GLU A 58 -9.21 4.33 1.76
C GLU A 58 -7.99 5.22 1.55
N CYS A 59 -7.31 5.06 0.45
CA CYS A 59 -6.11 5.90 0.18
C CYS A 59 -6.37 6.75 -1.06
N ILE A 60 -5.49 7.68 -1.33
CA ILE A 60 -5.68 8.54 -2.54
C ILE A 60 -4.35 8.67 -3.29
N LEU A 61 -4.37 8.48 -4.58
CA LEU A 61 -3.10 8.59 -5.35
C LEU A 61 -2.98 9.98 -5.97
N LEU A 62 -1.86 10.61 -5.81
CA LEU A 62 -1.68 11.97 -6.37
C LEU A 62 -0.24 12.43 -6.13
N ASP A 63 0.35 12.04 -5.04
CA ASP A 63 1.75 12.45 -4.75
C ASP A 63 2.62 12.18 -5.97
N TYR A 64 2.50 11.01 -6.56
CA TYR A 64 3.32 10.69 -7.76
C TYR A 64 2.39 10.40 -8.95
N LEU A 65 1.39 11.22 -9.14
CA LEU A 65 0.47 11.00 -10.28
C LEU A 65 1.14 11.41 -11.59
N ASN A 66 1.67 12.61 -11.65
CA ASN A 66 2.34 13.06 -12.90
C ASN A 66 1.32 13.10 -14.04
N TYR A 67 1.60 13.83 -15.09
CA TYR A 67 0.65 13.91 -16.22
C TYR A 67 -0.61 14.65 -15.78
N ARG A 68 -0.45 15.73 -15.06
CA ARG A 68 -1.64 16.49 -14.58
C ARG A 68 -1.94 17.62 -15.57
N GLN A 69 -3.17 17.71 -16.03
CA GLN A 69 -3.53 18.79 -16.99
C GLN A 69 -4.98 18.61 -17.44
N ASP A 70 -5.46 19.48 -18.28
CA ASP A 70 -6.87 19.35 -18.75
C ASP A 70 -6.92 18.47 -19.99
N THR A 71 -7.17 17.20 -19.81
CA THR A 71 -7.22 16.27 -20.98
C THR A 71 -8.47 15.39 -20.87
N LEU A 72 -9.29 15.36 -21.89
CA LEU A 72 -10.52 14.53 -21.84
C LEU A 72 -10.17 13.15 -21.26
N ASP A 73 -9.05 12.60 -21.64
CA ASP A 73 -8.66 11.27 -21.11
C ASP A 73 -9.84 10.29 -21.26
N ARG A 74 -10.15 9.90 -22.47
CA ARG A 74 -11.28 8.96 -22.68
C ARG A 74 -10.82 7.54 -22.30
N LEU A 75 -9.59 7.22 -22.58
CA LEU A 75 -9.08 5.86 -22.25
C LEU A 75 -8.87 5.75 -20.74
N LYS A 76 -8.38 6.79 -20.12
CA LYS A 76 -8.14 6.76 -18.66
C LYS A 76 -9.43 6.33 -17.94
N GLU A 77 -10.56 6.57 -18.53
CA GLU A 77 -11.84 6.17 -17.87
C GLU A 77 -11.90 4.66 -17.71
N ARG A 78 -11.49 3.93 -18.71
CA ARG A 78 -11.54 2.44 -18.61
C ARG A 78 -10.37 1.93 -17.76
N LEU A 79 -9.27 2.64 -17.74
CA LEU A 79 -8.11 2.18 -16.92
C LEU A 79 -8.46 2.25 -15.44
N VAL A 80 -8.96 3.37 -14.98
CA VAL A 80 -9.32 3.51 -13.55
C VAL A 80 -9.97 2.22 -13.06
N GLY A 81 -9.98 2.00 -11.77
CA GLY A 81 -10.60 0.76 -11.22
C GLY A 81 -9.56 -0.37 -11.24
N ARG A 82 -8.97 -0.63 -12.38
CA ARG A 82 -7.96 -1.73 -12.48
C ARG A 82 -7.08 -1.76 -11.22
N VAL A 83 -6.44 -2.85 -10.98
CA VAL A 83 -5.56 -2.96 -9.79
C VAL A 83 -4.11 -2.72 -10.22
N ILE A 84 -3.35 -2.01 -9.45
CA ILE A 84 -1.93 -1.75 -9.84
C ILE A 84 -1.04 -1.69 -8.60
N LYS A 85 0.25 -1.56 -8.80
CA LYS A 85 1.18 -1.48 -7.65
C LYS A 85 1.55 -0.02 -7.42
N THR A 86 1.78 0.36 -6.18
CA THR A 86 2.14 1.77 -5.91
C THR A 86 2.85 1.86 -4.56
N ARG A 87 3.33 3.01 -4.20
CA ARG A 87 4.04 3.16 -2.90
C ARG A 87 3.12 3.85 -1.90
N VAL A 88 3.43 3.75 -0.63
CA VAL A 88 2.57 4.41 0.40
C VAL A 88 3.16 5.76 0.77
N VAL A 89 2.41 6.81 0.61
CA VAL A 89 2.92 8.16 0.94
C VAL A 89 2.83 8.41 2.44
N ARG A 90 1.74 8.01 3.06
CA ARG A 90 1.59 8.23 4.52
C ARG A 90 0.23 7.70 4.99
N ALA A 91 0.22 6.55 5.60
CA ALA A 91 -1.07 5.98 6.09
C ALA A 91 -1.56 6.76 7.30
N ASP A 92 -2.83 7.10 7.33
CA ASP A 92 -3.36 7.87 8.49
C ASP A 92 -4.60 7.17 9.04
N GLY A 93 -4.64 5.86 8.97
CA GLY A 93 -5.81 5.11 9.49
C GLY A 93 -6.80 4.87 8.35
N LEU A 94 -7.90 5.56 8.35
CA LEU A 94 -8.90 5.36 7.26
C LEU A 94 -8.46 6.14 6.02
N TYR A 95 -7.84 7.27 6.21
CA TYR A 95 -7.37 8.07 5.04
C TYR A 95 -5.87 7.85 4.86
N VAL A 96 -5.43 7.58 3.66
CA VAL A 96 -3.98 7.36 3.43
C VAL A 96 -3.53 8.06 2.15
N ASP A 97 -2.28 8.39 2.05
CA ASP A 97 -1.77 9.06 0.82
C ASP A 97 -1.09 8.01 -0.08
N LEU A 98 -1.01 8.25 -1.35
CA LEU A 98 -0.38 7.24 -2.25
C LEU A 98 0.47 7.95 -3.31
N ARG A 99 1.61 7.38 -3.63
CA ARG A 99 2.49 8.00 -4.66
C ARG A 99 2.80 6.96 -5.74
N ARG A 100 2.43 7.25 -6.97
CA ARG A 100 2.70 6.28 -8.07
C ARG A 100 4.21 6.12 -8.24
N PHE A 101 4.62 5.14 -9.00
CA PHE A 101 6.08 4.92 -9.20
C PHE A 101 6.44 5.22 -10.66
N PHE A 102 7.51 5.94 -10.87
CA PHE A 102 7.92 6.27 -12.27
C PHE A 102 6.70 6.74 -13.06
N MET A 1 -10.22 -18.08 52.15
CA MET A 1 -9.93 -16.68 51.76
C MET A 1 -9.11 -16.01 52.86
N THR A 2 -8.77 -14.76 52.69
CA THR A 2 -7.97 -14.05 53.72
C THR A 2 -6.84 -14.96 54.22
N VAL A 3 -5.89 -15.25 53.38
CA VAL A 3 -4.77 -16.12 53.80
C VAL A 3 -3.73 -15.30 54.58
N ILE A 4 -2.78 -15.96 55.20
CA ILE A 4 -1.76 -15.21 55.98
C ILE A 4 -0.41 -15.33 55.28
N LYS A 5 -0.28 -14.75 54.12
CA LYS A 5 1.02 -14.82 53.39
C LYS A 5 1.56 -13.40 53.17
N PRO A 6 2.16 -12.86 54.20
CA PRO A 6 2.74 -11.50 54.15
C PRO A 6 4.09 -11.52 53.43
N SER A 7 4.88 -10.51 53.61
CA SER A 7 6.21 -10.47 52.93
C SER A 7 7.16 -9.58 53.73
N SER A 8 7.94 -10.17 54.59
CA SER A 8 8.89 -9.35 55.41
C SER A 8 10.22 -9.20 54.66
N ARG A 9 10.16 -8.95 53.38
CA ARG A 9 11.41 -8.78 52.60
C ARG A 9 11.08 -8.24 51.20
N PRO A 10 12.05 -7.57 50.61
CA PRO A 10 11.90 -6.99 49.27
C PRO A 10 12.03 -8.07 48.20
N ARG A 11 10.97 -8.77 47.91
CA ARG A 11 11.05 -9.84 46.87
C ARG A 11 9.77 -9.80 46.01
N PRO A 12 9.77 -8.91 45.05
CA PRO A 12 8.64 -8.73 44.13
C PRO A 12 8.64 -9.84 43.06
N ARG A 13 7.50 -10.41 42.77
CA ARG A 13 7.45 -11.49 41.75
C ARG A 13 6.54 -11.04 40.60
N LYS A 14 7.05 -10.23 39.72
CA LYS A 14 6.21 -9.76 38.57
C LYS A 14 7.00 -8.74 37.74
N ASN A 15 8.16 -9.11 37.27
CA ASN A 15 8.98 -8.16 36.47
C ASN A 15 8.56 -8.26 34.99
N LYS A 16 7.43 -8.85 34.73
CA LYS A 16 6.96 -8.98 33.32
C LYS A 16 7.97 -9.80 32.52
N ASN A 17 8.52 -10.83 33.11
CA ASN A 17 9.51 -11.67 32.38
C ASN A 17 8.77 -12.65 31.47
N ILE A 18 8.24 -12.17 30.38
CA ILE A 18 7.51 -13.07 29.44
C ILE A 18 7.93 -12.77 28.00
N LYS A 19 9.01 -13.35 27.54
CA LYS A 19 9.47 -13.09 26.16
C LYS A 19 8.61 -13.87 25.17
N VAL A 20 7.89 -14.86 25.64
CA VAL A 20 7.03 -15.65 24.72
C VAL A 20 5.56 -15.33 24.97
N ASN A 21 5.19 -14.08 24.87
CA ASN A 21 3.77 -13.70 25.10
C ASN A 21 3.24 -12.95 23.88
N THR A 22 2.11 -12.31 24.01
CA THR A 22 1.54 -11.56 22.86
C THR A 22 1.01 -12.55 21.81
N TYR A 23 -0.05 -12.20 21.13
CA TYR A 23 -0.62 -13.12 20.11
C TYR A 23 -0.17 -12.67 18.72
N ARG A 24 -0.63 -11.52 18.29
CA ARG A 24 -0.23 -11.02 16.94
C ARG A 24 0.99 -10.10 17.09
N THR A 25 1.88 -10.13 16.14
CA THR A 25 3.09 -9.27 16.22
C THR A 25 2.72 -7.82 15.88
N SER A 26 3.33 -6.87 16.52
CA SER A 26 3.02 -5.44 16.23
C SER A 26 4.12 -4.86 15.34
N ALA A 27 3.78 -3.94 14.49
CA ALA A 27 4.81 -3.33 13.59
C ALA A 27 4.47 -1.86 13.34
N MET A 28 4.09 -1.14 14.37
CA MET A 28 3.76 0.30 14.19
C MET A 28 2.57 0.43 13.23
N ASP A 29 2.31 1.63 12.77
CA ASP A 29 1.17 1.83 11.83
C ASP A 29 1.68 1.73 10.39
N LEU A 30 2.41 0.70 10.08
CA LEU A 30 2.94 0.54 8.69
C LEU A 30 3.92 1.68 8.39
N SER A 31 5.08 1.35 7.90
CA SER A 31 6.09 2.40 7.59
C SER A 31 5.75 3.04 6.25
N PRO A 32 5.99 4.33 6.14
CA PRO A 32 5.72 5.09 4.92
C PRO A 32 6.82 4.85 3.88
N GLY A 33 6.47 4.40 2.71
CA GLY A 33 7.50 4.15 1.67
C GLY A 33 7.53 2.66 1.32
N SER A 34 6.42 1.99 1.46
CA SER A 34 6.39 0.54 1.13
C SER A 34 5.63 0.33 -0.18
N VAL A 35 5.75 -0.83 -0.77
CA VAL A 35 5.03 -1.09 -2.05
C VAL A 35 3.87 -2.07 -1.80
N HIS A 36 2.75 -1.86 -2.42
CA HIS A 36 1.60 -2.78 -2.22
C HIS A 36 0.66 -2.71 -3.43
N GLU A 37 -0.27 -3.62 -3.52
CA GLU A 37 -1.21 -3.61 -4.67
C GLU A 37 -2.55 -3.00 -4.23
N GLY A 38 -3.19 -2.26 -5.08
CA GLY A 38 -4.50 -1.64 -4.69
C GLY A 38 -5.35 -1.39 -5.94
N ILE A 39 -6.56 -0.93 -5.75
CA ILE A 39 -7.45 -0.66 -6.91
C ILE A 39 -7.39 0.83 -7.24
N VAL A 40 -7.65 1.20 -8.47
CA VAL A 40 -7.58 2.64 -8.82
C VAL A 40 -8.99 3.22 -8.97
N TYR A 41 -9.17 4.46 -8.62
CA TYR A 41 -10.51 5.09 -8.75
C TYR A 41 -10.33 6.58 -9.07
N PHE A 42 -11.40 7.33 -9.09
CA PHE A 42 -11.27 8.78 -9.41
C PHE A 42 -12.12 9.59 -8.43
N LYS A 43 -11.68 10.78 -8.09
CA LYS A 43 -12.46 11.61 -7.13
C LYS A 43 -11.77 12.96 -6.92
N ASP A 44 -12.54 14.01 -6.83
CA ASP A 44 -11.95 15.37 -6.62
C ASP A 44 -10.96 15.68 -7.75
N GLY A 45 -11.04 14.98 -8.84
CA GLY A 45 -10.11 15.26 -9.96
C GLY A 45 -8.83 14.43 -9.78
N ILE A 46 -8.41 14.22 -8.57
CA ILE A 46 -7.18 13.42 -8.33
C ILE A 46 -7.50 11.93 -8.49
N PHE A 47 -6.76 11.08 -7.83
CA PHE A 47 -7.03 9.62 -7.96
C PHE A 47 -7.37 9.04 -6.58
N LYS A 48 -7.99 7.90 -6.54
CA LYS A 48 -8.35 7.29 -5.24
C LYS A 48 -7.91 5.83 -5.23
N VAL A 49 -7.06 5.47 -4.30
CA VAL A 49 -6.60 4.05 -4.24
C VAL A 49 -7.35 3.32 -3.13
N ARG A 50 -7.97 2.21 -3.44
CA ARG A 50 -8.73 1.46 -2.39
C ARG A 50 -7.94 0.23 -1.95
N LEU A 51 -7.93 -0.07 -0.69
CA LEU A 51 -7.19 -1.26 -0.20
C LEU A 51 -8.17 -2.40 0.08
N LEU A 52 -8.71 -3.01 -0.93
CA LEU A 52 -9.68 -4.11 -0.72
C LEU A 52 -9.04 -5.17 0.18
N GLY A 53 -9.83 -6.10 0.67
CA GLY A 53 -9.27 -7.16 1.56
C GLY A 53 -9.34 -6.69 3.01
N TYR A 54 -9.13 -5.43 3.25
CA TYR A 54 -9.19 -4.90 4.65
C TYR A 54 -10.56 -4.27 4.88
N GLU A 55 -11.20 -3.80 3.85
CA GLU A 55 -12.54 -3.18 4.02
C GLU A 55 -12.46 -2.06 5.06
N GLY A 56 -11.31 -1.48 5.22
CA GLY A 56 -11.15 -0.39 6.21
C GLY A 56 -9.90 0.44 5.87
N HIS A 57 -9.51 0.43 4.63
CA HIS A 57 -8.30 1.20 4.23
C HIS A 57 -8.61 2.05 3.00
N GLU A 58 -8.89 3.32 3.20
CA GLU A 58 -9.20 4.21 2.05
C GLU A 58 -7.98 5.08 1.74
N CYS A 59 -7.30 4.81 0.67
CA CYS A 59 -6.10 5.62 0.33
C CYS A 59 -6.41 6.52 -0.88
N ILE A 60 -5.66 7.56 -1.05
CA ILE A 60 -5.91 8.47 -2.20
C ILE A 60 -4.60 8.67 -2.96
N LEU A 61 -4.65 8.65 -4.26
CA LEU A 61 -3.39 8.84 -5.05
C LEU A 61 -3.28 10.29 -5.52
N LEU A 62 -2.14 10.89 -5.32
CA LEU A 62 -1.94 12.30 -5.75
C LEU A 62 -0.46 12.64 -5.71
N ASP A 63 0.24 12.13 -4.72
CA ASP A 63 1.70 12.42 -4.63
C ASP A 63 2.35 12.17 -5.99
N TYR A 64 2.13 11.02 -6.56
CA TYR A 64 2.73 10.73 -7.90
C TYR A 64 1.62 10.46 -8.91
N LEU A 65 0.57 11.25 -8.88
CA LEU A 65 -0.54 11.05 -9.84
C LEU A 65 0.01 11.08 -11.27
N ASN A 66 0.18 12.25 -11.82
CA ASN A 66 0.70 12.34 -13.21
C ASN A 66 0.84 13.81 -13.60
N TYR A 67 0.70 14.11 -14.87
CA TYR A 67 0.81 15.53 -15.31
C TYR A 67 -0.59 16.09 -15.60
N ARG A 68 -0.75 17.38 -15.54
CA ARG A 68 -2.09 17.98 -15.81
C ARG A 68 -2.27 18.17 -17.32
N GLN A 69 -1.95 17.18 -18.09
CA GLN A 69 -2.11 17.31 -19.57
C GLN A 69 -3.55 17.74 -19.88
N ASP A 70 -3.72 18.58 -20.87
CA ASP A 70 -5.10 19.04 -21.22
C ASP A 70 -5.78 18.01 -22.11
N THR A 71 -6.26 16.94 -21.53
CA THR A 71 -6.94 15.89 -22.34
C THR A 71 -7.82 15.04 -21.42
N LEU A 72 -9.10 14.98 -21.72
CA LEU A 72 -10.01 14.17 -20.86
C LEU A 72 -9.53 12.71 -20.84
N ASP A 73 -8.96 12.25 -21.91
CA ASP A 73 -8.47 10.84 -21.95
C ASP A 73 -9.62 9.89 -21.64
N ARG A 74 -10.46 9.62 -22.60
CA ARG A 74 -11.62 8.70 -22.35
C ARG A 74 -11.10 7.28 -22.10
N LEU A 75 -10.07 6.88 -22.79
CA LEU A 75 -9.53 5.50 -22.59
C LEU A 75 -9.21 5.29 -21.11
N LYS A 76 -8.53 6.21 -20.50
CA LYS A 76 -8.19 6.06 -19.06
C LYS A 76 -9.47 5.99 -18.23
N GLU A 77 -10.53 6.59 -18.72
CA GLU A 77 -11.81 6.57 -17.97
C GLU A 77 -12.20 5.12 -17.68
N ARG A 78 -12.19 4.27 -18.67
CA ARG A 78 -12.56 2.84 -18.45
C ARG A 78 -11.40 2.10 -17.78
N LEU A 79 -10.19 2.52 -18.04
CA LEU A 79 -9.01 1.84 -17.42
C LEU A 79 -9.07 1.98 -15.89
N VAL A 80 -9.64 3.06 -15.41
CA VAL A 80 -9.71 3.25 -13.93
C VAL A 80 -10.14 1.93 -13.29
N GLY A 81 -9.99 1.83 -12.00
CA GLY A 81 -10.39 0.58 -11.31
C GLY A 81 -9.23 -0.43 -11.37
N ARG A 82 -8.63 -0.58 -12.52
CA ARG A 82 -7.50 -1.55 -12.68
C ARG A 82 -6.65 -1.57 -11.41
N VAL A 83 -6.06 -2.70 -11.12
CA VAL A 83 -5.21 -2.82 -9.90
C VAL A 83 -3.74 -2.65 -10.27
N ILE A 84 -2.98 -2.00 -9.43
CA ILE A 84 -1.54 -1.80 -9.74
C ILE A 84 -0.74 -1.75 -8.44
N LYS A 85 0.57 -1.77 -8.52
CA LYS A 85 1.40 -1.72 -7.29
C LYS A 85 1.90 -0.28 -7.09
N THR A 86 1.44 0.38 -6.06
CA THR A 86 1.88 1.78 -5.82
C THR A 86 2.64 1.85 -4.49
N ARG A 87 3.17 3.00 -4.17
CA ARG A 87 3.92 3.13 -2.88
C ARG A 87 3.04 3.84 -1.86
N VAL A 88 3.38 3.72 -0.60
CA VAL A 88 2.57 4.39 0.46
C VAL A 88 3.23 5.71 0.83
N VAL A 89 2.50 6.79 0.74
CA VAL A 89 3.09 8.11 1.07
C VAL A 89 3.00 8.36 2.57
N ARG A 90 1.92 7.98 3.20
CA ARG A 90 1.79 8.21 4.67
C ARG A 90 0.42 7.72 5.14
N ALA A 91 0.37 6.59 5.79
CA ALA A 91 -0.93 6.07 6.28
C ALA A 91 -1.08 6.39 7.77
N ASP A 92 -2.13 7.07 8.15
CA ASP A 92 -2.31 7.41 9.59
C ASP A 92 -3.56 6.72 10.12
N GLY A 93 -4.47 6.37 9.27
CA GLY A 93 -5.72 5.68 9.74
C GLY A 93 -6.58 5.32 8.53
N LEU A 94 -7.87 5.52 8.64
CA LEU A 94 -8.78 5.18 7.51
C LEU A 94 -8.34 5.93 6.25
N TYR A 95 -7.82 7.12 6.42
CA TYR A 95 -7.37 7.91 5.25
C TYR A 95 -5.85 7.76 5.08
N VAL A 96 -5.40 7.47 3.88
CA VAL A 96 -3.93 7.31 3.67
C VAL A 96 -3.51 8.03 2.39
N ASP A 97 -2.25 8.35 2.28
CA ASP A 97 -1.75 9.06 1.05
C ASP A 97 -1.10 8.03 0.13
N LEU A 98 -1.10 8.25 -1.16
CA LEU A 98 -0.50 7.26 -2.09
C LEU A 98 0.28 7.95 -3.21
N ARG A 99 1.42 7.40 -3.56
CA ARG A 99 2.23 7.99 -4.67
C ARG A 99 2.51 6.92 -5.72
N ARG A 100 2.07 7.12 -6.93
CA ARG A 100 2.31 6.12 -7.99
C ARG A 100 3.80 6.12 -8.38
N PHE A 101 4.24 5.10 -9.05
CA PHE A 101 5.68 5.06 -9.46
C PHE A 101 5.87 5.86 -10.74
N PHE A 102 7.10 6.06 -11.15
CA PHE A 102 7.35 6.83 -12.39
C PHE A 102 6.83 8.26 -12.22
#